data_8ZBS
#
_entry.id   8ZBS
#
_cell.length_a   1.00
_cell.length_b   1.00
_cell.length_c   1.00
_cell.angle_alpha   90.00
_cell.angle_beta   90.00
_cell.angle_gamma   90.00
#
_symmetry.space_group_name_H-M   'P 1'
#
loop_
_entity.id
_entity.type
_entity.pdbx_description
1 polymer 'ATP-binding cassette sub-family C member 4'
2 non-polymer vincristine
3 non-polymer 'PHOSPHOAMINOPHOSPHONIC ACID-ADENYLATE ESTER'
4 non-polymer 'MAGNESIUM ION'
#
_entity_poly.entity_id   1
_entity_poly.type   'polypeptide(L)'
_entity_poly.pdbx_seq_one_letter_code
;MHHHHHHHHHHMLPVYQEVKPNPLQDANLCSRVFFWWLNPLFKIGHKRRLEEDDMYSVLPEDRSQHLGEELQGFWDKEVL
RAENDAQKPSLTRAIIKCYWKSYLVLGIFTLIEESAKVIQPIFLGKIINYFENYDPMDSVALNTAYAYATVLTFCTLILA
ILHHLYFYHVQCAGMRLRVAMCHMIYRKALRLSNMAMGKTTTGQIVNLLSNDVNKFDQVTVFLHFLWAGPLQAIAVTALL
WMEIGISCLAGMAVLIILLPLQSCFGKLFSSLRSKTATFTDARIRTMNEVITGIRIIKMYAWEKSFSNLITNLRKKEISK
ILRSSCLRGMNLASFFSASKIIVFVTFTTYVLLGSVITASRVFVAVTLYGAVRLTVTLFFPSAIERVSEAIVSIRRIQTF
LLLDEISQRNRQLPSDGKKMVHVQDFTAFWDKASETPTLQGLSFTVRPGELLAVVGPVGAGKSSLLSAVLGELAPSHGLV
SVHGRIAYVSQQPWVFSGTLRSNILFGKKYEKERYEKVIKACALKKDLQLLEDGDLTVIGDRGTTLSGGQKARVNLARAV
YQDADIYLLDDPLSAVDAEVSRHLFELCICQILHEKITILVTHQLQYLKAASQILILKDGKMVQKGTYTEFLKSGIDFGS
LLKKDNEESEQPPVPGTPTLRNRTFSESSVWSQQSSRPSLKDGALESQDTENVPVTLSEENRSEGKVGFQAYKNYFRAGA
HWIVFIFLILLNTAAQVAYVLQDWWLSYWANKQSMLNVTVNGGGNVTEKLDLNWYLGIYSGLTVATVLFGIARSLLVFYV
LVNSSQTLHNKMFESILKAPVLFFDRNPIGRILNRFSKDIGHLDDLLPLTFLDFIQTLLQVVGVVSVAVAVIPWIAIPLV
PLGIIFIFLRRYFLETSRDVKRLESTTRSPVFSHLSSSLQGLWTIRAYKAEERCQELFDAHQDLHSEAWFLFLTTSRWFA
VRLDAICAMFVIIVAFGSLILAKTLDAGQVGLALSYALTLMGMFQWCVRQSAEVENMMISVERVIEYTDLEKEAPWEYQK
RPPPAWPHEGVIIFDNVNFMYSPGGPLVLKHLTALIKSQEKVGIVGRTGAGKSSLISALFRLSEPEGKIWIDKILTTEIG
LHDLRKKMSIIPQEPVLFTGTMRKNLDPFNEHTDEELWNALQEVQLKETIEDLPGKMDTELAESGSNFSVGQRQLVCLAR
AILRKNQILIIDEATANVDPRTDELIQKKIREKFAHCTVLTIAHRLNTIIDSDKIMVLDSGRLKEYDEPYVLLQNKESLF
YKMVQQLGKAEAAALTETAKQVYFKRNYPHIGHTDHMVTNTSNGQPSTLTIFETALDYKDDDDK
;
_entity_poly.pdbx_strand_id   A
#
loop_
_chem_comp.id
_chem_comp.type
_chem_comp.name
_chem_comp.formula
ANP non-polymer 'PHOSPHOAMINOPHOSPHONIC ACID-ADENYLATE ESTER' 'C10 H17 N6 O12 P3'
MG non-polymer 'MAGNESIUM ION' 'Mg 2'
R1Q non-polymer vincristine 'C46 H56 N4 O10'
#
# COMPACT_ATOMS: atom_id res chain seq x y z
N LYS A 20 -29.30 -13.32 8.85
CA LYS A 20 -28.31 -13.04 9.88
C LYS A 20 -28.84 -12.03 10.88
N PRO A 21 -29.64 -12.49 11.85
CA PRO A 21 -30.24 -11.57 12.82
C PRO A 21 -29.18 -10.91 13.70
N ASN A 22 -29.50 -9.70 14.15
CA ASN A 22 -28.58 -8.92 14.97
C ASN A 22 -29.03 -8.95 16.43
N PRO A 23 -28.30 -9.61 17.33
CA PRO A 23 -28.73 -9.69 18.72
C PRO A 23 -28.82 -8.34 19.41
N LEU A 24 -28.13 -7.32 18.89
CA LEU A 24 -28.24 -5.98 19.47
C LEU A 24 -29.67 -5.47 19.40
N GLN A 25 -30.47 -5.96 18.45
CA GLN A 25 -31.86 -5.56 18.35
C GLN A 25 -32.71 -6.12 19.48
N ASP A 26 -32.19 -7.06 20.26
CA ASP A 26 -32.93 -7.74 21.31
C ASP A 26 -32.50 -7.29 22.70
N ALA A 27 -31.22 -6.99 22.89
CA ALA A 27 -30.66 -6.78 24.22
C ALA A 27 -31.33 -5.62 24.94
N ASN A 28 -31.41 -5.73 26.26
CA ASN A 28 -32.01 -4.71 27.11
C ASN A 28 -30.99 -3.58 27.33
N LEU A 29 -31.31 -2.66 28.24
CA LEU A 29 -30.33 -1.63 28.59
C LEU A 29 -29.21 -2.21 29.44
N CYS A 30 -29.54 -3.12 30.35
CA CYS A 30 -28.51 -3.73 31.18
C CYS A 30 -27.51 -4.53 30.35
N SER A 31 -28.01 -5.27 29.35
CA SER A 31 -27.12 -6.04 28.49
C SER A 31 -26.35 -5.14 27.53
N ARG A 32 -26.95 -4.03 27.10
CA ARG A 32 -26.26 -3.12 26.20
C ARG A 32 -25.20 -2.30 26.89
N VAL A 33 -25.33 -2.04 28.19
CA VAL A 33 -24.29 -1.32 28.91
C VAL A 33 -23.02 -2.15 28.99
N PHE A 34 -23.15 -3.45 29.29
CA PHE A 34 -22.00 -4.32 29.46
C PHE A 34 -21.64 -5.09 28.19
N PHE A 35 -22.34 -4.85 27.09
CA PHE A 35 -22.11 -5.57 25.83
C PHE A 35 -22.20 -7.09 26.03
N TRP A 36 -23.20 -7.51 26.80
CA TRP A 36 -23.38 -8.92 27.12
C TRP A 36 -23.85 -9.75 25.94
N TRP A 37 -24.21 -9.13 24.83
CA TRP A 37 -24.76 -9.84 23.67
C TRP A 37 -23.68 -10.30 22.69
N LEU A 38 -22.40 -10.08 22.98
CA LEU A 38 -21.31 -10.49 22.11
C LEU A 38 -20.65 -11.78 22.56
N ASN A 39 -21.12 -12.35 23.66
CA ASN A 39 -20.53 -13.59 24.18
C ASN A 39 -20.62 -14.76 23.21
N PRO A 40 -21.75 -15.02 22.53
CA PRO A 40 -21.74 -16.09 21.52
C PRO A 40 -20.72 -15.88 20.42
N LEU A 41 -20.56 -14.63 19.96
CA LEU A 41 -19.56 -14.35 18.92
C LEU A 41 -18.15 -14.64 19.43
N PHE A 42 -17.86 -14.22 20.66
CA PHE A 42 -16.53 -14.52 21.20
C PHE A 42 -16.32 -16.01 21.42
N LYS A 43 -17.38 -16.73 21.78
CA LYS A 43 -17.28 -18.19 21.92
C LYS A 43 -16.96 -18.83 20.58
N ILE A 44 -17.65 -18.41 19.52
CA ILE A 44 -17.38 -18.96 18.20
C ILE A 44 -15.96 -18.63 17.74
N GLY A 45 -15.52 -17.39 17.97
CA GLY A 45 -14.17 -17.00 17.60
C GLY A 45 -13.11 -17.74 18.37
N HIS A 46 -13.36 -18.05 19.65
CA HIS A 46 -12.43 -18.86 20.42
C HIS A 46 -12.41 -20.29 19.92
N LYS A 47 -13.56 -20.82 19.51
CA LYS A 47 -13.62 -22.21 19.05
C LYS A 47 -12.93 -22.39 17.71
N ARG A 48 -13.20 -21.51 16.75
CA ARG A 48 -12.70 -21.69 15.39
C ARG A 48 -12.48 -20.32 14.76
N ARG A 49 -12.27 -20.31 13.44
CA ARG A 49 -12.06 -19.08 12.71
C ARG A 49 -13.40 -18.44 12.34
N LEU A 50 -13.38 -17.12 12.20
CA LEU A 50 -14.57 -16.34 11.87
C LEU A 50 -14.57 -15.98 10.40
N GLU A 51 -15.66 -16.30 9.71
CA GLU A 51 -15.84 -15.98 8.31
C GLU A 51 -17.00 -15.00 8.15
N GLU A 52 -17.22 -14.56 6.90
CA GLU A 52 -18.25 -13.57 6.62
C GLU A 52 -19.65 -14.08 6.93
N ASP A 53 -19.83 -15.40 7.03
CA ASP A 53 -21.12 -15.94 7.40
C ASP A 53 -21.42 -15.80 8.89
N ASP A 54 -20.41 -15.53 9.70
CA ASP A 54 -20.59 -15.41 11.15
C ASP A 54 -20.84 -13.97 11.59
N MET A 55 -20.78 -13.00 10.69
CA MET A 55 -21.00 -11.61 11.06
C MET A 55 -22.49 -11.34 11.24
N TYR A 56 -22.78 -10.27 11.99
CA TYR A 56 -24.14 -9.85 12.28
C TYR A 56 -24.56 -8.76 11.32
N SER A 57 -25.70 -8.94 10.67
CA SER A 57 -26.19 -7.96 9.71
C SER A 57 -26.48 -6.63 10.40
N VAL A 58 -26.31 -5.54 9.66
CA VAL A 58 -26.43 -4.21 10.25
C VAL A 58 -27.88 -3.92 10.62
N LEU A 59 -28.05 -2.98 11.54
CA LEU A 59 -29.38 -2.56 11.96
C LEU A 59 -30.05 -1.77 10.82
N PRO A 60 -31.39 -1.79 10.77
CA PRO A 60 -32.08 -1.11 9.66
C PRO A 60 -31.77 0.38 9.58
N GLU A 61 -31.46 1.03 10.70
CA GLU A 61 -31.14 2.45 10.68
C GLU A 61 -29.73 2.72 10.16
N ASP A 62 -28.88 1.71 10.06
CA ASP A 62 -27.51 1.88 9.60
C ASP A 62 -27.31 1.44 8.16
N ARG A 63 -28.39 1.13 7.45
CA ARG A 63 -28.26 0.71 6.05
C ARG A 63 -27.81 1.88 5.19
N SER A 64 -27.01 1.57 4.17
CA SER A 64 -26.39 2.62 3.37
C SER A 64 -27.43 3.45 2.63
N GLN A 65 -28.47 2.80 2.08
CA GLN A 65 -29.45 3.52 1.28
C GLN A 65 -30.21 4.54 2.11
N HIS A 66 -30.60 4.18 3.33
CA HIS A 66 -31.37 5.08 4.17
C HIS A 66 -30.57 6.35 4.50
N LEU A 67 -29.36 6.18 5.01
CA LEU A 67 -28.53 7.33 5.35
C LEU A 67 -28.21 8.16 4.11
N GLY A 68 -27.88 7.50 3.00
CA GLY A 68 -27.56 8.22 1.78
C GLY A 68 -28.72 9.06 1.30
N GLU A 69 -29.93 8.49 1.31
CA GLU A 69 -31.10 9.23 0.84
C GLU A 69 -31.45 10.37 1.78
N GLU A 70 -31.33 10.16 3.09
CA GLU A 70 -31.61 11.24 4.04
C GLU A 70 -30.66 12.42 3.82
N LEU A 71 -29.36 12.14 3.77
CA LEU A 71 -28.39 13.21 3.57
C LEU A 71 -28.54 13.83 2.18
N GLN A 72 -28.90 13.04 1.18
CA GLN A 72 -29.12 13.58 -0.17
C GLN A 72 -30.30 14.54 -0.19
N GLY A 73 -31.39 14.19 0.49
CA GLY A 73 -32.53 15.10 0.56
C GLY A 73 -32.19 16.39 1.27
N PHE A 74 -31.47 16.29 2.40
CA PHE A 74 -31.07 17.50 3.11
C PHE A 74 -30.14 18.36 2.25
N TRP A 75 -29.22 17.72 1.53
CA TRP A 75 -28.28 18.46 0.69
C TRP A 75 -28.99 19.13 -0.48
N ASP A 76 -29.98 18.46 -1.07
CA ASP A 76 -30.75 19.09 -2.14
C ASP A 76 -31.56 20.27 -1.63
N LYS A 77 -32.15 20.14 -0.44
CA LYS A 77 -32.87 21.26 0.15
C LYS A 77 -31.94 22.45 0.39
N GLU A 78 -30.74 22.18 0.92
CA GLU A 78 -29.77 23.25 1.13
C GLU A 78 -29.35 23.88 -0.19
N VAL A 79 -29.15 23.07 -1.22
CA VAL A 79 -28.76 23.59 -2.52
C VAL A 79 -29.85 24.50 -3.08
N LEU A 80 -31.12 24.06 -2.98
CA LEU A 80 -32.22 24.88 -3.47
C LEU A 80 -32.30 26.21 -2.72
N ARG A 81 -32.18 26.17 -1.39
CA ARG A 81 -32.23 27.40 -0.61
C ARG A 81 -31.07 28.33 -0.97
N ALA A 82 -29.86 27.78 -1.11
CA ALA A 82 -28.70 28.59 -1.44
C ALA A 82 -28.83 29.21 -2.82
N GLU A 83 -29.33 28.45 -3.79
CA GLU A 83 -29.52 29.01 -5.13
C GLU A 83 -30.60 30.07 -5.14
N ASN A 84 -31.67 29.89 -4.33
CA ASN A 84 -32.69 30.93 -4.23
C ASN A 84 -32.12 32.21 -3.62
N ASP A 85 -31.27 32.08 -2.60
CA ASP A 85 -30.69 33.26 -1.96
C ASP A 85 -29.56 33.87 -2.79
N ALA A 86 -28.99 33.11 -3.72
CA ALA A 86 -27.85 33.50 -4.55
C ALA A 86 -26.55 33.64 -3.75
N GLN A 87 -26.21 32.61 -2.97
CA GLN A 87 -24.86 32.39 -2.46
C GLN A 87 -24.47 30.94 -2.71
N LYS A 88 -23.23 30.61 -2.35
CA LYS A 88 -22.76 29.23 -2.48
C LYS A 88 -23.43 28.34 -1.42
N PRO A 89 -23.65 27.07 -1.74
CA PRO A 89 -24.22 26.15 -0.76
C PRO A 89 -23.18 25.67 0.25
N SER A 90 -23.67 25.10 1.34
CA SER A 90 -22.81 24.69 2.45
C SER A 90 -23.12 23.24 2.82
N LEU A 91 -22.24 22.33 2.39
CA LEU A 91 -22.34 20.94 2.82
C LEU A 91 -22.20 20.82 4.33
N THR A 92 -21.38 21.67 4.95
CA THR A 92 -21.27 21.68 6.40
C THR A 92 -22.60 22.04 7.04
N ARG A 93 -23.29 23.05 6.49
CA ARG A 93 -24.61 23.42 7.01
C ARG A 93 -25.59 22.28 6.86
N ALA A 94 -25.57 21.59 5.71
CA ALA A 94 -26.47 20.46 5.52
C ALA A 94 -26.19 19.35 6.54
N ILE A 95 -24.92 19.02 6.75
CA ILE A 95 -24.56 17.96 7.70
C ILE A 95 -24.99 18.34 9.11
N ILE A 96 -24.77 19.60 9.49
CA ILE A 96 -25.16 20.06 10.83
C ILE A 96 -26.67 19.98 10.99
N LYS A 97 -27.41 20.49 10.00
CA LYS A 97 -28.87 20.45 10.06
C LYS A 97 -29.40 19.03 10.10
N CYS A 98 -28.63 18.08 9.57
CA CYS A 98 -29.07 16.68 9.61
C CYS A 98 -28.76 16.01 10.95
N TYR A 99 -27.60 16.30 11.54
CA TYR A 99 -27.10 15.48 12.65
C TYR A 99 -27.05 16.19 14.00
N TRP A 100 -27.46 17.46 14.11
CA TRP A 100 -27.34 18.16 15.39
C TRP A 100 -28.25 17.57 16.45
N LYS A 101 -29.48 17.19 16.07
CA LYS A 101 -30.42 16.64 17.04
C LYS A 101 -29.90 15.35 17.66
N SER A 102 -29.19 14.54 16.87
CA SER A 102 -28.62 13.31 17.39
C SER A 102 -27.28 13.52 18.07
N TYR A 103 -26.58 14.62 17.79
CA TYR A 103 -25.30 14.89 18.42
C TYR A 103 -25.41 15.82 19.62
N LEU A 104 -26.61 16.20 20.04
CA LEU A 104 -26.74 16.99 21.27
C LEU A 104 -26.74 16.11 22.52
N VAL A 105 -27.36 14.93 22.45
CA VAL A 105 -27.45 14.06 23.63
C VAL A 105 -26.07 13.59 24.06
N LEU A 106 -25.20 13.27 23.10
CA LEU A 106 -23.83 12.94 23.42
C LEU A 106 -23.13 14.12 24.10
N GLY A 107 -23.49 15.34 23.73
CA GLY A 107 -22.97 16.51 24.42
C GLY A 107 -23.42 16.58 25.87
N ILE A 108 -24.69 16.24 26.12
CA ILE A 108 -25.17 16.17 27.50
C ILE A 108 -24.34 15.16 28.29
N PHE A 109 -24.12 13.98 27.71
CA PHE A 109 -23.40 12.96 28.46
C PHE A 109 -21.94 13.31 28.68
N THR A 110 -21.26 13.92 27.70
CA THR A 110 -19.88 14.31 27.95
C THR A 110 -19.81 15.44 28.97
N LEU A 111 -20.82 16.31 29.01
CA LEU A 111 -20.89 17.29 30.08
C LEU A 111 -20.95 16.61 31.44
N ILE A 112 -21.80 15.58 31.56
CA ILE A 112 -21.90 14.84 32.82
C ILE A 112 -20.57 14.18 33.17
N GLU A 113 -19.92 13.57 32.18
CA GLU A 113 -18.66 12.87 32.42
C GLU A 113 -17.56 13.83 32.88
N GLU A 114 -17.44 14.99 32.23
CA GLU A 114 -16.44 15.96 32.63
C GLU A 114 -16.74 16.53 34.01
N SER A 115 -18.03 16.72 34.32
CA SER A 115 -18.40 17.18 35.66
C SER A 115 -17.96 16.18 36.72
N ALA A 116 -18.17 14.88 36.46
CA ALA A 116 -17.73 13.86 37.42
C ALA A 116 -16.22 13.85 37.56
N LYS A 117 -15.49 13.97 36.43
CA LYS A 117 -14.04 14.02 36.47
C LYS A 117 -13.55 15.17 37.34
N VAL A 118 -14.16 16.35 37.18
CA VAL A 118 -13.78 17.49 38.00
C VAL A 118 -14.16 17.26 39.46
N ILE A 119 -15.30 16.62 39.69
CA ILE A 119 -15.85 16.53 41.04
C ILE A 119 -15.04 15.61 41.94
N GLN A 120 -14.64 14.44 41.44
CA GLN A 120 -14.13 13.39 42.34
C GLN A 120 -12.91 13.78 43.18
N PRO A 121 -11.98 14.65 42.75
CA PRO A 121 -10.90 15.05 43.66
C PRO A 121 -11.39 15.70 44.94
N ILE A 122 -12.54 16.37 44.91
CA ILE A 122 -13.08 16.98 46.13
C ILE A 122 -13.38 15.92 47.17
N PHE A 123 -13.98 14.80 46.76
CA PHE A 123 -14.27 13.74 47.71
C PHE A 123 -13.01 13.01 48.15
N LEU A 124 -12.02 12.87 47.25
CA LEU A 124 -10.72 12.37 47.68
C LEU A 124 -10.14 13.23 48.81
N GLY A 125 -10.18 14.55 48.61
CA GLY A 125 -9.72 15.45 49.65
C GLY A 125 -10.53 15.38 50.92
N LYS A 126 -11.83 15.13 50.80
CA LYS A 126 -12.67 14.96 51.99
C LYS A 126 -12.25 13.72 52.79
N ILE A 127 -11.93 12.62 52.10
CA ILE A 127 -11.45 11.44 52.80
C ILE A 127 -10.13 11.74 53.51
N ILE A 128 -9.21 12.41 52.82
CA ILE A 128 -7.93 12.75 53.45
C ILE A 128 -8.15 13.67 54.65
N ASN A 129 -9.10 14.61 54.53
CA ASN A 129 -9.39 15.53 55.62
C ASN A 129 -9.95 14.79 56.83
N TYR A 130 -10.78 13.76 56.58
CA TYR A 130 -11.18 12.90 57.69
C TYR A 130 -9.98 12.25 58.34
N PHE A 131 -9.04 11.76 57.52
CA PHE A 131 -7.87 11.09 58.09
C PHE A 131 -6.99 12.03 58.91
N GLU A 132 -6.94 13.32 58.55
CA GLU A 132 -6.08 14.23 59.30
C GLU A 132 -6.60 14.53 60.69
N ASN A 133 -7.92 14.52 60.89
CA ASN A 133 -8.49 14.84 62.19
C ASN A 133 -9.02 13.58 62.86
N TYR A 134 -8.25 12.49 62.75
CA TYR A 134 -8.71 11.19 63.23
C TYR A 134 -8.98 11.19 64.73
N ASP A 135 -10.09 10.57 65.11
CA ASP A 135 -10.47 10.32 66.49
C ASP A 135 -11.07 8.92 66.57
N PRO A 136 -10.37 7.96 67.18
CA PRO A 136 -10.83 6.56 67.11
C PRO A 136 -12.20 6.32 67.70
N MET A 137 -12.62 7.10 68.70
CA MET A 137 -13.92 6.89 69.33
C MET A 137 -15.08 7.48 68.56
N ASP A 138 -14.84 8.50 67.73
CA ASP A 138 -15.92 9.13 66.99
C ASP A 138 -16.42 8.21 65.87
N SER A 139 -17.74 8.21 65.66
CA SER A 139 -18.37 7.37 64.65
C SER A 139 -19.06 8.15 63.55
N VAL A 140 -19.54 9.36 63.84
CA VAL A 140 -20.18 10.17 62.81
C VAL A 140 -19.18 10.51 61.71
N ALA A 141 -17.94 10.83 62.09
CA ALA A 141 -16.91 11.09 61.09
C ALA A 141 -16.65 9.86 60.24
N LEU A 142 -16.63 8.68 60.86
CA LEU A 142 -16.44 7.44 60.11
C LEU A 142 -17.57 7.21 59.11
N ASN A 143 -18.82 7.46 59.54
CA ASN A 143 -19.95 7.29 58.63
C ASN A 143 -19.87 8.28 57.48
N THR A 144 -19.52 9.53 57.75
CA THR A 144 -19.39 10.51 56.67
C THR A 144 -18.28 10.12 55.72
N ALA A 145 -17.16 9.61 56.24
CA ALA A 145 -16.06 9.18 55.38
C ALA A 145 -16.49 8.01 54.50
N TYR A 146 -17.26 7.07 55.06
CA TYR A 146 -17.78 5.97 54.25
C TYR A 146 -18.71 6.48 53.16
N ALA A 147 -19.54 7.48 53.48
CA ALA A 147 -20.42 8.06 52.47
C ALA A 147 -19.62 8.72 51.35
N TYR A 148 -18.57 9.46 51.71
CA TYR A 148 -17.74 10.09 50.69
C TYR A 148 -17.03 9.04 49.83
N ALA A 149 -16.57 7.95 50.44
CA ALA A 149 -15.98 6.87 49.68
C ALA A 149 -16.99 6.26 48.72
N THR A 150 -18.25 6.10 49.17
CA THR A 150 -19.29 5.59 48.29
C THR A 150 -19.52 6.50 47.11
N VAL A 151 -19.54 7.82 47.34
CA VAL A 151 -19.71 8.76 46.25
C VAL A 151 -18.53 8.69 45.28
N LEU A 152 -17.32 8.53 45.81
CA LEU A 152 -16.15 8.38 44.95
C LEU A 152 -16.26 7.12 44.08
N THR A 153 -16.73 6.02 44.67
CA THR A 153 -16.93 4.80 43.88
C THR A 153 -18.00 5.00 42.83
N PHE A 154 -19.05 5.76 43.14
CA PHE A 154 -20.07 6.07 42.14
C PHE A 154 -19.47 6.85 40.97
N CYS A 155 -18.63 7.84 41.28
CA CYS A 155 -17.98 8.59 40.21
C CYS A 155 -17.08 7.70 39.36
N THR A 156 -16.33 6.80 40.00
CA THR A 156 -15.47 5.90 39.24
C THR A 156 -16.29 4.96 38.35
N LEU A 157 -17.42 4.47 38.87
CA LEU A 157 -18.28 3.62 38.06
C LEU A 157 -18.86 4.38 36.88
N ILE A 158 -19.25 5.64 37.08
CA ILE A 158 -19.75 6.46 35.99
C ILE A 158 -18.67 6.63 34.93
N LEU A 159 -17.43 6.88 35.35
CA LEU A 159 -16.34 7.05 34.40
C LEU A 159 -15.89 5.75 33.75
N ALA A 160 -16.22 4.59 34.34
CA ALA A 160 -15.70 3.31 33.88
C ALA A 160 -16.67 2.47 33.09
N ILE A 161 -17.98 2.62 33.30
CA ILE A 161 -18.97 1.70 32.76
C ILE A 161 -19.76 2.33 31.60
N LEU A 162 -20.44 3.45 31.85
CA LEU A 162 -21.30 4.05 30.84
C LEU A 162 -20.51 4.72 29.73
N HIS A 163 -19.26 5.11 30.00
CA HIS A 163 -18.45 5.78 29.00
C HIS A 163 -18.26 4.93 27.76
N HIS A 164 -18.29 3.61 27.90
CA HIS A 164 -18.04 2.75 26.75
C HIS A 164 -19.23 2.74 25.79
N LEU A 165 -20.45 2.68 26.32
CA LEU A 165 -21.62 2.82 25.46
C LEU A 165 -21.67 4.20 24.82
N TYR A 166 -21.33 5.24 25.61
CA TYR A 166 -21.30 6.59 25.04
C TYR A 166 -20.29 6.68 23.91
N PHE A 167 -19.11 6.08 24.08
CA PHE A 167 -18.07 6.11 23.05
C PHE A 167 -18.49 5.33 21.82
N TYR A 168 -19.17 4.20 22.01
CA TYR A 168 -19.65 3.44 20.87
C TYR A 168 -20.63 4.26 20.04
N HIS A 169 -21.56 4.95 20.72
CA HIS A 169 -22.50 5.79 19.98
C HIS A 169 -21.79 6.95 19.29
N VAL A 170 -20.79 7.53 19.95
CA VAL A 170 -20.02 8.62 19.36
C VAL A 170 -19.35 8.17 18.06
N GLN A 171 -18.79 6.96 18.06
CA GLN A 171 -18.16 6.45 16.85
C GLN A 171 -19.18 6.02 15.80
N CYS A 172 -20.35 5.55 16.24
CA CYS A 172 -21.40 5.18 15.30
C CYS A 172 -21.88 6.38 14.52
N ALA A 173 -21.92 7.55 15.16
CA ALA A 173 -22.31 8.77 14.43
C ALA A 173 -21.37 9.04 13.26
N GLY A 174 -20.07 8.94 13.51
CA GLY A 174 -19.10 9.14 12.43
C GLY A 174 -19.20 8.09 11.35
N MET A 175 -19.45 6.83 11.74
CA MET A 175 -19.64 5.79 10.75
C MET A 175 -20.84 6.09 9.85
N ARG A 176 -21.94 6.56 10.45
CA ARG A 176 -23.11 6.93 9.67
C ARG A 176 -22.80 8.06 8.70
N LEU A 177 -22.07 9.08 9.19
CA LEU A 177 -21.71 10.19 8.32
C LEU A 177 -20.88 9.72 7.13
N ARG A 178 -19.89 8.86 7.39
CA ARG A 178 -19.02 8.38 6.32
C ARG A 178 -19.80 7.55 5.31
N VAL A 179 -20.70 6.69 5.78
CA VAL A 179 -21.48 5.85 4.86
C VAL A 179 -22.37 6.71 3.98
N ALA A 180 -23.05 7.70 4.58
CA ALA A 180 -23.90 8.59 3.78
C ALA A 180 -23.08 9.36 2.77
N MET A 181 -21.90 9.83 3.16
CA MET A 181 -21.04 10.55 2.24
C MET A 181 -20.64 9.68 1.06
N CYS A 182 -20.26 8.43 1.32
CA CYS A 182 -19.86 7.53 0.24
C CYS A 182 -21.02 7.27 -0.70
N HIS A 183 -22.22 7.04 -0.16
CA HIS A 183 -23.39 6.80 -1.01
C HIS A 183 -23.67 8.01 -1.91
N MET A 184 -23.62 9.22 -1.33
CA MET A 184 -23.86 10.41 -2.12
C MET A 184 -22.80 10.57 -3.21
N ILE A 185 -21.54 10.30 -2.87
CA ILE A 185 -20.46 10.46 -3.84
C ILE A 185 -20.65 9.52 -5.02
N TYR A 186 -20.98 8.25 -4.73
CA TYR A 186 -21.17 7.30 -5.83
C TYR A 186 -22.38 7.69 -6.67
N ARG A 187 -23.47 8.12 -6.03
CA ARG A 187 -24.64 8.53 -6.79
C ARG A 187 -24.33 9.70 -7.71
N LYS A 188 -23.50 10.64 -7.24
CA LYS A 188 -23.09 11.74 -8.11
C LYS A 188 -22.18 11.25 -9.24
N ALA A 189 -21.21 10.39 -8.91
CA ALA A 189 -20.25 9.93 -9.90
C ALA A 189 -20.91 9.11 -11.00
N LEU A 190 -22.05 8.49 -10.70
CA LEU A 190 -22.73 7.70 -11.73
C LEU A 190 -23.36 8.56 -12.82
N ARG A 191 -23.41 9.88 -12.66
CA ARG A 191 -24.08 10.75 -13.63
C ARG A 191 -23.23 11.96 -13.96
N LEU A 192 -21.91 11.78 -14.04
CA LEU A 192 -21.02 12.87 -14.40
C LEU A 192 -21.03 13.08 -15.91
N SER A 193 -20.98 14.34 -16.34
CA SER A 193 -20.96 14.65 -17.75
C SER A 193 -19.60 14.31 -18.36
N ASN A 194 -19.56 14.31 -19.70
CA ASN A 194 -18.33 13.96 -20.39
C ASN A 194 -17.21 14.96 -20.09
N MET A 195 -17.54 16.25 -20.10
CA MET A 195 -16.52 17.27 -19.84
C MET A 195 -16.02 17.20 -18.40
N ALA A 196 -16.92 16.97 -17.45
CA ALA A 196 -16.50 16.83 -16.05
C ALA A 196 -15.62 15.60 -15.86
N MET A 197 -16.00 14.48 -16.51
CA MET A 197 -15.18 13.27 -16.43
C MET A 197 -13.83 13.47 -17.09
N GLY A 198 -13.76 14.29 -18.14
CA GLY A 198 -12.48 14.64 -18.71
C GLY A 198 -11.63 15.48 -17.76
N LYS A 199 -12.27 16.40 -17.03
CA LYS A 199 -11.53 17.15 -16.01
C LYS A 199 -10.96 16.22 -14.95
N THR A 200 -11.80 15.36 -14.38
CA THR A 200 -11.37 14.52 -13.27
C THR A 200 -10.76 13.21 -13.79
N THR A 201 -10.32 12.37 -12.85
CA THR A 201 -9.78 11.06 -13.16
C THR A 201 -10.42 10.03 -12.22
N THR A 202 -10.29 8.76 -12.60
CA THR A 202 -10.77 7.69 -11.72
C THR A 202 -10.01 7.66 -10.41
N GLY A 203 -8.70 7.92 -10.46
CA GLY A 203 -7.89 7.91 -9.26
C GLY A 203 -8.35 8.92 -8.22
N GLN A 204 -8.75 10.12 -8.66
CA GLN A 204 -9.22 11.13 -7.72
C GLN A 204 -10.50 10.68 -7.03
N ILE A 205 -11.44 10.09 -7.78
CA ILE A 205 -12.70 9.66 -7.19
C ILE A 205 -12.48 8.50 -6.22
N VAL A 206 -11.59 7.57 -6.57
CA VAL A 206 -11.27 6.50 -5.63
C VAL A 206 -10.54 7.04 -4.41
N ASN A 207 -9.69 8.07 -4.60
CA ASN A 207 -8.96 8.65 -3.48
C ASN A 207 -9.90 9.33 -2.49
N LEU A 208 -10.89 10.07 -3.00
CA LEU A 208 -11.81 10.74 -2.09
C LEU A 208 -12.83 9.81 -1.47
N LEU A 209 -12.68 8.49 -1.67
CA LEU A 209 -13.36 7.48 -0.89
C LEU A 209 -12.43 6.69 0.01
N SER A 210 -11.18 6.50 -0.41
CA SER A 210 -10.23 5.73 0.38
C SER A 210 -9.52 6.55 1.45
N ASN A 211 -9.36 7.85 1.24
CA ASN A 211 -8.61 8.67 2.19
C ASN A 211 -9.37 9.90 2.67
N ASP A 212 -10.16 10.55 1.80
CA ASP A 212 -10.80 11.81 2.13
C ASP A 212 -12.15 11.64 2.82
N VAL A 213 -12.64 10.42 2.97
CA VAL A 213 -13.89 10.17 3.68
C VAL A 213 -13.68 9.50 5.03
N ASN A 214 -12.46 9.04 5.33
CA ASN A 214 -12.16 8.39 6.60
C ASN A 214 -11.93 9.38 7.73
N LYS A 215 -11.86 10.67 7.43
CA LYS A 215 -11.72 11.68 8.49
C LYS A 215 -12.99 11.81 9.32
N PHE A 216 -14.14 11.42 8.77
CA PHE A 216 -15.39 11.48 9.50
C PHE A 216 -15.46 10.43 10.60
N ASP A 217 -14.68 9.36 10.49
CA ASP A 217 -14.61 8.37 11.57
C ASP A 217 -13.94 8.95 12.80
N GLN A 218 -13.04 9.90 12.63
CA GLN A 218 -12.25 10.45 13.73
C GLN A 218 -12.72 11.83 14.19
N VAL A 219 -13.46 12.57 13.34
CA VAL A 219 -13.86 13.92 13.73
C VAL A 219 -14.80 13.89 14.93
N THR A 220 -15.74 12.94 14.96
CA THR A 220 -16.79 12.95 15.97
C THR A 220 -16.30 12.54 17.35
N VAL A 221 -15.16 11.84 17.43
CA VAL A 221 -14.65 11.43 18.74
C VAL A 221 -14.25 12.65 19.58
N PHE A 222 -13.56 13.61 18.97
CA PHE A 222 -13.04 14.77 19.67
C PHE A 222 -13.86 16.04 19.42
N LEU A 223 -15.00 15.92 18.72
CA LEU A 223 -15.74 17.11 18.35
C LEU A 223 -16.29 17.85 19.56
N HIS A 224 -16.74 17.11 20.57
CA HIS A 224 -17.38 17.73 21.73
C HIS A 224 -16.39 18.35 22.70
N PHE A 225 -15.09 18.18 22.49
CA PHE A 225 -14.11 18.78 23.40
C PHE A 225 -13.87 20.25 23.12
N LEU A 226 -14.29 20.76 21.96
CA LEU A 226 -14.09 22.16 21.64
C LEU A 226 -14.79 23.09 22.62
N TRP A 227 -15.84 22.62 23.29
CA TRP A 227 -16.51 23.38 24.33
C TRP A 227 -16.33 22.80 25.72
N ALA A 228 -15.89 21.55 25.83
CA ALA A 228 -15.69 20.90 27.12
C ALA A 228 -14.24 20.98 27.60
N GLY A 229 -13.35 21.56 26.81
CA GLY A 229 -11.97 21.72 27.23
C GLY A 229 -11.76 22.98 28.03
N PRO A 230 -12.07 24.14 27.44
CA PRO A 230 -11.98 25.39 28.20
C PRO A 230 -12.89 25.43 29.42
N LEU A 231 -14.07 24.81 29.35
CA LEU A 231 -14.96 24.78 30.51
C LEU A 231 -14.33 24.00 31.66
N GLN A 232 -13.77 22.83 31.36
CA GLN A 232 -13.10 22.04 32.38
C GLN A 232 -11.89 22.76 32.94
N ALA A 233 -11.12 23.42 32.06
CA ALA A 233 -9.97 24.19 32.53
C ALA A 233 -10.38 25.30 33.48
N ILE A 234 -11.46 26.03 33.14
CA ILE A 234 -11.94 27.10 34.00
C ILE A 234 -12.42 26.56 35.34
N ALA A 235 -13.17 25.46 35.32
CA ALA A 235 -13.66 24.88 36.57
C ALA A 235 -12.50 24.40 37.43
N VAL A 236 -11.50 23.76 36.83
CA VAL A 236 -10.35 23.27 37.58
C VAL A 236 -9.57 24.43 38.17
N THR A 237 -9.40 25.52 37.41
CA THR A 237 -8.70 26.68 37.93
C THR A 237 -9.45 27.30 39.11
N ALA A 238 -10.78 27.37 39.01
CA ALA A 238 -11.56 27.90 40.13
C ALA A 238 -11.44 27.02 41.36
N LEU A 239 -11.49 25.69 41.18
CA LEU A 239 -11.33 24.78 42.32
C LEU A 239 -9.95 24.90 42.93
N LEU A 240 -8.91 25.01 42.09
CA LEU A 240 -7.56 25.15 42.61
C LEU A 240 -7.38 26.45 43.39
N TRP A 241 -7.96 27.54 42.90
CA TRP A 241 -7.91 28.79 43.64
C TRP A 241 -8.64 28.67 44.97
N MET A 242 -9.81 28.01 44.97
CA MET A 242 -10.55 27.82 46.22
C MET A 242 -9.78 26.94 47.20
N GLU A 243 -8.94 26.03 46.69
CA GLU A 243 -8.26 25.07 47.56
C GLU A 243 -6.92 25.60 48.07
N ILE A 244 -5.99 25.92 47.18
CA ILE A 244 -4.62 26.23 47.57
C ILE A 244 -4.27 27.71 47.42
N GLY A 245 -5.12 28.51 46.78
CA GLY A 245 -4.87 29.93 46.70
C GLY A 245 -4.19 30.36 45.40
N ILE A 246 -3.51 31.50 45.49
CA ILE A 246 -2.91 32.14 44.32
C ILE A 246 -1.73 31.35 43.75
N SER A 247 -1.20 30.38 44.48
CA SER A 247 -0.04 29.63 44.01
C SER A 247 -0.36 28.78 42.79
N CYS A 248 -1.63 28.52 42.51
CA CYS A 248 -2.00 27.71 41.35
C CYS A 248 -1.65 28.38 40.03
N LEU A 249 -1.43 29.70 40.03
CA LEU A 249 -1.15 30.39 38.79
C LEU A 249 0.19 29.99 38.19
N ALA A 250 1.17 29.63 39.02
CA ALA A 250 2.45 29.18 38.48
C ALA A 250 2.30 27.87 37.71
N GLY A 251 1.59 26.90 38.31
CA GLY A 251 1.33 25.66 37.61
C GLY A 251 0.49 25.87 36.36
N MET A 252 -0.49 26.77 36.43
CA MET A 252 -1.29 27.08 35.25
C MET A 252 -0.44 27.69 34.14
N ALA A 253 0.49 28.57 34.50
CA ALA A 253 1.38 29.17 33.51
C ALA A 253 2.29 28.13 32.87
N VAL A 254 2.83 27.21 33.67
CA VAL A 254 3.67 26.15 33.10
C VAL A 254 2.84 25.27 32.17
N LEU A 255 1.62 24.94 32.58
CA LEU A 255 0.75 24.13 31.73
C LEU A 255 0.42 24.82 30.42
N ILE A 256 0.20 26.14 30.46
CA ILE A 256 -0.06 26.90 29.25
C ILE A 256 1.18 26.92 28.36
N ILE A 257 2.35 27.12 28.95
CA ILE A 257 3.59 27.15 28.18
C ILE A 257 3.86 25.78 27.55
N LEU A 258 3.32 24.72 28.12
CA LEU A 258 3.54 23.39 27.57
C LEU A 258 3.05 23.24 26.13
N LEU A 259 2.11 24.07 25.68
CA LEU A 259 1.52 23.91 24.34
C LEU A 259 2.44 24.42 23.23
N PRO A 260 2.97 25.65 23.29
CA PRO A 260 3.89 26.08 22.23
C PRO A 260 5.11 25.21 22.09
N LEU A 261 5.58 24.59 23.17
CA LEU A 261 6.70 23.65 23.07
C LEU A 261 6.32 22.46 22.20
N GLN A 262 5.10 21.92 22.40
CA GLN A 262 4.62 20.83 21.57
C GLN A 262 4.49 21.28 20.11
N SER A 263 4.00 22.50 19.89
CA SER A 263 3.87 23.01 18.54
C SER A 263 5.23 23.10 17.84
N CYS A 264 6.23 23.62 18.55
CA CYS A 264 7.57 23.73 17.98
C CYS A 264 8.17 22.36 17.71
N PHE A 265 7.98 21.41 18.63
CA PHE A 265 8.49 20.06 18.43
C PHE A 265 7.88 19.43 17.18
N GLY A 266 6.54 19.53 17.05
CA GLY A 266 5.88 19.00 15.88
C GLY A 266 6.23 19.69 14.58
N LYS A 267 6.53 20.99 14.64
CA LYS A 267 6.95 21.70 13.44
C LYS A 267 8.34 21.29 12.99
N LEU A 268 9.27 21.11 13.94
CA LEU A 268 10.62 20.69 13.56
C LEU A 268 10.65 19.23 13.12
N PHE A 269 9.84 18.38 13.76
CA PHE A 269 9.84 16.96 13.43
C PHE A 269 9.37 16.70 12.00
N SER A 270 8.38 17.46 11.54
CA SER A 270 7.89 17.28 10.18
C SER A 270 8.97 17.62 9.16
N SER A 271 9.70 18.71 9.37
CA SER A 271 10.78 19.08 8.46
C SER A 271 11.88 18.03 8.47
N LEU A 272 12.29 17.59 9.66
CA LEU A 272 13.35 16.58 9.74
C LEU A 272 12.91 15.24 9.13
N ARG A 273 11.61 14.93 9.18
CA ARG A 273 11.10 13.72 8.55
C ARG A 273 11.05 13.84 7.03
N SER A 274 10.58 14.97 6.52
CA SER A 274 10.51 15.18 5.08
C SER A 274 11.89 15.34 4.45
N LYS A 275 12.91 15.65 5.25
CA LYS A 275 14.26 15.72 4.72
C LYS A 275 14.89 14.35 4.54
N THR A 276 14.22 13.27 4.98
CA THR A 276 14.78 11.92 4.89
C THR A 276 14.20 11.11 3.73
N ALA A 277 13.01 11.48 3.24
CA ALA A 277 12.44 10.75 2.10
C ALA A 277 13.30 10.88 0.85
N THR A 278 13.99 12.01 0.69
CA THR A 278 14.83 12.21 -0.48
C THR A 278 15.99 11.22 -0.53
N PHE A 279 16.36 10.62 0.60
CA PHE A 279 17.34 9.55 0.64
C PHE A 279 16.70 8.17 0.64
N THR A 280 15.59 8.02 1.36
CA THR A 280 14.91 6.72 1.41
C THR A 280 14.43 6.28 0.03
N ASP A 281 13.82 7.20 -0.73
CA ASP A 281 13.31 6.86 -2.05
C ASP A 281 14.44 6.53 -3.02
N ALA A 282 15.55 7.26 -2.95
CA ALA A 282 16.70 6.95 -3.79
C ALA A 282 17.26 5.58 -3.46
N ARG A 283 17.37 5.26 -2.17
CA ARG A 283 17.84 3.94 -1.77
C ARG A 283 16.92 2.84 -2.29
N ILE A 284 15.60 3.06 -2.19
CA ILE A 284 14.64 2.05 -2.65
C ILE A 284 14.72 1.89 -4.16
N ARG A 285 14.90 2.99 -4.90
CA ARG A 285 15.02 2.90 -6.35
C ARG A 285 16.26 2.14 -6.75
N THR A 286 17.40 2.42 -6.10
CA THR A 286 18.62 1.67 -6.40
C THR A 286 18.47 0.20 -6.04
N MET A 287 17.78 -0.09 -4.93
CA MET A 287 17.53 -1.48 -4.55
C MET A 287 16.67 -2.19 -5.59
N ASN A 288 15.64 -1.52 -6.10
CA ASN A 288 14.81 -2.10 -7.14
C ASN A 288 15.61 -2.38 -8.40
N GLU A 289 16.48 -1.44 -8.79
CA GLU A 289 17.34 -1.66 -9.95
C GLU A 289 18.25 -2.85 -9.74
N VAL A 290 18.84 -2.97 -8.55
CA VAL A 290 19.75 -4.08 -8.25
C VAL A 290 19.00 -5.40 -8.33
N ILE A 291 17.82 -5.46 -7.71
CA ILE A 291 17.05 -6.70 -7.68
C ILE A 291 16.62 -7.10 -9.08
N THR A 292 16.17 -6.13 -9.88
CA THR A 292 15.71 -6.43 -11.23
C THR A 292 16.86 -6.92 -12.10
N GLY A 293 18.01 -6.25 -12.04
CA GLY A 293 19.12 -6.63 -12.91
C GLY A 293 20.20 -7.43 -12.21
N ILE A 294 19.82 -8.36 -11.33
CA ILE A 294 20.80 -9.07 -10.53
C ILE A 294 21.66 -10.01 -11.38
N ARG A 295 21.07 -10.63 -12.40
CA ARG A 295 21.84 -11.55 -13.24
C ARG A 295 22.96 -10.81 -13.98
N ILE A 296 22.64 -9.65 -14.54
CA ILE A 296 23.64 -8.87 -15.25
C ILE A 296 24.74 -8.40 -14.31
N ILE A 297 24.37 -7.97 -13.10
CA ILE A 297 25.36 -7.55 -12.11
C ILE A 297 26.27 -8.71 -11.75
N LYS A 298 25.69 -9.89 -11.53
CA LYS A 298 26.51 -11.05 -11.16
C LYS A 298 27.45 -11.45 -12.29
N MET A 299 26.99 -11.39 -13.54
CA MET A 299 27.87 -11.68 -14.66
C MET A 299 28.97 -10.63 -14.76
N TYR A 300 28.66 -9.36 -14.53
CA TYR A 300 29.64 -8.29 -14.63
C TYR A 300 30.47 -8.12 -13.35
N ALA A 301 29.99 -8.63 -12.22
CA ALA A 301 30.65 -8.48 -10.92
C ALA A 301 30.77 -7.01 -10.53
N TRP A 302 29.62 -6.36 -10.39
CA TRP A 302 29.52 -4.97 -9.96
C TRP A 302 28.87 -4.85 -8.59
N GLU A 303 28.76 -5.96 -7.87
CA GLU A 303 28.12 -5.95 -6.55
C GLU A 303 28.85 -5.02 -5.58
N LYS A 304 30.17 -4.90 -5.70
CA LYS A 304 30.91 -4.01 -4.81
C LYS A 304 30.53 -2.56 -5.05
N SER A 305 30.41 -2.14 -6.31
CA SER A 305 30.00 -0.77 -6.60
C SER A 305 28.58 -0.50 -6.11
N PHE A 306 27.66 -1.43 -6.36
CA PHE A 306 26.29 -1.20 -5.89
C PHE A 306 26.22 -1.21 -4.36
N SER A 307 27.06 -2.02 -3.72
CA SER A 307 27.13 -2.03 -2.26
C SER A 307 27.63 -0.68 -1.73
N ASN A 308 28.64 -0.11 -2.39
CA ASN A 308 29.12 1.21 -1.97
C ASN A 308 28.02 2.25 -2.09
N LEU A 309 27.29 2.23 -3.21
CA LEU A 309 26.21 3.20 -3.40
C LEU A 309 25.13 3.05 -2.33
N ILE A 310 24.70 1.82 -2.08
CA ILE A 310 23.64 1.59 -1.10
C ILE A 310 24.12 1.95 0.30
N THR A 311 25.39 1.67 0.62
CA THR A 311 25.92 2.02 1.93
C THR A 311 25.92 3.52 2.13
N ASN A 312 26.35 4.28 1.12
CA ASN A 312 26.35 5.73 1.24
C ASN A 312 24.94 6.26 1.46
N LEU A 313 23.98 5.78 0.67
CA LEU A 313 22.60 6.24 0.82
C LEU A 313 22.04 5.88 2.19
N ARG A 314 22.34 4.67 2.67
CA ARG A 314 21.84 4.24 3.97
C ARG A 314 22.40 5.08 5.10
N LYS A 315 23.70 5.40 5.04
CA LYS A 315 24.29 6.25 6.07
C LYS A 315 23.66 7.64 6.06
N LYS A 316 23.47 8.21 4.86
CA LYS A 316 22.87 9.54 4.78
C LYS A 316 21.45 9.54 5.34
N GLU A 317 20.68 8.48 5.09
CA GLU A 317 19.34 8.41 5.66
C GLU A 317 19.38 8.18 7.17
N ILE A 318 20.33 7.38 7.64
CA ILE A 318 20.40 7.02 9.05
C ILE A 318 20.73 8.22 9.91
N SER A 319 21.55 9.16 9.39
CA SER A 319 21.83 10.36 10.17
C SER A 319 20.55 11.13 10.51
N LYS A 320 19.71 11.37 9.50
CA LYS A 320 18.46 12.08 9.72
C LYS A 320 17.51 11.28 10.60
N ILE A 321 17.51 9.95 10.43
CA ILE A 321 16.69 9.11 11.30
C ILE A 321 17.10 9.28 12.76
N LEU A 322 18.41 9.31 13.02
CA LEU A 322 18.92 9.52 14.37
C LEU A 322 18.47 10.87 14.92
N ARG A 323 18.57 11.92 14.11
CA ARG A 323 18.16 13.25 14.60
C ARG A 323 16.67 13.27 14.97
N SER A 324 15.82 12.71 14.10
CA SER A 324 14.40 12.67 14.38
C SER A 324 14.09 11.83 15.62
N SER A 325 14.80 10.72 15.79
CA SER A 325 14.59 9.88 16.98
C SER A 325 14.98 10.64 18.25
N CYS A 326 16.07 11.40 18.20
CA CYS A 326 16.45 12.21 19.36
C CYS A 326 15.37 13.22 19.69
N LEU A 327 14.81 13.88 18.66
CA LEU A 327 13.73 14.84 18.92
C LEU A 327 12.53 14.17 19.57
N ARG A 328 12.12 13.01 19.06
CA ARG A 328 10.97 12.31 19.62
C ARG A 328 11.23 11.85 21.05
N GLY A 329 12.45 11.38 21.33
CA GLY A 329 12.79 11.00 22.70
C GLY A 329 12.74 12.17 23.65
N MET A 330 13.22 13.34 23.21
CA MET A 330 13.10 14.53 24.04
C MET A 330 11.65 14.89 24.29
N ASN A 331 10.79 14.75 23.27
CA ASN A 331 9.37 15.03 23.47
C ASN A 331 8.76 14.09 24.52
N LEU A 332 9.08 12.80 24.43
CA LEU A 332 8.53 11.85 25.40
C LEU A 332 9.03 12.13 26.81
N ALA A 333 10.32 12.47 26.95
CA ALA A 333 10.83 12.83 28.27
C ALA A 333 10.16 14.07 28.81
N SER A 334 9.88 15.05 27.94
CA SER A 334 9.17 16.24 28.36
C SER A 334 7.78 15.90 28.89
N PHE A 335 7.06 15.01 28.19
CA PHE A 335 5.77 14.58 28.72
C PHE A 335 5.93 13.91 30.07
N PHE A 336 6.95 13.05 30.21
CA PHE A 336 7.13 12.30 31.43
C PHE A 336 7.38 13.22 32.62
N SER A 337 8.17 14.28 32.44
CA SER A 337 8.56 15.15 33.54
C SER A 337 7.68 16.40 33.68
N ALA A 338 6.71 16.60 32.78
CA ALA A 338 5.89 17.82 32.85
C ALA A 338 5.11 17.90 34.16
N SER A 339 4.47 16.80 34.57
CA SER A 339 3.67 16.84 35.79
C SER A 339 4.53 17.12 37.02
N LYS A 340 5.71 16.48 37.09
CA LYS A 340 6.61 16.73 38.20
C LYS A 340 7.04 18.19 38.25
N ILE A 341 7.36 18.76 37.09
CA ILE A 341 7.78 20.17 37.06
C ILE A 341 6.65 21.08 37.51
N ILE A 342 5.42 20.80 37.03
CA ILE A 342 4.28 21.64 37.40
C ILE A 342 4.05 21.60 38.90
N VAL A 343 4.00 20.40 39.48
CA VAL A 343 3.74 20.28 40.91
C VAL A 343 4.87 20.91 41.72
N PHE A 344 6.12 20.71 41.29
CA PHE A 344 7.24 21.31 42.00
C PHE A 344 7.15 22.82 42.03
N VAL A 345 6.88 23.44 40.88
CA VAL A 345 6.79 24.90 40.83
C VAL A 345 5.64 25.39 41.70
N THR A 346 4.47 24.76 41.58
CA THR A 346 3.30 25.19 42.33
C THR A 346 3.55 25.14 43.83
N PHE A 347 4.05 24.02 44.34
CA PHE A 347 4.23 23.94 45.77
C PHE A 347 5.46 24.67 46.26
N THR A 348 6.47 24.88 45.41
CA THR A 348 7.58 25.73 45.80
C THR A 348 7.12 27.16 46.06
N THR A 349 6.34 27.73 45.14
CA THR A 349 5.85 29.08 45.39
C THR A 349 4.82 29.10 46.52
N TYR A 350 4.03 28.03 46.66
CA TYR A 350 3.06 27.95 47.75
C TYR A 350 3.76 28.01 49.11
N VAL A 351 4.83 27.24 49.29
CA VAL A 351 5.54 27.25 50.55
C VAL A 351 6.31 28.56 50.73
N LEU A 352 6.92 29.07 49.66
CA LEU A 352 7.70 30.30 49.78
C LEU A 352 6.83 31.50 50.13
N LEU A 353 5.56 31.48 49.73
CA LEU A 353 4.67 32.59 50.10
C LEU A 353 4.34 32.61 51.58
N GLY A 354 4.64 31.56 52.33
CA GLY A 354 4.44 31.54 53.77
C GLY A 354 3.43 30.54 54.29
N SER A 355 2.84 29.70 53.44
CA SER A 355 1.83 28.75 53.89
C SER A 355 2.50 27.48 54.41
N VAL A 356 1.69 26.46 54.71
CA VAL A 356 2.18 25.19 55.22
C VAL A 356 1.60 24.06 54.38
N ILE A 357 2.26 22.91 54.45
CA ILE A 357 1.92 21.77 53.60
C ILE A 357 0.95 20.86 54.35
N THR A 358 -0.16 20.52 53.68
CA THR A 358 -1.16 19.62 54.24
C THR A 358 -1.59 18.61 53.19
N ALA A 359 -1.90 17.40 53.65
CA ALA A 359 -2.24 16.30 52.75
C ALA A 359 -3.60 16.47 52.09
N SER A 360 -4.54 17.14 52.75
CA SER A 360 -5.85 17.39 52.16
C SER A 360 -5.81 18.39 51.02
N ARG A 361 -4.68 19.07 50.83
CA ARG A 361 -4.53 20.04 49.75
C ARG A 361 -3.51 19.60 48.70
N VAL A 362 -2.40 19.01 49.13
CA VAL A 362 -1.35 18.62 48.18
C VAL A 362 -1.88 17.60 47.17
N PHE A 363 -2.57 16.57 47.66
CA PHE A 363 -3.00 15.48 46.82
C PHE A 363 -4.36 15.73 46.17
N VAL A 364 -4.98 16.87 46.44
CA VAL A 364 -6.08 17.36 45.61
C VAL A 364 -5.54 18.20 44.47
N ALA A 365 -4.56 19.07 44.77
CA ALA A 365 -3.91 19.83 43.72
C ALA A 365 -3.25 18.92 42.69
N VAL A 366 -2.63 17.83 43.16
CA VAL A 366 -1.97 16.90 42.24
C VAL A 366 -2.97 16.31 41.26
N THR A 367 -4.12 15.84 41.78
CA THR A 367 -5.11 15.19 40.92
C THR A 367 -5.74 16.18 39.96
N LEU A 368 -6.10 17.37 40.45
CA LEU A 368 -6.68 18.39 39.57
C LEU A 368 -5.70 18.80 38.49
N TYR A 369 -4.42 18.97 38.85
CA TYR A 369 -3.41 19.32 37.86
C TYR A 369 -3.26 18.22 36.83
N GLY A 370 -3.26 16.95 37.26
CA GLY A 370 -3.13 15.87 36.29
C GLY A 370 -4.28 15.83 35.31
N ALA A 371 -5.50 15.95 35.81
CA ALA A 371 -6.67 15.91 34.92
C ALA A 371 -6.65 17.07 33.93
N VAL A 372 -6.47 18.30 34.44
CA VAL A 372 -6.49 19.46 33.56
C VAL A 372 -5.29 19.44 32.61
N ARG A 373 -4.17 18.86 33.03
CA ARG A 373 -3.00 18.78 32.15
C ARG A 373 -3.27 17.83 31.00
N LEU A 374 -3.84 16.66 31.28
CA LEU A 374 -4.23 15.75 30.20
C LEU A 374 -5.17 16.46 29.23
N THR A 375 -6.23 17.09 29.76
CA THR A 375 -7.24 17.69 28.90
C THR A 375 -6.64 18.80 28.04
N VAL A 376 -5.81 19.67 28.64
CA VAL A 376 -5.26 20.79 27.90
C VAL A 376 -4.22 20.31 26.88
N THR A 377 -3.36 19.38 27.28
CA THR A 377 -2.22 19.04 26.44
C THR A 377 -2.62 18.17 25.25
N LEU A 378 -3.57 17.25 25.44
CA LEU A 378 -3.83 16.26 24.39
C LEU A 378 -5.17 16.48 23.69
N PHE A 379 -6.27 16.50 24.45
CA PHE A 379 -7.59 16.42 23.84
C PHE A 379 -7.90 17.65 23.01
N PHE A 380 -7.59 18.84 23.52
CA PHE A 380 -7.90 20.07 22.76
C PHE A 380 -7.10 20.18 21.48
N PRO A 381 -5.76 20.01 21.48
CA PRO A 381 -5.05 20.03 20.18
C PRO A 381 -5.49 18.93 19.24
N SER A 382 -5.78 17.73 19.76
CA SER A 382 -6.27 16.66 18.89
C SER A 382 -7.59 17.05 18.24
N ALA A 383 -8.50 17.64 19.02
CA ALA A 383 -9.78 18.07 18.48
C ALA A 383 -9.58 19.13 17.41
N ILE A 384 -8.68 20.08 17.64
CA ILE A 384 -8.43 21.13 16.65
C ILE A 384 -7.93 20.51 15.34
N GLU A 385 -6.98 19.59 15.44
CA GLU A 385 -6.41 18.99 14.24
C GLU A 385 -7.47 18.18 13.48
N ARG A 386 -8.25 17.37 14.20
CA ARG A 386 -9.26 16.55 13.53
C ARG A 386 -10.34 17.40 12.89
N VAL A 387 -10.75 18.49 13.55
CA VAL A 387 -11.75 19.36 12.97
C VAL A 387 -11.22 20.03 11.71
N SER A 388 -9.95 20.46 11.73
CA SER A 388 -9.38 21.08 10.54
C SER A 388 -9.33 20.09 9.37
N GLU A 389 -8.88 18.86 9.64
CA GLU A 389 -8.83 17.86 8.57
C GLU A 389 -10.22 17.53 8.04
N ALA A 390 -11.20 17.41 8.93
CA ALA A 390 -12.56 17.12 8.50
C ALA A 390 -13.13 18.26 7.66
N ILE A 391 -12.81 19.51 8.02
CA ILE A 391 -13.27 20.65 7.23
C ILE A 391 -12.65 20.62 5.83
N VAL A 392 -11.35 20.27 5.75
CA VAL A 392 -10.70 20.18 4.44
C VAL A 392 -11.38 19.11 3.58
N SER A 393 -11.63 17.93 4.18
CA SER A 393 -12.28 16.85 3.44
C SER A 393 -13.69 17.24 3.01
N ILE A 394 -14.42 17.92 3.89
CA ILE A 394 -15.77 18.37 3.57
C ILE A 394 -15.74 19.33 2.39
N ARG A 395 -14.76 20.24 2.38
CA ARG A 395 -14.63 21.17 1.26
C ARG A 395 -14.33 20.42 -0.04
N ARG A 396 -13.47 19.40 0.03
CA ARG A 396 -13.15 18.62 -1.17
C ARG A 396 -14.40 17.93 -1.72
N ILE A 397 -15.16 17.25 -0.86
CA ILE A 397 -16.35 16.55 -1.32
C ILE A 397 -17.41 17.55 -1.80
N GLN A 398 -17.49 18.71 -1.14
CA GLN A 398 -18.41 19.76 -1.54
C GLN A 398 -18.10 20.24 -2.95
N THR A 399 -16.80 20.43 -3.25
CA THR A 399 -16.40 20.80 -4.60
C THR A 399 -16.75 19.70 -5.59
N PHE A 400 -16.54 18.44 -5.21
CA PHE A 400 -16.84 17.34 -6.13
C PHE A 400 -18.32 17.28 -6.47
N LEU A 401 -19.20 17.49 -5.48
CA LEU A 401 -20.62 17.26 -5.69
C LEU A 401 -21.30 18.28 -6.59
N LEU A 402 -20.64 19.38 -6.97
CA LEU A 402 -21.23 20.37 -7.87
C LEU A 402 -20.65 20.31 -9.28
N LEU A 403 -19.97 19.23 -9.64
CA LEU A 403 -19.52 19.07 -11.02
C LEU A 403 -20.72 19.00 -11.95
N ASP A 404 -20.56 19.57 -13.15
CA ASP A 404 -21.64 19.57 -14.13
C ASP A 404 -22.02 18.14 -14.50
N GLU A 405 -23.31 17.86 -14.47
CA GLU A 405 -23.82 16.51 -14.69
C GLU A 405 -24.64 16.47 -15.97
N ILE A 406 -24.72 15.27 -16.56
CA ILE A 406 -25.47 15.09 -17.79
C ILE A 406 -26.94 15.42 -17.54
N SER A 407 -27.50 16.27 -18.40
CA SER A 407 -28.93 16.56 -18.32
C SER A 407 -29.73 15.29 -18.54
N GLN A 408 -30.69 15.04 -17.65
CA GLN A 408 -31.49 13.84 -17.75
C GLN A 408 -32.27 13.82 -19.06
N ARG A 409 -32.40 12.63 -19.64
CA ARG A 409 -33.13 12.48 -20.89
C ARG A 409 -34.56 13.00 -20.72
N ASN A 410 -34.88 14.09 -21.39
CA ASN A 410 -36.13 14.81 -21.15
C ASN A 410 -37.29 14.01 -21.76
N ARG A 411 -38.48 14.60 -21.71
CA ARG A 411 -39.67 13.94 -22.23
C ARG A 411 -39.53 13.69 -23.72
N GLN A 412 -39.59 12.42 -24.12
CA GLN A 412 -39.40 12.05 -25.51
C GLN A 412 -40.50 12.63 -26.38
N LEU A 413 -40.13 12.96 -27.62
CA LEU A 413 -41.11 13.47 -28.56
C LEU A 413 -42.17 12.41 -28.84
N PRO A 414 -43.45 12.79 -28.90
CA PRO A 414 -44.51 11.78 -29.08
C PRO A 414 -44.45 11.10 -30.43
N SER A 415 -44.10 9.82 -30.43
CA SER A 415 -44.00 9.02 -31.64
C SER A 415 -45.13 7.98 -31.66
N ASP A 416 -45.19 7.22 -32.76
CA ASP A 416 -46.21 6.20 -32.94
C ASP A 416 -45.77 4.84 -32.40
N GLY A 417 -44.77 4.81 -31.53
CA GLY A 417 -44.26 3.58 -30.97
C GLY A 417 -43.29 2.82 -31.85
N LYS A 418 -42.98 3.33 -33.04
CA LYS A 418 -42.03 2.67 -33.92
C LYS A 418 -40.62 2.78 -33.37
N LYS A 419 -39.80 1.78 -33.69
CA LYS A 419 -38.40 1.74 -33.28
C LYS A 419 -37.54 2.15 -34.49
N MET A 420 -36.88 3.31 -34.38
CA MET A 420 -36.02 3.80 -35.44
C MET A 420 -35.02 4.77 -34.84
N VAL A 421 -33.96 5.05 -35.59
CA VAL A 421 -32.96 6.03 -35.19
C VAL A 421 -32.84 7.05 -36.32
N HIS A 422 -32.88 8.34 -35.95
CA HIS A 422 -32.75 9.40 -36.94
C HIS A 422 -31.87 10.50 -36.40
N VAL A 423 -31.01 11.05 -37.27
CA VAL A 423 -30.13 12.17 -36.92
C VAL A 423 -30.17 13.15 -38.09
N GLN A 424 -30.33 14.43 -37.78
CA GLN A 424 -30.46 15.45 -38.82
C GLN A 424 -29.64 16.68 -38.43
N ASP A 425 -28.74 17.09 -39.32
CA ASP A 425 -28.00 18.35 -39.17
C ASP A 425 -27.17 18.38 -37.89
N PHE A 426 -26.65 17.22 -37.49
CA PHE A 426 -25.90 17.12 -36.24
C PHE A 426 -24.52 17.73 -36.40
N THR A 427 -24.14 18.55 -35.42
CA THR A 427 -22.80 19.11 -35.36
C THR A 427 -22.48 19.40 -33.90
N ALA A 428 -21.41 18.79 -33.37
CA ALA A 428 -21.05 18.96 -31.98
C ALA A 428 -19.56 18.71 -31.82
N PHE A 429 -19.03 19.14 -30.68
CA PHE A 429 -17.61 18.99 -30.38
C PHE A 429 -17.44 18.70 -28.89
N TRP A 430 -16.52 17.79 -28.58
CA TRP A 430 -16.21 17.51 -27.18
C TRP A 430 -15.62 18.75 -26.50
N ASP A 431 -14.73 19.45 -27.18
CA ASP A 431 -14.15 20.69 -26.68
C ASP A 431 -14.62 21.84 -27.57
N LYS A 432 -15.02 22.94 -26.94
CA LYS A 432 -15.55 24.09 -27.67
C LYS A 432 -14.47 25.02 -28.18
N ALA A 433 -13.21 24.77 -27.85
CA ALA A 433 -12.10 25.58 -28.34
C ALA A 433 -11.47 25.00 -29.61
N SER A 434 -11.96 23.86 -30.09
CA SER A 434 -11.40 23.25 -31.28
C SER A 434 -11.81 24.04 -32.53
N GLU A 435 -10.90 24.04 -33.51
CA GLU A 435 -11.18 24.72 -34.78
C GLU A 435 -12.05 23.85 -35.69
N THR A 436 -11.76 22.55 -35.73
CA THR A 436 -12.51 21.63 -36.59
C THR A 436 -13.56 20.91 -35.76
N PRO A 437 -14.85 20.99 -36.12
CA PRO A 437 -15.87 20.27 -35.36
C PRO A 437 -15.71 18.75 -35.50
N THR A 438 -16.14 18.04 -34.46
CA THR A 438 -16.01 16.59 -34.46
C THR A 438 -16.84 15.96 -35.58
N LEU A 439 -18.07 16.44 -35.78
CA LEU A 439 -18.96 15.91 -36.80
C LEU A 439 -19.45 17.06 -37.67
N GLN A 440 -19.51 16.82 -38.98
CA GLN A 440 -19.86 17.84 -39.96
C GLN A 440 -21.19 17.49 -40.62
N GLY A 441 -22.28 17.99 -40.02
CA GLY A 441 -23.59 17.92 -40.64
C GLY A 441 -24.11 16.53 -40.95
N LEU A 442 -24.02 15.62 -39.98
CA LEU A 442 -24.52 14.26 -40.18
C LEU A 442 -26.05 14.27 -40.32
N SER A 443 -26.56 13.47 -41.25
CA SER A 443 -28.00 13.38 -41.47
C SER A 443 -28.30 12.01 -42.08
N PHE A 444 -28.79 11.08 -41.26
CA PHE A 444 -29.13 9.75 -41.72
C PHE A 444 -30.07 9.09 -40.73
N THR A 445 -30.77 8.06 -41.21
CA THR A 445 -31.71 7.31 -40.40
C THR A 445 -31.53 5.82 -40.66
N VAL A 446 -31.88 5.02 -39.66
CA VAL A 446 -31.79 3.56 -39.74
C VAL A 446 -33.03 2.96 -39.10
N ARG A 447 -33.53 1.90 -39.72
CA ARG A 447 -34.74 1.16 -39.35
C ARG A 447 -34.38 -0.25 -38.90
N PRO A 448 -35.33 -0.97 -38.31
CA PRO A 448 -35.06 -2.37 -37.92
C PRO A 448 -34.72 -3.23 -39.13
N GLY A 449 -33.83 -4.20 -38.91
CA GLY A 449 -33.44 -5.13 -39.94
C GLY A 449 -32.38 -4.62 -40.90
N GLU A 450 -31.84 -3.43 -40.67
CA GLU A 450 -30.84 -2.84 -41.55
C GLU A 450 -29.48 -2.88 -40.86
N LEU A 451 -28.50 -3.49 -41.52
CA LEU A 451 -27.14 -3.59 -40.99
C LEU A 451 -26.32 -2.45 -41.58
N LEU A 452 -26.29 -1.32 -40.88
CA LEU A 452 -25.55 -0.15 -41.32
C LEU A 452 -24.13 -0.22 -40.78
N ALA A 453 -23.15 -0.09 -41.68
CA ALA A 453 -21.74 -0.16 -41.32
C ALA A 453 -21.06 1.16 -41.66
N VAL A 454 -20.15 1.58 -40.79
CA VAL A 454 -19.36 2.78 -41.00
C VAL A 454 -17.89 2.38 -41.12
N VAL A 455 -17.27 2.75 -42.23
CA VAL A 455 -15.91 2.37 -42.56
C VAL A 455 -15.07 3.62 -42.71
N GLY A 456 -13.91 3.63 -42.05
CA GLY A 456 -13.00 4.76 -42.15
C GLY A 456 -11.70 4.52 -41.42
N PRO A 457 -10.74 5.42 -41.60
CA PRO A 457 -9.45 5.31 -40.93
C PRO A 457 -9.58 5.70 -39.45
N VAL A 458 -8.46 5.58 -38.74
CA VAL A 458 -8.45 5.95 -37.32
C VAL A 458 -8.61 7.45 -37.18
N GLY A 459 -9.55 7.86 -36.35
CA GLY A 459 -9.85 9.26 -36.17
C GLY A 459 -10.98 9.81 -37.03
N ALA A 460 -11.69 8.94 -37.75
CA ALA A 460 -12.78 9.42 -38.60
C ALA A 460 -13.93 9.98 -37.77
N GLY A 461 -14.30 9.31 -36.69
CA GLY A 461 -15.39 9.78 -35.85
C GLY A 461 -16.57 8.82 -35.80
N LYS A 462 -16.32 7.54 -36.07
CA LYS A 462 -17.38 6.54 -36.00
C LYS A 462 -17.84 6.34 -34.57
N SER A 463 -16.90 6.18 -33.64
CA SER A 463 -17.27 6.13 -32.22
C SER A 463 -17.92 7.42 -31.77
N SER A 464 -17.50 8.55 -32.36
CA SER A 464 -18.17 9.81 -32.06
C SER A 464 -19.62 9.79 -32.51
N LEU A 465 -19.89 9.21 -33.69
CA LEU A 465 -21.27 9.08 -34.16
C LEU A 465 -22.08 8.18 -33.23
N LEU A 466 -21.49 7.07 -32.80
CA LEU A 466 -22.20 6.18 -31.88
C LEU A 466 -22.51 6.87 -30.55
N SER A 467 -21.53 7.61 -30.02
CA SER A 467 -21.76 8.36 -28.78
C SER A 467 -22.83 9.41 -28.95
N ALA A 468 -22.84 10.08 -30.11
CA ALA A 468 -23.88 11.06 -30.39
C ALA A 468 -25.26 10.41 -30.44
N VAL A 469 -25.34 9.21 -31.03
CA VAL A 469 -26.61 8.48 -31.04
C VAL A 469 -27.03 8.14 -29.63
N LEU A 470 -26.09 7.69 -28.79
CA LEU A 470 -26.40 7.41 -27.39
C LEU A 470 -26.84 8.65 -26.63
N GLY A 471 -26.42 9.84 -27.05
CA GLY A 471 -26.67 11.06 -26.32
C GLY A 471 -25.49 11.57 -25.51
N GLU A 472 -24.35 10.87 -25.55
CA GLU A 472 -23.16 11.35 -24.85
C GLU A 472 -22.63 12.65 -25.45
N LEU A 473 -22.91 12.90 -26.73
CA LEU A 473 -22.51 14.13 -27.40
C LEU A 473 -23.70 15.07 -27.40
N ALA A 474 -23.58 16.17 -26.65
CA ALA A 474 -24.67 17.13 -26.59
C ALA A 474 -24.83 17.82 -27.94
N PRO A 475 -26.03 17.82 -28.52
CA PRO A 475 -26.20 18.41 -29.86
C PRO A 475 -26.12 19.92 -29.85
N SER A 476 -25.02 20.47 -30.34
CA SER A 476 -24.90 21.91 -30.49
C SER A 476 -25.90 22.44 -31.51
N HIS A 477 -26.06 21.72 -32.63
CA HIS A 477 -27.03 22.08 -33.65
C HIS A 477 -27.58 20.80 -34.26
N GLY A 478 -28.83 20.88 -34.73
CA GLY A 478 -29.50 19.75 -35.32
C GLY A 478 -30.48 19.08 -34.37
N LEU A 479 -30.76 17.81 -34.66
CA LEU A 479 -31.71 17.05 -33.87
C LEU A 479 -31.37 15.56 -33.96
N VAL A 480 -31.63 14.85 -32.86
CA VAL A 480 -31.45 13.41 -32.78
C VAL A 480 -32.72 12.81 -32.19
N SER A 481 -33.35 11.89 -32.91
CA SER A 481 -34.54 11.20 -32.45
C SER A 481 -34.23 9.72 -32.35
N VAL A 482 -34.11 9.22 -31.12
CA VAL A 482 -33.82 7.83 -30.84
C VAL A 482 -34.87 7.31 -29.88
N HIS A 483 -35.57 6.25 -30.26
CA HIS A 483 -36.61 5.65 -29.44
C HIS A 483 -36.43 4.14 -29.40
N GLY A 484 -36.62 3.56 -28.23
CA GLY A 484 -36.46 2.14 -28.03
C GLY A 484 -35.22 1.80 -27.22
N ARG A 485 -35.17 0.56 -26.76
CA ARG A 485 -34.04 0.11 -25.96
C ARG A 485 -32.78 0.01 -26.82
N ILE A 486 -31.63 0.25 -26.19
CA ILE A 486 -30.35 0.38 -26.89
C ILE A 486 -29.41 -0.72 -26.42
N ALA A 487 -28.76 -1.37 -27.38
CA ALA A 487 -27.66 -2.28 -27.11
C ALA A 487 -26.39 -1.67 -27.69
N TYR A 488 -25.40 -1.41 -26.84
CA TYR A 488 -24.18 -0.74 -27.25
C TYR A 488 -22.97 -1.59 -26.89
N VAL A 489 -22.01 -1.65 -27.80
CA VAL A 489 -20.77 -2.40 -27.61
C VAL A 489 -19.63 -1.39 -27.62
N SER A 490 -18.87 -1.35 -26.52
CA SER A 490 -17.75 -0.43 -26.43
C SER A 490 -16.57 -0.95 -27.25
N GLN A 491 -15.70 -0.02 -27.65
CA GLN A 491 -14.48 -0.41 -28.35
C GLN A 491 -13.59 -1.28 -27.48
N GLN A 492 -13.44 -0.92 -26.21
CA GLN A 492 -12.68 -1.72 -25.27
C GLN A 492 -13.63 -2.56 -24.43
N PRO A 493 -13.50 -3.89 -24.44
CA PRO A 493 -14.42 -4.72 -23.65
C PRO A 493 -14.28 -4.44 -22.17
N TRP A 494 -15.39 -4.60 -21.45
CA TRP A 494 -15.47 -4.28 -20.04
C TRP A 494 -16.02 -5.46 -19.25
N VAL A 495 -15.36 -5.78 -18.14
CA VAL A 495 -15.81 -6.80 -17.20
C VAL A 495 -15.77 -6.19 -15.80
N PHE A 496 -16.86 -6.32 -15.06
CA PHE A 496 -16.96 -5.73 -13.74
C PHE A 496 -16.70 -6.78 -12.66
N SER A 497 -16.83 -6.36 -11.40
CA SER A 497 -16.55 -7.22 -10.25
C SER A 497 -17.68 -8.23 -10.11
N GLY A 498 -17.47 -9.44 -10.63
CA GLY A 498 -18.48 -10.47 -10.54
C GLY A 498 -18.02 -11.76 -11.20
N THR A 499 -18.95 -12.45 -11.83
CA THR A 499 -18.69 -13.67 -12.56
C THR A 499 -19.05 -13.50 -14.03
N LEU A 500 -18.61 -14.46 -14.85
CA LEU A 500 -18.95 -14.42 -16.27
C LEU A 500 -20.46 -14.53 -16.47
N ARG A 501 -21.13 -15.38 -15.70
CA ARG A 501 -22.59 -15.44 -15.73
C ARG A 501 -23.17 -14.09 -15.32
N SER A 502 -22.63 -13.48 -14.28
CA SER A 502 -23.08 -12.15 -13.88
C SER A 502 -22.82 -11.12 -14.98
N ASN A 503 -21.67 -11.22 -15.63
CA ASN A 503 -21.34 -10.30 -16.72
C ASN A 503 -22.36 -10.40 -17.85
N ILE A 504 -22.74 -11.62 -18.23
CA ILE A 504 -23.69 -11.80 -19.32
C ILE A 504 -25.09 -11.36 -18.88
N LEU A 505 -25.50 -11.73 -17.66
CA LEU A 505 -26.84 -11.42 -17.20
C LEU A 505 -27.04 -9.92 -17.02
N PHE A 506 -26.01 -9.22 -16.54
CA PHE A 506 -26.08 -7.78 -16.27
C PHE A 506 -27.20 -7.47 -15.26
N GLY A 507 -27.36 -8.35 -14.27
CA GLY A 507 -28.35 -8.15 -13.23
C GLY A 507 -29.75 -8.60 -13.57
N LYS A 508 -30.02 -8.94 -14.82
CA LYS A 508 -31.35 -9.38 -15.20
C LYS A 508 -31.60 -10.80 -14.69
N LYS A 509 -32.88 -11.16 -14.60
CA LYS A 509 -33.25 -12.49 -14.13
C LYS A 509 -32.73 -13.56 -15.09
N TYR A 510 -32.14 -14.61 -14.51
CA TYR A 510 -31.48 -15.63 -15.30
C TYR A 510 -32.49 -16.57 -15.94
N GLU A 511 -32.30 -16.81 -17.24
CA GLU A 511 -33.08 -17.80 -17.98
C GLU A 511 -32.12 -18.81 -18.59
N LYS A 512 -32.28 -20.08 -18.21
CA LYS A 512 -31.33 -21.11 -18.61
C LYS A 512 -31.34 -21.31 -20.12
N GLU A 513 -32.53 -21.35 -20.72
CA GLU A 513 -32.62 -21.60 -22.16
C GLU A 513 -31.98 -20.48 -22.96
N ARG A 514 -32.33 -19.22 -22.64
CA ARG A 514 -31.75 -18.10 -23.35
C ARG A 514 -30.24 -18.00 -23.13
N TYR A 515 -29.80 -18.25 -21.90
CA TYR A 515 -28.37 -18.20 -21.62
C TYR A 515 -27.61 -19.26 -22.41
N GLU A 516 -28.15 -20.48 -22.47
CA GLU A 516 -27.51 -21.53 -23.27
C GLU A 516 -27.51 -21.19 -24.74
N LYS A 517 -28.60 -20.61 -25.24
CA LYS A 517 -28.65 -20.21 -26.65
C LYS A 517 -27.59 -19.16 -26.96
N VAL A 518 -27.44 -18.16 -26.09
CA VAL A 518 -26.45 -17.12 -26.31
C VAL A 518 -25.04 -17.71 -26.21
N ILE A 519 -24.81 -18.60 -25.25
CA ILE A 519 -23.50 -19.21 -25.08
C ILE A 519 -23.11 -20.01 -26.32
N LYS A 520 -24.05 -20.83 -26.82
CA LYS A 520 -23.77 -21.61 -28.02
C LYS A 520 -23.57 -20.71 -29.24
N ALA A 521 -24.37 -19.65 -29.37
CA ALA A 521 -24.22 -18.75 -30.50
C ALA A 521 -22.90 -17.99 -30.45
N CYS A 522 -22.38 -17.74 -29.25
CA CYS A 522 -21.14 -16.99 -29.09
C CYS A 522 -19.90 -17.87 -29.01
N ALA A 523 -20.06 -19.19 -29.08
CA ALA A 523 -18.95 -20.14 -29.02
C ALA A 523 -18.09 -19.92 -27.76
N LEU A 524 -18.76 -19.69 -26.64
CA LEU A 524 -18.09 -19.46 -25.37
C LEU A 524 -17.84 -20.75 -24.60
N LYS A 525 -18.18 -21.90 -25.18
CA LYS A 525 -18.01 -23.18 -24.49
C LYS A 525 -16.53 -23.45 -24.20
N LYS A 526 -15.65 -23.15 -25.16
CA LYS A 526 -14.23 -23.36 -24.95
C LYS A 526 -13.70 -22.47 -23.83
N ASP A 527 -14.14 -21.20 -23.79
CA ASP A 527 -13.71 -20.30 -22.74
C ASP A 527 -14.21 -20.76 -21.37
N LEU A 528 -15.46 -21.27 -21.33
CA LEU A 528 -15.98 -21.81 -20.07
C LEU A 528 -15.19 -23.03 -19.62
N GLN A 529 -14.86 -23.92 -20.57
CA GLN A 529 -14.09 -25.12 -20.23
C GLN A 529 -12.68 -24.77 -19.76
N LEU A 530 -12.11 -23.69 -20.29
CA LEU A 530 -10.79 -23.25 -19.85
C LEU A 530 -10.79 -22.76 -18.41
N LEU A 531 -11.96 -22.51 -17.83
CA LEU A 531 -12.08 -22.02 -16.46
C LEU A 531 -12.42 -23.16 -15.51
N GLU A 532 -11.95 -23.03 -14.27
CA GLU A 532 -12.16 -24.07 -13.28
C GLU A 532 -13.64 -24.23 -12.93
N ASP A 533 -14.32 -23.11 -12.67
CA ASP A 533 -15.74 -23.13 -12.33
C ASP A 533 -16.64 -22.95 -13.54
N GLY A 534 -16.08 -22.85 -14.74
CA GLY A 534 -16.87 -22.68 -15.93
C GLY A 534 -17.44 -21.27 -16.05
N ASP A 535 -18.77 -21.17 -16.13
CA ASP A 535 -19.45 -19.89 -16.26
C ASP A 535 -19.58 -19.15 -14.94
N LEU A 536 -19.35 -19.82 -13.80
CA LEU A 536 -19.46 -19.21 -12.49
C LEU A 536 -18.12 -18.68 -11.98
N THR A 537 -17.07 -18.72 -12.78
CA THR A 537 -15.76 -18.28 -12.33
C THR A 537 -15.75 -16.77 -12.08
N VAL A 538 -15.10 -16.37 -10.99
CA VAL A 538 -15.02 -14.97 -10.62
C VAL A 538 -13.94 -14.28 -11.44
N ILE A 539 -14.29 -13.14 -12.03
CA ILE A 539 -13.36 -12.34 -12.81
C ILE A 539 -13.13 -11.03 -12.08
N GLY A 540 -11.86 -10.73 -11.80
CA GLY A 540 -11.51 -9.55 -11.04
C GLY A 540 -11.42 -8.31 -11.91
N ASP A 541 -10.74 -7.31 -11.37
CA ASP A 541 -10.57 -6.05 -12.10
C ASP A 541 -9.74 -6.26 -13.36
N ARG A 542 -10.19 -5.64 -14.45
CA ARG A 542 -9.51 -5.68 -15.75
C ARG A 542 -9.36 -7.10 -16.29
N GLY A 543 -10.13 -8.05 -15.77
CA GLY A 543 -10.10 -9.41 -16.28
C GLY A 543 -8.78 -10.13 -16.10
N THR A 544 -8.24 -10.10 -14.87
CA THR A 544 -6.97 -10.78 -14.61
C THR A 544 -7.08 -12.28 -14.84
N THR A 545 -8.26 -12.86 -14.60
CA THR A 545 -8.48 -14.28 -14.79
C THR A 545 -8.90 -14.65 -16.20
N LEU A 546 -9.04 -13.66 -17.10
CA LEU A 546 -9.47 -13.89 -18.46
C LEU A 546 -8.53 -13.16 -19.42
N SER A 547 -8.88 -13.19 -20.69
CA SER A 547 -8.11 -12.54 -21.75
C SER A 547 -8.97 -11.53 -22.50
N GLY A 548 -8.32 -10.78 -23.39
CA GLY A 548 -9.03 -9.75 -24.14
C GLY A 548 -10.08 -10.33 -25.07
N GLY A 549 -9.76 -11.43 -25.74
CA GLY A 549 -10.74 -12.08 -26.59
C GLY A 549 -11.94 -12.58 -25.82
N GLN A 550 -11.69 -13.17 -24.64
CA GLN A 550 -12.80 -13.59 -23.78
C GLN A 550 -13.64 -12.42 -23.33
N LYS A 551 -12.99 -11.29 -22.99
CA LYS A 551 -13.74 -10.11 -22.60
C LYS A 551 -14.61 -9.60 -23.74
N ALA A 552 -14.07 -9.58 -24.95
CA ALA A 552 -14.86 -9.14 -26.11
C ALA A 552 -16.03 -10.08 -26.37
N ARG A 553 -15.79 -11.39 -26.26
CA ARG A 553 -16.87 -12.35 -26.44
C ARG A 553 -17.96 -12.17 -25.39
N VAL A 554 -17.55 -11.93 -24.14
CA VAL A 554 -18.53 -11.71 -23.07
C VAL A 554 -19.31 -10.43 -23.31
N ASN A 555 -18.65 -9.37 -23.78
CA ASN A 555 -19.33 -8.12 -24.07
C ASN A 555 -20.38 -8.32 -25.17
N LEU A 556 -20.00 -9.00 -26.25
CA LEU A 556 -20.95 -9.26 -27.33
C LEU A 556 -22.10 -10.14 -26.87
N ALA A 557 -21.79 -11.16 -26.05
CA ALA A 557 -22.82 -12.04 -25.53
C ALA A 557 -23.80 -11.28 -24.65
N ARG A 558 -23.29 -10.39 -23.80
CA ARG A 558 -24.17 -9.57 -22.95
C ARG A 558 -25.05 -8.67 -23.80
N ALA A 559 -24.46 -8.03 -24.82
CA ALA A 559 -25.23 -7.14 -25.68
C ALA A 559 -26.36 -7.90 -26.38
N VAL A 560 -26.07 -9.10 -26.88
CA VAL A 560 -27.09 -9.88 -27.57
C VAL A 560 -28.14 -10.39 -26.58
N TYR A 561 -27.69 -10.84 -25.41
CA TYR A 561 -28.61 -11.43 -24.43
C TYR A 561 -29.56 -10.39 -23.85
N GLN A 562 -29.12 -9.14 -23.71
CA GLN A 562 -30.01 -8.13 -23.16
C GLN A 562 -31.22 -7.88 -24.05
N ASP A 563 -31.16 -8.26 -25.32
CA ASP A 563 -32.31 -8.24 -26.23
C ASP A 563 -32.91 -6.84 -26.34
N ALA A 564 -32.13 -5.91 -26.86
CA ALA A 564 -32.58 -4.55 -27.04
C ALA A 564 -33.10 -4.34 -28.46
N ASP A 565 -33.81 -3.22 -28.65
CA ASP A 565 -34.38 -2.92 -29.97
C ASP A 565 -33.31 -2.47 -30.95
N ILE A 566 -32.38 -1.63 -30.50
CA ILE A 566 -31.34 -1.05 -31.35
C ILE A 566 -29.99 -1.56 -30.88
N TYR A 567 -29.18 -2.04 -31.83
CA TYR A 567 -27.87 -2.60 -31.53
C TYR A 567 -26.79 -1.72 -32.16
N LEU A 568 -25.83 -1.30 -31.34
CA LEU A 568 -24.70 -0.49 -31.79
C LEU A 568 -23.41 -1.24 -31.49
N LEU A 569 -22.57 -1.41 -32.51
CA LEU A 569 -21.33 -2.15 -32.38
C LEU A 569 -20.15 -1.27 -32.77
N ASP A 570 -19.04 -1.45 -32.08
CA ASP A 570 -17.84 -0.63 -32.29
C ASP A 570 -16.61 -1.50 -32.09
N ASP A 571 -15.95 -1.85 -33.19
CA ASP A 571 -14.73 -2.63 -33.18
C ASP A 571 -14.87 -3.95 -32.40
N PRO A 572 -15.78 -4.84 -32.82
CA PRO A 572 -16.00 -6.07 -32.06
C PRO A 572 -14.98 -7.17 -32.32
N LEU A 573 -14.48 -7.24 -33.56
CA LEU A 573 -13.67 -8.38 -33.99
C LEU A 573 -12.25 -7.98 -34.37
N SER A 574 -11.72 -6.90 -33.78
CA SER A 574 -10.35 -6.48 -34.10
C SER A 574 -9.32 -7.35 -33.39
N ALA A 575 -9.62 -7.83 -32.19
CA ALA A 575 -8.64 -8.52 -31.35
C ALA A 575 -8.97 -9.99 -31.15
N VAL A 576 -9.76 -10.60 -32.04
CA VAL A 576 -10.07 -12.02 -31.92
C VAL A 576 -9.56 -12.77 -33.14
N ASP A 577 -9.54 -14.09 -33.07
CA ASP A 577 -9.02 -14.92 -34.16
C ASP A 577 -10.03 -14.96 -35.30
N ALA A 578 -9.59 -15.46 -36.47
CA ALA A 578 -10.41 -15.40 -37.66
C ALA A 578 -11.66 -16.28 -37.55
N GLU A 579 -11.50 -17.52 -37.08
CA GLU A 579 -12.64 -18.43 -36.98
C GLU A 579 -13.67 -17.91 -35.99
N VAL A 580 -13.22 -17.47 -34.81
CA VAL A 580 -14.13 -16.95 -33.80
C VAL A 580 -14.84 -15.70 -34.31
N SER A 581 -14.08 -14.80 -34.95
CA SER A 581 -14.68 -13.57 -35.46
C SER A 581 -15.73 -13.86 -36.52
N ARG A 582 -15.43 -14.78 -37.45
CA ARG A 582 -16.39 -15.11 -38.50
C ARG A 582 -17.63 -15.77 -37.91
N HIS A 583 -17.45 -16.72 -36.99
CA HIS A 583 -18.59 -17.40 -36.38
C HIS A 583 -19.46 -16.42 -35.61
N LEU A 584 -18.85 -15.52 -34.86
CA LEU A 584 -19.61 -14.48 -34.17
C LEU A 584 -20.38 -13.62 -35.17
N PHE A 585 -19.66 -12.96 -36.08
CA PHE A 585 -20.29 -12.03 -37.00
C PHE A 585 -21.41 -12.69 -37.80
N GLU A 586 -21.32 -13.99 -38.05
CA GLU A 586 -22.41 -14.65 -38.76
C GLU A 586 -23.55 -15.00 -37.81
N LEU A 587 -23.32 -15.91 -36.88
CA LEU A 587 -24.39 -16.56 -36.14
C LEU A 587 -24.88 -15.78 -34.93
N CYS A 588 -24.24 -14.67 -34.56
CA CYS A 588 -24.74 -13.84 -33.48
C CYS A 588 -25.19 -12.47 -33.97
N ILE A 589 -25.01 -12.16 -35.25
CA ILE A 589 -25.41 -10.88 -35.81
C ILE A 589 -26.39 -11.09 -36.95
N CYS A 590 -25.95 -11.76 -38.02
CA CYS A 590 -26.74 -11.78 -39.24
C CYS A 590 -28.07 -12.51 -39.06
N GLN A 591 -28.08 -13.57 -38.24
CA GLN A 591 -29.29 -14.34 -38.00
C GLN A 591 -30.06 -13.83 -36.79
N ILE A 592 -29.38 -13.66 -35.66
CA ILE A 592 -30.06 -13.28 -34.42
C ILE A 592 -30.57 -11.84 -34.50
N LEU A 593 -29.72 -10.91 -34.92
CA LEU A 593 -30.05 -9.49 -34.91
C LEU A 593 -30.72 -9.02 -36.20
N HIS A 594 -31.23 -9.95 -37.01
CA HIS A 594 -31.90 -9.56 -38.25
C HIS A 594 -33.22 -8.84 -38.00
N GLU A 595 -33.76 -8.89 -36.77
CA GLU A 595 -35.01 -8.22 -36.43
C GLU A 595 -34.78 -6.98 -35.59
N LYS A 596 -33.53 -6.56 -35.39
CA LYS A 596 -33.20 -5.43 -34.56
C LYS A 596 -32.38 -4.42 -35.36
N ILE A 597 -32.53 -3.15 -35.00
CA ILE A 597 -31.77 -2.09 -35.65
C ILE A 597 -30.29 -2.24 -35.31
N THR A 598 -29.44 -2.21 -36.34
CA THR A 598 -28.02 -2.48 -36.16
C THR A 598 -27.19 -1.39 -36.82
N ILE A 599 -26.26 -0.83 -36.05
CA ILE A 599 -25.22 0.06 -36.56
C ILE A 599 -23.89 -0.47 -36.09
N LEU A 600 -22.98 -0.73 -37.03
CA LEU A 600 -21.76 -1.47 -36.78
C LEU A 600 -20.56 -0.69 -37.31
N VAL A 601 -19.46 -0.77 -36.56
CA VAL A 601 -18.18 -0.16 -36.94
C VAL A 601 -17.18 -1.27 -37.22
N THR A 602 -16.59 -1.25 -38.41
CA THR A 602 -15.75 -2.34 -38.88
C THR A 602 -14.36 -1.85 -39.21
N HIS A 603 -13.40 -2.78 -39.15
CA HIS A 603 -12.07 -2.59 -39.67
C HIS A 603 -11.62 -3.71 -40.59
N GLN A 604 -12.40 -4.78 -40.71
CA GLN A 604 -12.11 -5.89 -41.61
C GLN A 604 -13.06 -5.83 -42.79
N LEU A 605 -12.51 -5.96 -44.00
CA LEU A 605 -13.31 -5.84 -45.21
C LEU A 605 -14.09 -7.10 -45.55
N GLN A 606 -13.73 -8.24 -44.94
CA GLN A 606 -14.41 -9.49 -45.26
C GLN A 606 -15.85 -9.51 -44.75
N TYR A 607 -16.17 -8.69 -43.75
CA TYR A 607 -17.51 -8.64 -43.18
C TYR A 607 -18.37 -7.54 -43.80
N LEU A 608 -17.84 -6.80 -44.78
CA LEU A 608 -18.63 -5.78 -45.46
C LEU A 608 -19.64 -6.38 -46.44
N LYS A 609 -19.40 -7.60 -46.91
CA LYS A 609 -20.34 -8.23 -47.84
C LYS A 609 -21.68 -8.47 -47.19
N ALA A 610 -21.69 -8.94 -45.94
CA ALA A 610 -22.93 -9.22 -45.23
C ALA A 610 -23.64 -7.98 -44.73
N ALA A 611 -23.00 -6.81 -44.80
CA ALA A 611 -23.61 -5.58 -44.32
C ALA A 611 -24.65 -5.08 -45.31
N SER A 612 -25.87 -4.85 -44.82
CA SER A 612 -26.92 -4.31 -45.69
C SER A 612 -26.60 -2.88 -46.11
N GLN A 613 -26.05 -2.08 -45.21
CA GLN A 613 -25.66 -0.71 -45.51
C GLN A 613 -24.22 -0.47 -45.08
N ILE A 614 -23.53 0.37 -45.83
CA ILE A 614 -22.13 0.70 -45.58
C ILE A 614 -21.96 2.20 -45.79
N LEU A 615 -21.28 2.85 -44.84
CA LEU A 615 -20.98 4.27 -44.91
C LEU A 615 -19.48 4.47 -44.77
N ILE A 616 -18.93 5.40 -45.56
CA ILE A 616 -17.52 5.74 -45.50
C ILE A 616 -17.39 7.09 -44.80
N LEU A 617 -16.63 7.12 -43.72
CA LEU A 617 -16.42 8.33 -42.92
C LEU A 617 -14.94 8.64 -42.88
N LYS A 618 -14.60 9.92 -43.07
CA LYS A 618 -13.21 10.36 -43.00
C LYS A 618 -13.19 11.82 -42.58
N ASP A 619 -12.34 12.14 -41.60
CA ASP A 619 -12.19 13.50 -41.08
C ASP A 619 -13.51 14.06 -40.57
N GLY A 620 -14.38 13.18 -40.05
CA GLY A 620 -15.66 13.63 -39.53
C GLY A 620 -16.65 14.07 -40.58
N LYS A 621 -16.47 13.66 -41.83
CA LYS A 621 -17.32 14.09 -42.93
C LYS A 621 -17.86 12.88 -43.67
N MET A 622 -19.11 12.97 -44.12
CA MET A 622 -19.72 11.89 -44.87
C MET A 622 -19.12 11.83 -46.27
N VAL A 623 -18.93 10.61 -46.77
CA VAL A 623 -18.31 10.40 -48.08
C VAL A 623 -19.29 9.69 -49.00
N GLN A 624 -19.74 8.50 -48.61
CA GLN A 624 -20.64 7.71 -49.45
C GLN A 624 -21.37 6.70 -48.59
N LYS A 625 -22.63 6.46 -48.91
CA LYS A 625 -23.45 5.46 -48.25
C LYS A 625 -24.17 4.62 -49.29
N GLY A 626 -24.19 3.30 -49.08
CA GLY A 626 -24.85 2.41 -50.02
C GLY A 626 -24.57 0.96 -49.68
N THR A 627 -24.98 0.08 -50.59
CA THR A 627 -24.74 -1.34 -50.38
C THR A 627 -23.35 -1.73 -50.85
N TYR A 628 -22.97 -2.97 -50.56
CA TYR A 628 -21.66 -3.47 -50.97
C TYR A 628 -21.52 -3.49 -52.49
N THR A 629 -22.59 -3.89 -53.19
CA THR A 629 -22.57 -3.86 -54.65
C THR A 629 -22.42 -2.44 -55.16
N GLU A 630 -23.12 -1.49 -54.54
CA GLU A 630 -23.00 -0.09 -54.96
C GLU A 630 -21.59 0.42 -54.75
N PHE A 631 -20.96 0.08 -53.62
CA PHE A 631 -19.60 0.52 -53.37
C PHE A 631 -18.60 -0.16 -54.32
N LEU A 632 -18.86 -1.42 -54.69
CA LEU A 632 -18.03 -2.05 -55.70
C LEU A 632 -18.16 -1.34 -57.04
N LYS A 633 -19.38 -0.94 -57.40
CA LYS A 633 -19.57 -0.18 -58.64
C LYS A 633 -18.96 1.21 -58.55
N SER A 634 -18.80 1.74 -57.34
CA SER A 634 -18.26 3.09 -57.19
C SER A 634 -16.81 3.17 -57.66
N GLY A 635 -16.05 2.07 -57.55
CA GLY A 635 -14.69 2.04 -58.01
C GLY A 635 -13.66 2.53 -57.03
N ILE A 636 -14.06 2.94 -55.83
CA ILE A 636 -13.14 3.40 -54.81
C ILE A 636 -12.89 2.25 -53.83
N ASP A 637 -11.62 1.90 -53.65
CA ASP A 637 -11.26 0.74 -52.85
C ASP A 637 -11.23 1.07 -51.36
N PHE A 638 -11.88 0.23 -50.56
CA PHE A 638 -11.84 0.41 -49.11
C PHE A 638 -10.42 0.28 -48.58
N GLY A 639 -9.66 -0.69 -49.11
CA GLY A 639 -8.27 -0.81 -48.70
C GLY A 639 -7.43 0.39 -49.09
N SER A 640 -7.72 0.96 -50.26
CA SER A 640 -7.02 2.18 -50.67
C SER A 640 -7.34 3.34 -49.75
N LEU A 641 -8.62 3.46 -49.35
CA LEU A 641 -9.01 4.55 -48.45
C LEU A 641 -8.59 4.29 -47.01
N LEU A 642 -8.25 3.06 -46.66
CA LEU A 642 -7.89 2.71 -45.29
C LEU A 642 -6.39 2.81 -45.01
N LYS A 643 -5.59 3.21 -46.00
CA LYS A 643 -4.15 3.33 -45.82
C LYS A 643 -3.80 4.81 -45.66
N LYS A 644 -3.12 5.14 -44.57
CA LYS A 644 -2.76 6.52 -44.27
C LYS A 644 -1.26 6.69 -44.17
N GLY A 708 7.59 -15.02 19.03
CA GLY A 708 8.48 -15.82 19.84
C GLY A 708 9.44 -14.99 20.67
N PHE A 709 10.23 -15.66 21.50
CA PHE A 709 11.21 -15.00 22.36
C PHE A 709 12.56 -14.80 21.69
N GLN A 710 12.95 -15.70 20.78
CA GLN A 710 14.20 -15.53 20.06
C GLN A 710 14.19 -14.28 19.19
N ALA A 711 13.02 -13.88 18.69
CA ALA A 711 12.92 -12.65 17.92
C ALA A 711 13.30 -11.44 18.77
N TYR A 712 12.74 -11.36 19.97
CA TYR A 712 13.09 -10.27 20.88
C TYR A 712 14.56 -10.33 21.26
N LYS A 713 15.07 -11.54 21.55
CA LYS A 713 16.46 -11.67 21.96
C LYS A 713 17.40 -11.19 20.86
N ASN A 714 17.14 -11.60 19.61
CA ASN A 714 18.01 -11.19 18.50
C ASN A 714 17.86 -9.71 18.20
N TYR A 715 16.64 -9.18 18.27
CA TYR A 715 16.44 -7.76 18.04
C TYR A 715 17.20 -6.91 19.05
N PHE A 716 17.20 -7.35 20.32
CA PHE A 716 17.93 -6.60 21.33
C PHE A 716 19.43 -6.81 21.21
N ARG A 717 19.86 -8.01 20.84
CA ARG A 717 21.29 -8.29 20.74
C ARG A 717 21.93 -7.55 19.58
N ALA A 718 21.20 -7.38 18.48
CA ALA A 718 21.74 -6.66 17.34
C ALA A 718 22.03 -5.19 17.66
N GLY A 719 21.46 -4.67 18.75
CA GLY A 719 21.66 -3.28 19.11
C GLY A 719 22.95 -3.00 19.83
N ALA A 720 23.17 -3.65 20.97
CA ALA A 720 24.35 -3.40 21.78
C ALA A 720 24.60 -4.61 22.67
N HIS A 721 25.63 -4.50 23.50
CA HIS A 721 26.02 -5.57 24.42
C HIS A 721 24.95 -5.73 25.51
N TRP A 722 25.08 -6.82 26.28
CA TRP A 722 24.14 -7.07 27.37
C TRP A 722 24.40 -6.14 28.55
N ILE A 723 25.63 -5.64 28.69
CA ILE A 723 25.93 -4.66 29.72
C ILE A 723 25.12 -3.40 29.50
N VAL A 724 24.92 -3.01 28.24
CA VAL A 724 24.07 -1.87 27.93
C VAL A 724 22.63 -2.16 28.34
N PHE A 725 22.19 -3.41 28.19
CA PHE A 725 20.85 -3.77 28.63
C PHE A 725 20.71 -3.64 30.15
N ILE A 726 21.73 -4.08 30.88
CA ILE A 726 21.71 -3.94 32.34
C ILE A 726 21.67 -2.47 32.74
N PHE A 727 22.47 -1.64 32.07
CA PHE A 727 22.48 -0.21 32.35
C PHE A 727 21.12 0.41 32.04
N LEU A 728 20.48 -0.02 30.96
CA LEU A 728 19.16 0.48 30.61
C LEU A 728 18.12 0.11 31.66
N ILE A 729 18.18 -1.13 32.16
CA ILE A 729 17.28 -1.55 33.22
C ILE A 729 17.48 -0.69 34.46
N LEU A 730 18.74 -0.45 34.83
CA LEU A 730 19.04 0.39 35.99
C LEU A 730 18.51 1.81 35.79
N LEU A 731 18.68 2.36 34.59
CA LEU A 731 18.19 3.72 34.32
C LEU A 731 16.67 3.80 34.43
N ASN A 732 15.97 2.82 33.88
CA ASN A 732 14.52 2.81 33.97
C ASN A 732 14.06 2.74 35.43
N THR A 733 14.69 1.85 36.20
CA THR A 733 14.34 1.71 37.60
C THR A 733 14.60 3.00 38.37
N ALA A 734 15.74 3.64 38.12
CA ALA A 734 16.06 4.88 38.82
C ALA A 734 15.07 5.99 38.47
N ALA A 735 14.71 6.11 37.19
CA ALA A 735 13.76 7.13 36.80
C ALA A 735 12.41 6.93 37.49
N GLN A 736 11.88 5.71 37.45
CA GLN A 736 10.58 5.47 38.09
C GLN A 736 10.66 5.66 39.60
N VAL A 737 11.76 5.23 40.22
CA VAL A 737 11.91 5.36 41.66
C VAL A 737 11.92 6.83 42.06
N ALA A 738 12.65 7.66 41.32
CA ALA A 738 12.67 9.09 41.62
C ALA A 738 11.28 9.72 41.41
N TYR A 739 10.59 9.29 40.35
CA TYR A 739 9.25 9.81 40.08
C TYR A 739 8.32 9.53 41.26
N VAL A 740 8.36 8.32 41.80
CA VAL A 740 7.53 7.99 42.96
C VAL A 740 8.02 8.71 44.21
N LEU A 741 9.35 8.81 44.37
CA LEU A 741 9.92 9.33 45.61
C LEU A 741 9.65 10.81 45.78
N GLN A 742 9.46 11.56 44.68
CA GLN A 742 9.11 12.97 44.84
C GLN A 742 7.76 13.13 45.55
N ASP A 743 6.74 12.37 45.11
CA ASP A 743 5.45 12.42 45.77
C ASP A 743 5.53 11.86 47.20
N TRP A 744 6.32 10.80 47.39
CA TRP A 744 6.50 10.30 48.75
C TRP A 744 7.12 11.36 49.65
N TRP A 745 8.06 12.14 49.12
CA TRP A 745 8.67 13.20 49.90
C TRP A 745 7.67 14.29 50.24
N LEU A 746 6.77 14.61 49.30
CA LEU A 746 5.71 15.56 49.63
C LEU A 746 4.85 15.04 50.77
N SER A 747 4.48 13.76 50.73
CA SER A 747 3.68 13.18 51.81
C SER A 747 4.43 13.18 53.14
N TYR A 748 5.73 12.87 53.10
CA TYR A 748 6.54 12.87 54.31
C TYR A 748 6.66 14.26 54.90
N TRP A 749 6.84 15.27 54.04
CA TRP A 749 6.87 16.66 54.49
C TRP A 749 5.54 17.02 55.17
N ALA A 750 4.42 16.62 54.56
CA ALA A 750 3.12 16.93 55.15
C ALA A 750 2.98 16.28 56.52
N ASN A 751 3.37 15.02 56.64
CA ASN A 751 3.24 14.32 57.92
C ASN A 751 4.14 14.95 58.98
N LYS A 752 5.38 15.28 58.62
CA LYS A 752 6.30 15.87 59.58
C LYS A 752 5.82 17.24 60.04
N GLN A 753 5.26 18.04 59.12
CA GLN A 753 4.69 19.32 59.51
C GLN A 753 3.48 19.12 60.42
N SER A 754 2.64 18.13 60.13
CA SER A 754 1.47 17.87 60.96
C SER A 754 1.86 17.48 62.38
N MET A 755 2.87 16.62 62.53
CA MET A 755 3.31 16.18 63.85
C MET A 755 4.24 17.23 64.45
N LEU A 756 3.67 18.40 64.71
CA LEU A 756 4.41 19.52 65.27
C LEU A 756 3.56 20.22 66.33
N ASN A 757 4.24 20.83 67.29
CA ASN A 757 3.63 21.54 68.42
C ASN A 757 2.35 20.90 68.96
N THR A 767 6.51 30.22 67.51
CA THR A 767 6.36 28.76 67.51
C THR A 767 7.49 28.11 66.73
N GLU A 768 7.67 26.80 66.93
CA GLU A 768 8.69 26.05 66.21
C GLU A 768 8.33 25.96 64.73
N LYS A 769 9.33 25.99 63.87
CA LYS A 769 9.14 25.94 62.43
C LYS A 769 10.02 24.85 61.82
N LEU A 770 9.60 24.40 60.64
CA LEU A 770 10.36 23.40 59.89
C LEU A 770 11.50 24.06 59.14
N ASP A 771 12.65 23.39 59.10
CA ASP A 771 13.82 23.90 58.39
C ASP A 771 13.54 23.85 56.90
N LEU A 772 13.22 25.00 56.31
CA LEU A 772 12.76 25.02 54.92
C LEU A 772 13.86 24.67 53.95
N ASN A 773 15.12 25.01 54.26
CA ASN A 773 16.22 24.77 53.34
C ASN A 773 16.35 23.29 53.02
N TRP A 774 16.35 22.45 54.04
CA TRP A 774 16.51 21.01 53.84
C TRP A 774 15.40 20.44 52.96
N TYR A 775 14.14 20.73 53.31
CA TYR A 775 13.03 20.14 52.57
C TYR A 775 12.99 20.64 51.13
N LEU A 776 13.18 21.95 50.92
CA LEU A 776 13.14 22.48 49.57
C LEU A 776 14.31 21.96 48.73
N GLY A 777 15.49 21.82 49.35
CA GLY A 777 16.62 21.28 48.62
C GLY A 777 16.42 19.85 48.19
N ILE A 778 15.89 19.01 49.09
CA ILE A 778 15.63 17.62 48.72
C ILE A 778 14.55 17.55 47.65
N TYR A 779 13.53 18.40 47.75
CA TYR A 779 12.49 18.45 46.71
C TYR A 779 13.09 18.78 45.35
N SER A 780 13.91 19.82 45.29
CA SER A 780 14.53 20.21 44.02
C SER A 780 15.44 19.13 43.49
N GLY A 781 16.21 18.49 44.37
CA GLY A 781 17.08 17.40 43.93
C GLY A 781 16.30 16.25 43.34
N LEU A 782 15.19 15.87 43.98
CA LEU A 782 14.37 14.78 43.45
C LEU A 782 13.78 15.15 42.09
N THR A 783 13.31 16.40 41.94
CA THR A 783 12.76 16.81 40.65
C THR A 783 13.81 16.76 39.55
N VAL A 784 15.01 17.28 39.84
CA VAL A 784 16.09 17.29 38.86
C VAL A 784 16.48 15.86 38.49
N ALA A 785 16.58 14.98 39.49
CA ALA A 785 16.92 13.59 39.22
C ALA A 785 15.89 12.92 38.33
N THR A 786 14.60 13.16 38.62
CA THR A 786 13.55 12.58 37.77
C THR A 786 13.69 13.03 36.33
N VAL A 787 13.87 14.34 36.12
CA VAL A 787 13.95 14.87 34.75
C VAL A 787 15.16 14.27 34.02
N LEU A 788 16.33 14.31 34.66
CA LEU A 788 17.54 13.83 34.01
C LEU A 788 17.47 12.34 33.71
N PHE A 789 16.98 11.55 34.66
CA PHE A 789 16.90 10.11 34.43
C PHE A 789 15.92 9.77 33.32
N GLY A 790 14.78 10.48 33.25
CA GLY A 790 13.87 10.25 32.14
C GLY A 790 14.49 10.56 30.80
N ILE A 791 15.20 11.69 30.70
CA ILE A 791 15.84 12.06 29.44
C ILE A 791 16.87 11.01 29.04
N ALA A 792 17.71 10.59 30.00
CA ALA A 792 18.74 9.61 29.69
C ALA A 792 18.15 8.28 29.25
N ARG A 793 17.09 7.83 29.94
CA ARG A 793 16.45 6.57 29.56
C ARG A 793 15.90 6.62 28.14
N SER A 794 15.19 7.71 27.81
CA SER A 794 14.64 7.83 26.47
C SER A 794 15.72 7.81 25.41
N LEU A 795 16.79 8.59 25.62
CA LEU A 795 17.86 8.67 24.63
C LEU A 795 18.54 7.31 24.45
N LEU A 796 18.82 6.62 25.55
CA LEU A 796 19.50 5.33 25.44
C LEU A 796 18.65 4.31 24.71
N VAL A 797 17.34 4.25 25.03
CA VAL A 797 16.46 3.30 24.34
C VAL A 797 16.45 3.59 22.84
N PHE A 798 16.26 4.86 22.48
CA PHE A 798 16.17 5.20 21.07
C PHE A 798 17.45 4.84 20.33
N TYR A 799 18.60 5.20 20.90
CA TYR A 799 19.87 4.92 20.22
C TYR A 799 20.09 3.43 20.05
N VAL A 800 19.82 2.64 21.11
CA VAL A 800 20.05 1.20 21.02
C VAL A 800 19.19 0.59 19.94
N LEU A 801 17.90 0.96 19.90
CA LEU A 801 17.01 0.32 18.93
C LEU A 801 17.33 0.76 17.50
N VAL A 802 17.71 2.02 17.31
CA VAL A 802 18.07 2.48 15.96
C VAL A 802 19.35 1.79 15.49
N ASN A 803 20.32 1.61 16.39
CA ASN A 803 21.53 0.87 16.01
C ASN A 803 21.20 -0.58 15.66
N SER A 804 20.27 -1.19 16.38
CA SER A 804 19.84 -2.54 16.03
C SER A 804 19.24 -2.59 14.64
N SER A 805 18.39 -1.62 14.31
CA SER A 805 17.80 -1.57 12.97
C SER A 805 18.86 -1.43 11.89
N GLN A 806 19.85 -0.54 12.12
CA GLN A 806 20.90 -0.33 11.13
C GLN A 806 21.72 -1.60 10.93
N THR A 807 22.08 -2.28 12.02
CA THR A 807 22.85 -3.52 11.90
C THR A 807 22.06 -4.59 11.15
N LEU A 808 20.77 -4.70 11.46
CA LEU A 808 19.94 -5.69 10.77
C LEU A 808 19.85 -5.40 9.28
N HIS A 809 19.71 -4.12 8.90
CA HIS A 809 19.66 -3.78 7.48
C HIS A 809 20.98 -4.12 6.80
N ASN A 810 22.10 -3.81 7.45
CA ASN A 810 23.40 -4.12 6.86
C ASN A 810 23.55 -5.62 6.63
N LYS A 811 23.17 -6.42 7.63
CA LYS A 811 23.27 -7.87 7.47
C LYS A 811 22.35 -8.37 6.36
N MET A 812 21.13 -7.84 6.28
CA MET A 812 20.19 -8.28 5.25
C MET A 812 20.74 -7.98 3.86
N PHE A 813 21.25 -6.76 3.66
CA PHE A 813 21.77 -6.40 2.34
C PHE A 813 23.01 -7.23 1.99
N GLU A 814 23.88 -7.46 2.97
CA GLU A 814 25.06 -8.29 2.74
C GLU A 814 24.66 -9.69 2.33
N SER A 815 23.66 -10.26 2.99
CA SER A 815 23.19 -11.60 2.62
C SER A 815 22.55 -11.60 1.23
N ILE A 816 21.78 -10.56 0.91
CA ILE A 816 21.09 -10.49 -0.38
C ILE A 816 22.10 -10.42 -1.52
N LEU A 817 23.18 -9.65 -1.33
CA LEU A 817 24.16 -9.48 -2.41
C LEU A 817 24.88 -10.77 -2.79
N LYS A 818 24.81 -11.82 -1.95
CA LYS A 818 25.53 -13.05 -2.23
C LYS A 818 24.63 -14.25 -2.45
N ALA A 819 23.31 -14.08 -2.41
CA ALA A 819 22.40 -15.19 -2.67
C ALA A 819 22.52 -15.62 -4.12
N PRO A 820 22.50 -16.93 -4.40
CA PRO A 820 22.61 -17.38 -5.79
C PRO A 820 21.38 -17.01 -6.61
N VAL A 821 21.52 -17.14 -7.93
CA VAL A 821 20.46 -16.77 -8.86
C VAL A 821 19.20 -17.61 -8.64
N LEU A 822 19.35 -18.81 -8.06
CA LEU A 822 18.18 -19.64 -7.78
C LEU A 822 17.22 -18.96 -6.82
N PHE A 823 17.77 -18.26 -5.81
CA PHE A 823 16.91 -17.56 -4.85
C PHE A 823 16.11 -16.46 -5.53
N PHE A 824 16.76 -15.70 -6.41
CA PHE A 824 16.05 -14.64 -7.13
C PHE A 824 15.04 -15.20 -8.12
N ASP A 825 15.34 -16.36 -8.71
CA ASP A 825 14.35 -17.01 -9.57
C ASP A 825 13.14 -17.46 -8.77
N ARG A 826 13.36 -18.00 -7.57
CA ARG A 826 12.26 -18.45 -6.73
C ARG A 826 11.40 -17.29 -6.25
N ASN A 827 12.03 -16.20 -5.79
CA ASN A 827 11.25 -15.14 -5.17
C ASN A 827 11.03 -14.00 -6.14
N PRO A 828 9.81 -13.46 -6.24
CA PRO A 828 9.56 -12.33 -7.14
C PRO A 828 10.24 -11.07 -6.65
N ILE A 829 10.42 -10.13 -7.58
CA ILE A 829 11.09 -8.87 -7.27
C ILE A 829 10.32 -8.08 -6.22
N GLY A 830 8.98 -8.08 -6.31
CA GLY A 830 8.19 -7.35 -5.35
C GLY A 830 8.36 -7.85 -3.93
N ARG A 831 8.42 -9.17 -3.75
CA ARG A 831 8.62 -9.73 -2.42
C ARG A 831 9.99 -9.33 -1.86
N ILE A 832 11.02 -9.35 -2.71
CA ILE A 832 12.36 -8.97 -2.26
C ILE A 832 12.38 -7.50 -1.84
N LEU A 833 11.77 -6.63 -2.64
CA LEU A 833 11.80 -5.21 -2.35
C LEU A 833 10.89 -4.83 -1.19
N ASN A 834 9.89 -5.66 -0.88
CA ASN A 834 9.00 -5.35 0.23
C ASN A 834 9.75 -5.33 1.56
N ARG A 835 10.67 -6.27 1.76
CA ARG A 835 11.42 -6.34 3.00
C ARG A 835 12.47 -5.25 3.12
N PHE A 836 12.86 -4.64 2.01
CA PHE A 836 13.78 -3.50 2.06
C PHE A 836 13.05 -2.16 2.14
N SER A 837 11.77 -2.12 1.74
CA SER A 837 11.02 -0.87 1.75
C SER A 837 10.14 -0.71 2.98
N LYS A 838 9.34 -1.73 3.31
CA LYS A 838 8.33 -1.60 4.36
C LYS A 838 8.82 -2.08 5.73
N ASP A 839 9.43 -3.26 5.78
CA ASP A 839 9.88 -3.80 7.06
C ASP A 839 10.98 -2.93 7.67
N ILE A 840 11.97 -2.56 6.86
CA ILE A 840 13.03 -1.67 7.35
C ILE A 840 12.45 -0.30 7.68
N GLY A 841 11.47 0.16 6.91
CA GLY A 841 10.83 1.42 7.24
C GLY A 841 10.17 1.40 8.61
N HIS A 842 9.51 0.28 8.94
CA HIS A 842 8.94 0.13 10.27
C HIS A 842 10.03 0.12 11.33
N LEU A 843 11.06 -0.72 11.14
CA LEU A 843 12.10 -0.87 12.14
C LEU A 843 12.84 0.43 12.40
N ASP A 844 12.95 1.28 11.38
CA ASP A 844 13.76 2.49 11.51
C ASP A 844 13.07 3.58 12.32
N ASP A 845 11.74 3.67 12.25
CA ASP A 845 11.07 4.83 12.83
C ASP A 845 9.97 4.48 13.83
N LEU A 846 9.20 3.42 13.58
CA LEU A 846 8.01 3.15 14.38
C LEU A 846 8.29 2.28 15.60
N LEU A 847 9.02 1.19 15.41
CA LEU A 847 9.23 0.24 16.51
C LEU A 847 9.97 0.82 17.69
N PRO A 848 11.08 1.57 17.54
CA PRO A 848 11.75 2.12 18.74
C PRO A 848 10.87 3.03 19.56
N LEU A 849 10.11 3.92 18.91
CA LEU A 849 9.28 4.85 19.65
C LEU A 849 8.10 4.14 20.30
N THR A 850 7.53 3.15 19.61
CA THR A 850 6.47 2.35 20.22
C THR A 850 6.98 1.60 21.44
N PHE A 851 8.18 1.02 21.34
CA PHE A 851 8.78 0.34 22.50
C PHE A 851 9.00 1.30 23.66
N LEU A 852 9.52 2.49 23.37
CA LEU A 852 9.78 3.44 24.45
C LEU A 852 8.48 3.86 25.14
N ASP A 853 7.44 4.15 24.37
CA ASP A 853 6.15 4.50 24.96
C ASP A 853 5.59 3.36 25.80
N PHE A 854 5.65 2.14 25.28
CA PHE A 854 5.13 1.00 26.02
C PHE A 854 5.88 0.79 27.32
N ILE A 855 7.21 0.90 27.29
CA ILE A 855 8.00 0.73 28.50
C ILE A 855 7.66 1.82 29.52
N GLN A 856 7.53 3.06 29.06
CA GLN A 856 7.16 4.16 29.95
C GLN A 856 5.84 3.89 30.65
N THR A 857 4.80 3.55 29.88
CA THR A 857 3.48 3.35 30.47
C THR A 857 3.47 2.13 31.39
N LEU A 858 4.14 1.05 31.00
CA LEU A 858 4.19 -0.14 31.83
C LEU A 858 4.88 0.14 33.16
N LEU A 859 5.97 0.91 33.13
CA LEU A 859 6.65 1.27 34.37
C LEU A 859 5.79 2.17 35.24
N GLN A 860 5.02 3.07 34.63
CA GLN A 860 4.10 3.89 35.42
C GLN A 860 3.04 3.03 36.12
N VAL A 861 2.49 2.06 35.40
CA VAL A 861 1.50 1.16 36.01
C VAL A 861 2.12 0.36 37.14
N VAL A 862 3.35 -0.15 36.92
CA VAL A 862 4.04 -0.90 37.96
C VAL A 862 4.29 -0.03 39.18
N GLY A 863 4.64 1.24 38.97
CA GLY A 863 4.86 2.13 40.09
C GLY A 863 3.59 2.39 40.88
N VAL A 864 2.47 2.57 40.18
CA VAL A 864 1.19 2.77 40.87
C VAL A 864 0.86 1.56 41.73
N VAL A 865 0.99 0.36 41.15
CA VAL A 865 0.68 -0.86 41.89
C VAL A 865 1.61 -1.03 43.07
N SER A 866 2.90 -0.72 42.88
CA SER A 866 3.87 -0.85 43.95
C SER A 866 3.58 0.11 45.10
N VAL A 867 3.18 1.35 44.79
CA VAL A 867 2.82 2.30 45.84
C VAL A 867 1.61 1.79 46.62
N ALA A 868 0.60 1.30 45.89
CA ALA A 868 -0.60 0.79 46.55
C ALA A 868 -0.27 -0.39 47.46
N VAL A 869 0.60 -1.29 47.00
CA VAL A 869 0.98 -2.45 47.81
C VAL A 869 1.80 -2.02 49.03
N ALA A 870 2.73 -1.08 48.84
CA ALA A 870 3.58 -0.64 49.94
C ALA A 870 2.77 0.05 51.03
N VAL A 871 1.79 0.86 50.66
CA VAL A 871 0.99 1.54 51.68
C VAL A 871 0.16 0.54 52.47
N ILE A 872 -0.54 -0.34 51.77
CA ILE A 872 -1.35 -1.38 52.40
C ILE A 872 -0.88 -2.74 51.87
N PRO A 873 -0.14 -3.49 52.68
CA PRO A 873 0.37 -4.79 52.19
C PRO A 873 -0.71 -5.79 51.82
N TRP A 874 -1.88 -5.73 52.46
CA TRP A 874 -2.93 -6.72 52.22
C TRP A 874 -3.50 -6.66 50.81
N ILE A 875 -3.27 -5.59 50.06
CA ILE A 875 -3.79 -5.48 48.70
C ILE A 875 -3.14 -6.48 47.76
N ALA A 876 -2.04 -7.12 48.17
CA ALA A 876 -1.38 -8.11 47.33
C ALA A 876 -2.17 -9.41 47.22
N ILE A 877 -3.21 -9.60 48.03
CA ILE A 877 -3.98 -10.84 48.01
C ILE A 877 -4.89 -10.89 46.79
N PRO A 878 -5.79 -9.93 46.53
CA PRO A 878 -6.64 -10.03 45.34
C PRO A 878 -5.92 -9.73 44.04
N LEU A 879 -4.69 -9.20 44.11
CA LEU A 879 -3.95 -8.88 42.89
C LEU A 879 -3.66 -10.13 42.07
N VAL A 880 -3.39 -11.26 42.73
CA VAL A 880 -3.16 -12.50 41.99
C VAL A 880 -4.40 -12.96 41.23
N PRO A 881 -5.59 -13.05 41.84
CA PRO A 881 -6.78 -13.33 41.03
C PRO A 881 -7.03 -12.31 39.93
N LEU A 882 -6.79 -11.03 40.20
CA LEU A 882 -6.97 -10.02 39.16
C LEU A 882 -6.02 -10.23 37.99
N GLY A 883 -4.76 -10.57 38.26
CA GLY A 883 -3.80 -10.84 37.20
C GLY A 883 -4.14 -12.07 36.39
N ILE A 884 -4.56 -13.14 37.07
CA ILE A 884 -4.96 -14.35 36.36
C ILE A 884 -6.15 -14.06 35.45
N ILE A 885 -7.14 -13.34 35.98
CA ILE A 885 -8.32 -13.00 35.20
C ILE A 885 -7.94 -12.13 34.00
N PHE A 886 -7.04 -11.17 34.22
CA PHE A 886 -6.60 -10.30 33.13
C PHE A 886 -5.91 -11.10 32.03
N ILE A 887 -5.04 -12.04 32.40
CA ILE A 887 -4.33 -12.84 31.41
C ILE A 887 -5.32 -13.67 30.59
N PHE A 888 -6.25 -14.35 31.28
CA PHE A 888 -7.21 -15.19 30.58
C PHE A 888 -8.11 -14.35 29.68
N LEU A 889 -8.54 -13.17 30.15
CA LEU A 889 -9.38 -12.29 29.35
C LEU A 889 -8.64 -11.78 28.14
N ARG A 890 -7.35 -11.45 28.29
CA ARG A 890 -6.57 -11.00 27.15
C ARG A 890 -6.45 -12.08 26.09
N ARG A 891 -6.19 -13.33 26.52
CA ARG A 891 -6.16 -14.43 25.55
C ARG A 891 -7.50 -14.59 24.85
N TYR A 892 -8.58 -14.55 25.62
CA TYR A 892 -9.92 -14.74 25.06
C TYR A 892 -10.25 -13.67 24.04
N PHE A 893 -9.91 -12.41 24.34
CA PHE A 893 -10.20 -11.32 23.41
C PHE A 893 -9.34 -11.41 22.17
N LEU A 894 -8.03 -11.63 22.33
CA LEU A 894 -7.12 -11.65 21.20
C LEU A 894 -7.37 -12.84 20.28
N GLU A 895 -8.01 -13.90 20.77
CA GLU A 895 -8.35 -15.00 19.87
C GLU A 895 -9.38 -14.61 18.81
N THR A 896 -10.08 -13.49 19.00
CA THR A 896 -11.14 -13.07 18.09
C THR A 896 -10.92 -11.70 17.48
N SER A 897 -10.19 -10.81 18.16
CA SER A 897 -9.97 -9.47 17.64
C SER A 897 -9.21 -9.50 16.33
N ARG A 898 -8.22 -10.40 16.21
CA ARG A 898 -7.44 -10.51 14.98
C ARG A 898 -8.31 -10.97 13.81
N ASP A 899 -9.20 -11.94 14.07
CA ASP A 899 -10.12 -12.38 13.02
C ASP A 899 -11.06 -11.26 12.59
N VAL A 900 -11.56 -10.48 13.56
CA VAL A 900 -12.42 -9.35 13.22
C VAL A 900 -11.67 -8.33 12.37
N LYS A 901 -10.41 -8.04 12.75
CA LYS A 901 -9.62 -7.08 12.00
C LYS A 901 -9.35 -7.56 10.58
N ARG A 902 -9.04 -8.85 10.41
CA ARG A 902 -8.80 -9.36 9.06
C ARG A 902 -10.07 -9.37 8.23
N LEU A 903 -11.22 -9.66 8.85
CA LEU A 903 -12.48 -9.58 8.12
C LEU A 903 -12.76 -8.15 7.65
N GLU A 904 -12.54 -7.18 8.52
CA GLU A 904 -12.75 -5.78 8.13
C GLU A 904 -11.77 -5.36 7.04
N SER A 905 -10.53 -5.85 7.09
CA SER A 905 -9.56 -5.52 6.05
C SER A 905 -9.95 -6.12 4.70
N THR A 906 -10.39 -7.37 4.70
CA THR A 906 -10.72 -8.04 3.43
C THR A 906 -12.09 -7.68 2.88
N THR A 907 -12.96 -7.07 3.69
CA THR A 907 -14.28 -6.68 3.19
C THR A 907 -14.31 -5.25 2.64
N ARG A 908 -13.17 -4.57 2.56
CA ARG A 908 -13.15 -3.16 2.17
C ARG A 908 -12.84 -2.95 0.69
N SER A 909 -11.96 -3.77 0.12
CA SER A 909 -11.54 -3.55 -1.27
C SER A 909 -12.65 -3.73 -2.31
N PRO A 910 -13.66 -4.59 -2.14
CA PRO A 910 -14.70 -4.68 -3.17
C PRO A 910 -15.40 -3.36 -3.47
N VAL A 911 -15.52 -2.47 -2.48
CA VAL A 911 -16.14 -1.17 -2.73
C VAL A 911 -15.34 -0.38 -3.76
N PHE A 912 -14.03 -0.29 -3.56
CA PHE A 912 -13.18 0.43 -4.50
C PHE A 912 -13.14 -0.26 -5.86
N SER A 913 -13.12 -1.60 -5.86
CA SER A 913 -13.12 -2.33 -7.13
C SER A 913 -14.39 -2.04 -7.92
N HIS A 914 -15.54 -2.06 -7.26
CA HIS A 914 -16.80 -1.77 -7.93
C HIS A 914 -16.83 -0.33 -8.43
N LEU A 915 -16.34 0.61 -7.62
CA LEU A 915 -16.31 2.00 -8.06
C LEU A 915 -15.46 2.16 -9.31
N SER A 916 -14.27 1.55 -9.31
CA SER A 916 -13.39 1.66 -10.48
C SER A 916 -14.02 1.04 -11.72
N SER A 917 -14.61 -0.16 -11.56
CA SER A 917 -15.21 -0.83 -12.72
C SER A 917 -16.38 -0.02 -13.26
N SER A 918 -17.24 0.49 -12.39
CA SER A 918 -18.39 1.27 -12.84
C SER A 918 -17.96 2.59 -13.48
N LEU A 919 -16.90 3.21 -12.97
CA LEU A 919 -16.40 4.44 -13.58
C LEU A 919 -15.81 4.17 -14.95
N GLN A 920 -15.08 3.05 -15.10
CA GLN A 920 -14.46 2.75 -16.39
C GLN A 920 -15.50 2.34 -17.43
N GLY A 921 -16.56 1.66 -17.02
CA GLY A 921 -17.61 1.25 -17.95
C GLY A 921 -18.86 2.10 -17.84
N LEU A 922 -18.68 3.39 -17.57
CA LEU A 922 -19.82 4.27 -17.30
C LEU A 922 -20.71 4.42 -18.52
N TRP A 923 -20.12 4.55 -19.71
CA TRP A 923 -20.92 4.69 -20.92
C TRP A 923 -21.76 3.45 -21.18
N THR A 924 -21.16 2.27 -21.01
CA THR A 924 -21.91 1.03 -21.20
C THR A 924 -23.03 0.90 -20.16
N ILE A 925 -22.76 1.30 -18.91
CA ILE A 925 -23.78 1.26 -17.88
C ILE A 925 -24.94 2.17 -18.24
N ARG A 926 -24.63 3.40 -18.68
CA ARG A 926 -25.68 4.37 -18.97
C ARG A 926 -26.39 4.07 -20.29
N ALA A 927 -25.80 3.26 -21.17
CA ALA A 927 -26.48 2.89 -22.40
C ALA A 927 -27.82 2.22 -22.10
N TYR A 928 -27.80 1.19 -21.26
CA TYR A 928 -29.03 0.66 -20.71
C TYR A 928 -29.52 1.55 -19.56
N LYS A 929 -30.79 1.34 -19.17
CA LYS A 929 -31.36 2.07 -18.06
C LYS A 929 -31.00 1.47 -16.71
N ALA A 930 -29.99 0.60 -16.67
CA ALA A 930 -29.60 -0.11 -15.45
C ALA A 930 -28.45 0.63 -14.78
N GLU A 931 -28.81 1.61 -13.95
CA GLU A 931 -27.83 2.27 -13.09
C GLU A 931 -28.32 2.26 -11.65
N GLU A 932 -29.64 2.19 -11.47
CA GLU A 932 -30.18 1.97 -10.13
C GLU A 932 -29.77 0.60 -9.60
N ARG A 933 -29.67 -0.40 -10.48
CA ARG A 933 -29.18 -1.71 -10.05
C ARG A 933 -27.72 -1.62 -9.61
N CYS A 934 -26.91 -0.84 -10.34
CA CYS A 934 -25.52 -0.64 -9.93
C CYS A 934 -25.44 0.07 -8.58
N GLN A 935 -26.34 1.04 -8.36
CA GLN A 935 -26.41 1.70 -7.06
C GLN A 935 -26.76 0.71 -5.96
N GLU A 936 -27.70 -0.20 -6.22
CA GLU A 936 -28.06 -1.21 -5.24
C GLU A 936 -26.89 -2.14 -4.95
N LEU A 937 -26.15 -2.54 -5.98
CA LEU A 937 -24.97 -3.38 -5.78
C LEU A 937 -23.92 -2.66 -4.94
N PHE A 938 -23.70 -1.37 -5.20
CA PHE A 938 -22.77 -0.60 -4.39
C PHE A 938 -23.24 -0.50 -2.94
N ASP A 939 -24.56 -0.34 -2.75
CA ASP A 939 -25.10 -0.30 -1.40
C ASP A 939 -24.86 -1.62 -0.66
N ALA A 940 -25.05 -2.74 -1.35
CA ALA A 940 -24.77 -4.03 -0.75
C ALA A 940 -23.30 -4.17 -0.39
N HIS A 941 -22.41 -3.73 -1.28
CA HIS A 941 -20.98 -3.79 -1.00
C HIS A 941 -20.61 -2.94 0.21
N GLN A 942 -21.24 -1.76 0.33
CA GLN A 942 -20.98 -0.91 1.49
C GLN A 942 -21.52 -1.51 2.78
N ASP A 943 -22.69 -2.16 2.69
CA ASP A 943 -23.27 -2.81 3.85
C ASP A 943 -22.39 -3.95 4.34
N LEU A 944 -21.78 -4.70 3.40
CA LEU A 944 -20.91 -5.80 3.81
C LEU A 944 -19.68 -5.32 4.57
N HIS A 945 -19.26 -4.07 4.37
CA HIS A 945 -18.13 -3.53 5.11
C HIS A 945 -18.55 -2.89 6.43
N SER A 946 -19.70 -2.20 6.44
CA SER A 946 -20.25 -1.73 7.70
C SER A 946 -20.55 -2.88 8.65
N GLU A 947 -20.87 -4.06 8.09
CA GLU A 947 -21.09 -5.26 8.88
C GLU A 947 -19.87 -5.60 9.73
N ALA A 948 -18.66 -5.44 9.18
CA ALA A 948 -17.44 -5.72 9.93
C ALA A 948 -16.99 -4.54 10.78
N TRP A 949 -17.26 -3.32 10.34
CA TRP A 949 -16.93 -2.15 11.17
C TRP A 949 -17.71 -2.17 12.47
N PHE A 950 -18.98 -2.59 12.43
CA PHE A 950 -19.80 -2.70 13.63
C PHE A 950 -19.16 -3.64 14.65
N LEU A 951 -18.73 -4.82 14.18
CA LEU A 951 -18.07 -5.77 15.06
C LEU A 951 -16.75 -5.22 15.58
N PHE A 952 -16.01 -4.50 14.72
CA PHE A 952 -14.73 -3.94 15.14
C PHE A 952 -14.91 -2.96 16.30
N LEU A 953 -15.97 -2.14 16.25
CA LEU A 953 -16.23 -1.24 17.37
C LEU A 953 -16.70 -1.99 18.60
N THR A 954 -17.64 -2.92 18.42
CA THR A 954 -18.30 -3.54 19.57
C THR A 954 -17.35 -4.45 20.34
N THR A 955 -16.47 -5.19 19.66
CA THR A 955 -15.53 -6.05 20.37
C THR A 955 -14.54 -5.23 21.18
N SER A 956 -14.07 -4.11 20.64
CA SER A 956 -13.17 -3.25 21.38
C SER A 956 -13.85 -2.71 22.63
N ARG A 957 -15.12 -2.29 22.51
CA ARG A 957 -15.83 -1.83 23.70
C ARG A 957 -16.04 -2.98 24.69
N TRP A 958 -16.27 -4.19 24.19
CA TRP A 958 -16.43 -5.36 25.05
C TRP A 958 -15.19 -5.60 25.89
N PHE A 959 -14.01 -5.50 25.29
CA PHE A 959 -12.77 -5.67 26.06
C PHE A 959 -12.56 -4.52 27.03
N ALA A 960 -12.82 -3.28 26.59
CA ALA A 960 -12.56 -2.12 27.42
C ALA A 960 -13.45 -2.10 28.67
N VAL A 961 -14.70 -2.58 28.55
CA VAL A 961 -15.59 -2.60 29.72
C VAL A 961 -14.99 -3.46 30.83
N ARG A 962 -14.49 -4.64 30.48
CA ARG A 962 -13.95 -5.54 31.50
C ARG A 962 -12.63 -5.02 32.05
N LEU A 963 -11.79 -4.42 31.20
CA LEU A 963 -10.56 -3.81 31.72
C LEU A 963 -10.87 -2.71 32.72
N ASP A 964 -11.82 -1.83 32.40
CA ASP A 964 -12.20 -0.77 33.33
C ASP A 964 -12.86 -1.32 34.57
N ALA A 965 -13.58 -2.44 34.46
CA ALA A 965 -14.16 -3.06 35.65
C ALA A 965 -13.07 -3.54 36.59
N ILE A 966 -12.01 -4.15 36.05
CA ILE A 966 -10.89 -4.59 36.89
C ILE A 966 -10.23 -3.38 37.56
N CYS A 967 -10.00 -2.32 36.79
CA CYS A 967 -9.34 -1.15 37.36
C CYS A 967 -10.21 -0.49 38.45
N ALA A 968 -11.52 -0.42 38.23
CA ALA A 968 -12.42 0.16 39.21
C ALA A 968 -12.49 -0.70 40.46
N MET A 969 -12.42 -2.02 40.31
CA MET A 969 -12.36 -2.89 41.48
C MET A 969 -11.09 -2.63 42.29
N PHE A 970 -9.97 -2.43 41.60
CA PHE A 970 -8.72 -2.10 42.31
C PHE A 970 -8.87 -0.79 43.08
N VAL A 971 -9.46 0.22 42.43
CA VAL A 971 -9.61 1.54 43.06
C VAL A 971 -10.52 1.43 44.29
N ILE A 972 -11.63 0.69 44.15
CA ILE A 972 -12.56 0.53 45.28
C ILE A 972 -11.87 -0.21 46.42
N ILE A 973 -11.11 -1.25 46.11
CA ILE A 973 -10.40 -2.00 47.14
C ILE A 973 -9.47 -1.08 47.91
N VAL A 974 -8.70 -0.26 47.20
CA VAL A 974 -7.78 0.67 47.86
C VAL A 974 -8.56 1.63 48.75
N ALA A 975 -9.59 2.27 48.18
CA ALA A 975 -10.29 3.33 48.88
C ALA A 975 -11.03 2.83 50.12
N PHE A 976 -11.49 1.58 50.10
CA PHE A 976 -12.21 1.07 51.25
C PHE A 976 -11.31 0.35 52.26
N GLY A 977 -10.24 -0.30 51.81
CA GLY A 977 -9.29 -0.85 52.75
C GLY A 977 -8.58 0.23 53.54
N SER A 978 -8.30 1.38 52.91
CA SER A 978 -7.68 2.48 53.62
C SER A 978 -8.55 2.94 54.78
N LEU A 979 -9.87 3.02 54.57
CA LEU A 979 -10.78 3.40 55.65
C LEU A 979 -10.96 2.30 56.67
N ILE A 980 -10.95 1.04 56.23
CA ILE A 980 -11.11 -0.08 57.16
C ILE A 980 -9.94 -0.14 58.14
N LEU A 981 -8.73 0.09 57.64
CA LEU A 981 -7.53 0.04 58.47
C LEU A 981 -7.09 1.42 58.93
N ALA A 982 -8.06 2.29 59.24
CA ALA A 982 -7.75 3.69 59.56
C ALA A 982 -6.90 3.83 60.81
N LYS A 983 -6.86 2.83 61.68
CA LYS A 983 -6.06 2.93 62.90
C LYS A 983 -4.56 2.80 62.64
N THR A 984 -4.16 2.41 61.43
CA THR A 984 -2.75 2.19 61.12
C THR A 984 -2.17 3.24 60.18
N LEU A 985 -2.86 3.56 59.10
CA LEU A 985 -2.34 4.51 58.13
C LEU A 985 -2.47 5.94 58.65
N ASP A 986 -1.90 6.87 57.90
CA ASP A 986 -1.99 8.30 58.18
C ASP A 986 -2.34 9.04 56.89
N ALA A 987 -2.47 10.37 57.02
CA ALA A 987 -3.01 11.18 55.94
C ALA A 987 -2.14 11.12 54.69
N GLY A 988 -0.82 11.24 54.87
CA GLY A 988 0.06 11.27 53.71
C GLY A 988 0.03 9.97 52.93
N GLN A 989 0.14 8.84 53.62
CA GLN A 989 0.09 7.55 52.95
C GLN A 989 -1.25 7.33 52.27
N VAL A 990 -2.35 7.65 52.96
CA VAL A 990 -3.68 7.45 52.39
C VAL A 990 -3.84 8.29 51.13
N GLY A 991 -3.45 9.57 51.19
CA GLY A 991 -3.59 10.43 50.05
C GLY A 991 -2.74 9.99 48.87
N LEU A 992 -1.49 9.60 49.14
CA LEU A 992 -0.61 9.15 48.07
C LEU A 992 -1.18 7.92 47.38
N ALA A 993 -1.58 6.91 48.16
CA ALA A 993 -2.11 5.69 47.58
C ALA A 993 -3.40 5.96 46.80
N LEU A 994 -4.29 6.78 47.36
CA LEU A 994 -5.56 7.05 46.69
C LEU A 994 -5.36 7.82 45.39
N SER A 995 -4.45 8.81 45.38
CA SER A 995 -4.20 9.55 44.16
C SER A 995 -3.60 8.66 43.07
N TYR A 996 -2.67 7.79 43.43
CA TYR A 996 -2.10 6.91 42.42
C TYR A 996 -3.14 5.90 41.90
N ALA A 997 -3.98 5.39 42.80
CA ALA A 997 -5.07 4.52 42.37
C ALA A 997 -6.01 5.24 41.41
N LEU A 998 -6.28 6.52 41.67
CA LEU A 998 -7.10 7.31 40.75
C LEU A 998 -6.42 7.48 39.40
N THR A 999 -5.10 7.65 39.40
CA THR A 999 -4.38 7.92 38.14
C THR A 999 -4.13 6.66 37.31
N LEU A 1000 -4.30 5.47 37.89
CA LEU A 1000 -4.12 4.23 37.13
C LEU A 1000 -5.02 4.13 35.89
N MET A 1001 -6.13 4.87 35.89
CA MET A 1001 -7.10 4.82 34.80
C MET A 1001 -6.51 5.36 33.51
N GLY A 1002 -6.91 4.78 32.39
CA GLY A 1002 -6.35 5.17 31.10
C GLY A 1002 -4.97 4.63 30.86
N MET A 1003 -4.09 4.76 31.86
CA MET A 1003 -2.76 4.18 31.75
C MET A 1003 -2.83 2.67 31.58
N PHE A 1004 -3.70 2.00 32.35
CA PHE A 1004 -3.84 0.55 32.19
C PHE A 1004 -4.24 0.18 30.76
N GLN A 1005 -5.27 0.83 30.22
CA GLN A 1005 -5.76 0.51 28.88
C GLN A 1005 -4.70 0.79 27.83
N TRP A 1006 -4.00 1.92 27.96
CA TRP A 1006 -2.97 2.26 26.97
C TRP A 1006 -1.84 1.25 27.02
N CYS A 1007 -1.46 0.79 28.21
CA CYS A 1007 -0.42 -0.22 28.31
C CYS A 1007 -0.84 -1.50 27.58
N VAL A 1008 -2.09 -1.94 27.79
CA VAL A 1008 -2.55 -3.16 27.11
C VAL A 1008 -2.53 -2.98 25.60
N ARG A 1009 -3.04 -1.83 25.12
CA ARG A 1009 -3.09 -1.59 23.68
C ARG A 1009 -1.71 -1.54 23.07
N GLN A 1010 -0.76 -0.89 23.74
CA GLN A 1010 0.60 -0.80 23.22
C GLN A 1010 1.29 -2.15 23.22
N SER A 1011 1.03 -2.99 24.23
CA SER A 1011 1.57 -4.35 24.19
C SER A 1011 1.06 -5.10 22.97
N ALA A 1012 -0.24 -4.99 22.69
CA ALA A 1012 -0.78 -5.65 21.51
C ALA A 1012 -0.14 -5.12 20.24
N GLU A 1013 0.05 -3.80 20.15
CA GLU A 1013 0.63 -3.21 18.95
C GLU A 1013 2.08 -3.65 18.75
N VAL A 1014 2.86 -3.74 19.83
CA VAL A 1014 4.24 -4.20 19.73
C VAL A 1014 4.29 -5.65 19.26
N GLU A 1015 3.42 -6.50 19.83
CA GLU A 1015 3.38 -7.90 19.39
C GLU A 1015 3.00 -7.99 17.92
N ASN A 1016 2.11 -7.11 17.45
CA ASN A 1016 1.79 -7.09 16.03
C ASN A 1016 2.98 -6.64 15.19
N MET A 1017 3.73 -5.65 15.66
CA MET A 1017 4.81 -5.07 14.88
C MET A 1017 6.06 -5.96 14.83
N MET A 1018 6.20 -6.93 15.73
CA MET A 1018 7.41 -7.75 15.72
C MET A 1018 7.55 -8.64 14.48
N ILE A 1019 6.50 -8.77 13.67
CA ILE A 1019 6.59 -9.62 12.48
C ILE A 1019 7.60 -9.06 11.48
N SER A 1020 7.72 -7.74 11.40
CA SER A 1020 8.72 -7.15 10.50
C SER A 1020 10.13 -7.56 10.90
N VAL A 1021 10.43 -7.54 12.21
CA VAL A 1021 11.71 -8.01 12.69
C VAL A 1021 11.90 -9.47 12.36
N GLU A 1022 10.84 -10.27 12.53
CA GLU A 1022 10.92 -11.69 12.18
C GLU A 1022 11.32 -11.86 10.72
N ARG A 1023 10.68 -11.12 9.81
CA ARG A 1023 10.98 -11.25 8.39
C ARG A 1023 12.40 -10.79 8.06
N VAL A 1024 12.84 -9.68 8.68
CA VAL A 1024 14.18 -9.18 8.42
C VAL A 1024 15.23 -10.19 8.88
N ILE A 1025 15.04 -10.76 10.07
CA ILE A 1025 15.97 -11.78 10.55
C ILE A 1025 15.92 -13.01 9.67
N GLU A 1026 14.75 -13.36 9.14
CA GLU A 1026 14.65 -14.49 8.21
C GLU A 1026 15.49 -14.24 6.96
N TYR A 1027 15.40 -13.04 6.39
CA TYR A 1027 16.21 -12.72 5.22
C TYR A 1027 17.69 -12.52 5.56
N THR A 1028 18.02 -12.34 6.84
CA THR A 1028 19.42 -12.18 7.22
C THR A 1028 20.23 -13.44 6.96
N ASP A 1029 19.60 -14.62 7.03
CA ASP A 1029 20.35 -15.88 7.02
C ASP A 1029 20.01 -16.74 5.80
N LEU A 1030 20.02 -16.14 4.62
CA LEU A 1030 19.77 -16.88 3.39
C LEU A 1030 20.97 -17.78 3.05
N GLU A 1031 20.79 -18.59 2.01
CA GLU A 1031 21.86 -19.42 1.51
C GLU A 1031 22.89 -18.57 0.77
N LYS A 1032 24.16 -18.96 0.89
CA LYS A 1032 25.26 -18.19 0.32
C LYS A 1032 26.05 -19.07 -0.63
N GLU A 1033 26.44 -18.49 -1.77
CA GLU A 1033 27.14 -19.22 -2.81
C GLU A 1033 28.65 -19.25 -2.51
N ALA A 1034 29.44 -19.69 -3.49
CA ALA A 1034 30.88 -19.82 -3.28
C ALA A 1034 31.51 -18.45 -3.04
N PRO A 1035 32.59 -18.39 -2.26
CA PRO A 1035 33.24 -17.10 -2.00
C PRO A 1035 33.82 -16.49 -3.26
N TRP A 1036 33.87 -15.15 -3.27
CA TRP A 1036 34.36 -14.43 -4.44
C TRP A 1036 35.85 -14.65 -4.68
N GLU A 1037 36.61 -14.89 -3.61
CA GLU A 1037 38.04 -15.08 -3.72
C GLU A 1037 38.47 -16.33 -2.95
N TYR A 1038 39.50 -16.99 -3.47
CA TYR A 1038 40.04 -18.21 -2.87
C TYR A 1038 41.50 -17.98 -2.48
N GLN A 1039 42.02 -18.91 -1.68
CA GLN A 1039 43.41 -18.81 -1.24
C GLN A 1039 44.37 -18.94 -2.42
N LYS A 1040 44.07 -19.84 -3.36
CA LYS A 1040 44.92 -20.08 -4.52
C LYS A 1040 44.48 -19.16 -5.65
N ARG A 1041 45.36 -18.24 -6.06
CA ARG A 1041 45.03 -17.25 -7.07
C ARG A 1041 45.73 -17.59 -8.37
N PRO A 1042 45.05 -17.57 -9.50
CA PRO A 1042 45.71 -17.87 -10.78
C PRO A 1042 46.65 -16.75 -11.18
N PRO A 1043 47.58 -17.00 -12.11
CA PRO A 1043 48.45 -15.92 -12.58
C PRO A 1043 47.63 -14.80 -13.20
N PRO A 1044 48.06 -13.55 -13.02
CA PRO A 1044 47.26 -12.43 -13.53
C PRO A 1044 47.09 -12.42 -15.04
N ALA A 1045 47.97 -13.08 -15.79
CA ALA A 1045 47.87 -13.12 -17.24
C ALA A 1045 46.82 -14.12 -17.73
N TRP A 1046 46.33 -14.99 -16.87
CA TRP A 1046 45.31 -15.95 -17.28
C TRP A 1046 44.00 -15.21 -17.58
N PRO A 1047 43.31 -15.57 -18.67
CA PRO A 1047 43.65 -16.59 -19.66
C PRO A 1047 44.70 -16.13 -20.67
N HIS A 1048 45.74 -16.93 -20.89
CA HIS A 1048 46.77 -16.57 -21.87
C HIS A 1048 46.25 -16.72 -23.30
N GLU A 1049 45.57 -17.83 -23.59
CA GLU A 1049 45.11 -18.14 -24.94
C GLU A 1049 43.60 -18.16 -25.04
N GLY A 1050 42.93 -18.97 -24.23
CA GLY A 1050 41.48 -19.04 -24.26
C GLY A 1050 40.94 -20.38 -24.73
N VAL A 1051 41.67 -21.45 -24.46
CA VAL A 1051 41.23 -22.79 -24.83
C VAL A 1051 40.27 -23.30 -23.77
N ILE A 1052 39.11 -23.79 -24.20
CA ILE A 1052 38.05 -24.22 -23.29
C ILE A 1052 37.84 -25.72 -23.47
N ILE A 1053 37.65 -26.43 -22.35
CA ILE A 1053 37.40 -27.87 -22.37
C ILE A 1053 36.12 -28.14 -21.61
N PHE A 1054 35.15 -28.76 -22.26
CA PHE A 1054 33.93 -29.25 -21.62
C PHE A 1054 34.00 -30.77 -21.61
N ASP A 1055 33.90 -31.37 -20.42
CA ASP A 1055 34.00 -32.81 -20.25
C ASP A 1055 32.94 -33.26 -19.26
N ASN A 1056 31.92 -33.97 -19.76
CA ASN A 1056 30.88 -34.58 -18.93
C ASN A 1056 30.18 -33.52 -18.08
N VAL A 1057 29.54 -32.58 -18.77
CA VAL A 1057 28.88 -31.45 -18.14
C VAL A 1057 27.39 -31.78 -17.99
N ASN A 1058 26.97 -31.99 -16.75
CA ASN A 1058 25.55 -32.15 -16.41
C ASN A 1058 25.12 -30.92 -15.62
N PHE A 1059 24.13 -30.20 -16.14
CA PHE A 1059 23.71 -28.94 -15.57
C PHE A 1059 22.25 -29.05 -15.15
N MET A 1060 21.97 -28.72 -13.89
CA MET A 1060 20.61 -28.59 -13.38
C MET A 1060 20.48 -27.23 -12.72
N TYR A 1061 19.43 -26.49 -13.07
CA TYR A 1061 19.22 -25.17 -12.50
C TYR A 1061 18.99 -25.25 -11.00
N SER A 1062 18.23 -26.25 -10.54
CA SER A 1062 17.91 -26.45 -9.15
C SER A 1062 18.25 -27.89 -8.76
N PRO A 1063 18.56 -28.14 -7.49
CA PRO A 1063 18.88 -29.51 -7.08
C PRO A 1063 17.61 -30.36 -7.04
N GLY A 1064 17.66 -31.52 -7.70
CA GLY A 1064 16.50 -32.37 -7.87
C GLY A 1064 15.61 -32.02 -9.04
N GLY A 1065 15.95 -30.98 -9.80
CA GLY A 1065 15.17 -30.59 -10.95
C GLY A 1065 15.58 -31.34 -12.20
N PRO A 1066 14.90 -31.05 -13.32
CA PRO A 1066 15.24 -31.74 -14.58
C PRO A 1066 16.63 -31.36 -15.06
N LEU A 1067 17.29 -32.33 -15.70
CA LEU A 1067 18.61 -32.08 -16.27
C LEU A 1067 18.48 -31.28 -17.57
N VAL A 1068 19.38 -30.33 -17.76
CA VAL A 1068 19.36 -29.45 -18.93
C VAL A 1068 20.43 -29.85 -19.93
N LEU A 1069 21.65 -30.10 -19.47
CA LEU A 1069 22.75 -30.55 -20.31
C LEU A 1069 23.14 -31.96 -19.92
N LYS A 1070 23.32 -32.82 -20.91
CA LYS A 1070 23.56 -34.24 -20.69
C LYS A 1070 24.90 -34.63 -21.30
N HIS A 1071 25.94 -34.66 -20.46
CA HIS A 1071 27.26 -35.18 -20.81
C HIS A 1071 27.83 -34.48 -22.05
N LEU A 1072 28.01 -33.17 -21.92
CA LEU A 1072 28.59 -32.38 -23.01
C LEU A 1072 30.10 -32.58 -23.05
N THR A 1073 30.63 -32.82 -24.24
CA THR A 1073 32.05 -33.08 -24.42
C THR A 1073 32.53 -32.34 -25.67
N ALA A 1074 33.40 -31.35 -25.47
CA ALA A 1074 33.89 -30.54 -26.59
C ALA A 1074 35.16 -29.82 -26.19
N LEU A 1075 35.90 -29.35 -27.19
CA LEU A 1075 37.08 -28.55 -27.00
C LEU A 1075 37.03 -27.34 -27.94
N ILE A 1076 37.23 -26.15 -27.38
CA ILE A 1076 37.21 -24.91 -28.12
C ILE A 1076 38.63 -24.37 -28.16
N LYS A 1077 39.20 -24.33 -29.37
CA LYS A 1077 40.55 -23.84 -29.58
C LYS A 1077 40.59 -22.32 -29.47
N SER A 1078 41.77 -21.80 -29.14
CA SER A 1078 41.94 -20.37 -28.97
C SER A 1078 41.66 -19.61 -30.28
N GLN A 1079 41.05 -18.44 -30.16
CA GLN A 1079 40.78 -17.54 -31.27
C GLN A 1079 39.98 -18.22 -32.39
N GLU A 1080 38.97 -19.00 -32.04
CA GLU A 1080 38.07 -19.61 -33.00
C GLU A 1080 36.65 -19.11 -32.77
N LYS A 1081 35.91 -18.90 -33.85
CA LYS A 1081 34.55 -18.40 -33.78
C LYS A 1081 33.58 -19.57 -33.85
N VAL A 1082 32.80 -19.76 -32.79
CA VAL A 1082 31.88 -20.89 -32.69
C VAL A 1082 30.46 -20.35 -32.65
N GLY A 1083 29.61 -20.86 -33.55
CA GLY A 1083 28.21 -20.51 -33.57
C GLY A 1083 27.38 -21.54 -32.82
N ILE A 1084 26.23 -21.11 -32.32
CA ILE A 1084 25.40 -21.92 -31.44
C ILE A 1084 24.02 -22.07 -32.07
N VAL A 1085 23.61 -23.31 -32.32
CA VAL A 1085 22.36 -23.60 -33.00
C VAL A 1085 21.59 -24.67 -32.24
N GLY A 1086 20.30 -24.74 -32.51
CA GLY A 1086 19.43 -25.72 -31.90
C GLY A 1086 17.99 -25.23 -31.90
N ARG A 1087 17.13 -26.00 -31.25
CA ARG A 1087 15.74 -25.62 -31.12
C ARG A 1087 15.58 -24.50 -30.09
N THR A 1088 14.34 -24.01 -29.98
CA THR A 1088 14.04 -22.94 -29.03
C THR A 1088 14.19 -23.38 -27.58
N GLY A 1089 14.31 -24.68 -27.32
CA GLY A 1089 14.52 -25.17 -25.97
C GLY A 1089 15.70 -26.12 -25.89
N ALA A 1090 16.62 -25.99 -26.84
CA ALA A 1090 17.78 -26.88 -26.92
C ALA A 1090 18.79 -26.64 -25.81
N GLY A 1091 18.64 -25.57 -25.03
CA GLY A 1091 19.60 -25.26 -24.00
C GLY A 1091 20.75 -24.40 -24.44
N LYS A 1092 20.56 -23.57 -25.47
CA LYS A 1092 21.67 -22.76 -25.97
C LYS A 1092 22.13 -21.76 -24.93
N SER A 1093 21.20 -21.12 -24.22
CA SER A 1093 21.53 -20.14 -23.20
C SER A 1093 21.93 -20.78 -21.88
N SER A 1094 21.86 -22.11 -21.76
CA SER A 1094 22.27 -22.80 -20.57
C SER A 1094 23.78 -23.02 -20.50
N LEU A 1095 24.50 -22.79 -21.60
CA LEU A 1095 25.96 -22.94 -21.58
C LEU A 1095 26.65 -21.78 -20.89
N ILE A 1096 26.13 -20.57 -21.02
CA ILE A 1096 26.74 -19.43 -20.36
C ILE A 1096 26.58 -19.53 -18.85
N SER A 1097 25.46 -20.11 -18.38
CA SER A 1097 25.29 -20.31 -16.94
C SER A 1097 26.34 -21.28 -16.40
N ALA A 1098 26.61 -22.36 -17.13
CA ALA A 1098 27.64 -23.30 -16.71
C ALA A 1098 29.02 -22.66 -16.77
N LEU A 1099 29.29 -21.88 -17.81
CA LEU A 1099 30.60 -21.24 -17.94
C LEU A 1099 30.83 -20.22 -16.82
N PHE A 1100 29.82 -19.45 -16.48
CA PHE A 1100 29.92 -18.45 -15.42
C PHE A 1100 29.68 -19.04 -14.03
N ARG A 1101 29.26 -20.30 -13.94
CA ARG A 1101 28.95 -20.95 -12.68
C ARG A 1101 27.89 -20.18 -11.89
N LEU A 1102 26.88 -19.68 -12.61
CA LEU A 1102 25.75 -19.05 -11.93
C LEU A 1102 25.02 -20.05 -11.05
N SER A 1103 24.83 -21.27 -11.57
CA SER A 1103 24.36 -22.40 -10.77
C SER A 1103 25.41 -23.50 -10.86
N GLU A 1104 25.79 -24.05 -9.71
CA GLU A 1104 26.90 -24.98 -9.60
C GLU A 1104 26.71 -26.19 -10.53
N PRO A 1105 27.50 -26.29 -11.59
CA PRO A 1105 27.34 -27.40 -12.53
C PRO A 1105 28.06 -28.65 -12.05
N GLU A 1106 27.75 -29.76 -12.70
CA GLU A 1106 28.39 -31.05 -12.43
C GLU A 1106 29.33 -31.37 -13.58
N GLY A 1107 30.59 -31.66 -13.25
CA GLY A 1107 31.59 -32.00 -14.24
C GLY A 1107 32.85 -31.18 -14.04
N LYS A 1108 33.66 -31.12 -15.09
CA LYS A 1108 34.90 -30.38 -15.07
C LYS A 1108 34.98 -29.50 -16.31
N ILE A 1109 35.29 -28.22 -16.09
CA ILE A 1109 35.49 -27.24 -17.16
C ILE A 1109 36.88 -26.67 -17.03
N TRP A 1110 37.67 -26.76 -18.10
CA TRP A 1110 39.06 -26.32 -18.09
C TRP A 1110 39.23 -25.12 -18.99
N ILE A 1111 39.80 -24.05 -18.46
CA ILE A 1111 40.14 -22.85 -19.23
C ILE A 1111 41.63 -22.61 -19.04
N ASP A 1112 42.39 -22.69 -20.14
CA ASP A 1112 43.85 -22.50 -20.10
C ASP A 1112 44.48 -23.34 -19.00
N LYS A 1113 44.00 -24.58 -18.89
CA LYS A 1113 44.49 -25.55 -17.90
C LYS A 1113 44.30 -25.05 -16.46
N ILE A 1114 43.14 -24.45 -16.17
CA ILE A 1114 42.69 -24.27 -14.79
C ILE A 1114 41.23 -24.70 -14.71
N LEU A 1115 40.90 -25.42 -13.65
CA LEU A 1115 39.52 -25.83 -13.41
C LEU A 1115 38.72 -24.67 -12.85
N THR A 1116 37.45 -24.56 -13.27
CA THR A 1116 36.62 -23.45 -12.85
C THR A 1116 36.11 -23.59 -11.42
N THR A 1117 36.22 -24.77 -10.83
CA THR A 1117 35.67 -25.04 -9.51
C THR A 1117 36.68 -24.83 -8.38
N GLU A 1118 37.92 -24.44 -8.70
CA GLU A 1118 38.94 -24.22 -7.68
C GLU A 1118 39.36 -22.75 -7.59
N ILE A 1119 38.56 -21.85 -8.12
CA ILE A 1119 38.85 -20.42 -8.07
C ILE A 1119 37.55 -19.67 -7.76
N GLY A 1120 37.67 -18.59 -6.98
CA GLY A 1120 36.50 -17.83 -6.60
C GLY A 1120 35.78 -17.23 -7.80
N LEU A 1121 34.49 -16.94 -7.60
CA LEU A 1121 33.64 -16.48 -8.69
C LEU A 1121 34.11 -15.14 -9.24
N HIS A 1122 34.51 -14.22 -8.37
CA HIS A 1122 34.93 -12.91 -8.82
C HIS A 1122 36.25 -12.94 -9.58
N ASP A 1123 37.06 -13.98 -9.38
CA ASP A 1123 38.29 -14.15 -10.13
C ASP A 1123 38.09 -14.92 -11.43
N LEU A 1124 36.90 -15.48 -11.66
CA LEU A 1124 36.60 -16.22 -12.88
C LEU A 1124 35.69 -15.44 -13.83
N ARG A 1125 34.66 -14.79 -13.30
CA ARG A 1125 33.73 -14.04 -14.15
C ARG A 1125 34.34 -12.77 -14.72
N LYS A 1126 35.40 -12.24 -14.10
CA LYS A 1126 35.97 -10.97 -14.53
C LYS A 1126 36.76 -11.10 -15.82
N LYS A 1127 37.22 -12.30 -16.18
CA LYS A 1127 38.09 -12.49 -17.33
C LYS A 1127 37.34 -12.89 -18.60
N MET A 1128 36.02 -13.00 -18.54
CA MET A 1128 35.20 -13.34 -19.69
C MET A 1128 34.06 -12.34 -19.80
N SER A 1129 33.87 -11.78 -21.00
CA SER A 1129 32.87 -10.74 -21.22
C SER A 1129 31.61 -11.33 -21.84
N ILE A 1130 30.47 -10.72 -21.49
CA ILE A 1130 29.15 -11.18 -21.92
C ILE A 1130 28.41 -10.02 -22.58
N ILE A 1131 27.70 -10.32 -23.65
CA ILE A 1131 26.77 -9.40 -24.28
C ILE A 1131 25.39 -10.02 -24.24
N PRO A 1132 24.54 -9.60 -23.32
CA PRO A 1132 23.27 -10.28 -23.08
C PRO A 1132 22.24 -9.93 -24.15
N GLN A 1133 21.08 -10.59 -24.06
CA GLN A 1133 20.01 -10.36 -25.02
C GLN A 1133 19.48 -8.94 -24.92
N GLU A 1134 18.98 -8.56 -23.74
CA GLU A 1134 18.46 -7.22 -23.53
C GLU A 1134 19.47 -6.40 -22.75
N PRO A 1135 20.14 -5.43 -23.37
CA PRO A 1135 21.09 -4.59 -22.62
C PRO A 1135 20.37 -3.75 -21.58
N VAL A 1136 21.08 -3.49 -20.47
CA VAL A 1136 20.55 -2.71 -19.37
C VAL A 1136 21.56 -1.62 -19.02
N LEU A 1137 21.07 -0.40 -18.85
CA LEU A 1137 21.89 0.73 -18.40
C LEU A 1137 21.40 1.17 -17.03
N PHE A 1138 22.33 1.31 -16.09
CA PHE A 1138 22.00 1.68 -14.73
C PHE A 1138 22.00 3.19 -14.57
N THR A 1139 21.08 3.69 -13.75
CA THR A 1139 20.92 5.13 -13.55
C THR A 1139 22.18 5.75 -12.97
N GLY A 1140 22.86 6.58 -13.77
CA GLY A 1140 24.08 7.21 -13.33
C GLY A 1140 24.79 7.86 -14.49
N THR A 1141 26.01 8.31 -14.22
CA THR A 1141 26.82 8.95 -15.25
C THR A 1141 27.30 7.92 -16.27
N MET A 1142 27.65 8.41 -17.46
CA MET A 1142 28.18 7.53 -18.49
C MET A 1142 29.52 6.95 -18.08
N ARG A 1143 30.34 7.73 -17.37
CA ARG A 1143 31.57 7.19 -16.83
C ARG A 1143 31.30 6.04 -15.86
N LYS A 1144 30.26 6.19 -15.03
CA LYS A 1144 29.86 5.10 -14.14
C LYS A 1144 29.40 3.88 -14.94
N ASN A 1145 28.60 4.10 -15.99
CA ASN A 1145 28.06 2.98 -16.76
C ASN A 1145 29.13 2.26 -17.57
N LEU A 1146 30.21 2.94 -17.95
CA LEU A 1146 31.26 2.32 -18.75
C LEU A 1146 32.48 1.90 -17.94
N ASP A 1147 32.61 2.37 -16.70
CA ASP A 1147 33.75 2.03 -15.87
C ASP A 1147 33.43 2.31 -14.41
N PRO A 1148 32.63 1.46 -13.76
CA PRO A 1148 32.27 1.72 -12.35
C PRO A 1148 33.45 1.69 -11.40
N PHE A 1149 34.57 1.05 -11.78
CA PHE A 1149 35.72 0.91 -10.91
C PHE A 1149 36.87 1.84 -11.29
N ASN A 1150 36.58 2.92 -12.03
CA ASN A 1150 37.54 3.98 -12.40
C ASN A 1150 38.91 3.43 -12.80
N GLU A 1151 38.91 2.27 -13.44
CA GLU A 1151 40.14 1.60 -13.84
C GLU A 1151 40.71 2.11 -15.15
N HIS A 1152 40.02 3.00 -15.84
CA HIS A 1152 40.44 3.49 -17.14
C HIS A 1152 40.48 5.01 -17.14
N THR A 1153 40.83 5.59 -18.29
CA THR A 1153 40.99 7.02 -18.43
C THR A 1153 39.93 7.59 -19.37
N ASP A 1154 39.70 8.89 -19.25
CA ASP A 1154 38.70 9.56 -20.08
C ASP A 1154 39.05 9.48 -21.55
N GLU A 1155 40.35 9.61 -21.88
CA GLU A 1155 40.76 9.49 -23.27
C GLU A 1155 40.48 8.08 -23.81
N GLU A 1156 40.73 7.05 -22.99
CA GLU A 1156 40.44 5.69 -23.41
C GLU A 1156 38.93 5.48 -23.62
N LEU A 1157 38.12 6.03 -22.71
CA LEU A 1157 36.67 5.91 -22.86
C LEU A 1157 36.18 6.62 -24.12
N TRP A 1158 36.73 7.80 -24.41
CA TRP A 1158 36.36 8.51 -25.63
C TRP A 1158 36.80 7.75 -26.86
N ASN A 1159 37.98 7.11 -26.81
CA ASN A 1159 38.42 6.28 -27.92
C ASN A 1159 37.47 5.11 -28.15
N ALA A 1160 37.03 4.47 -27.06
CA ALA A 1160 36.08 3.37 -27.18
C ALA A 1160 34.75 3.86 -27.77
N LEU A 1161 34.28 5.02 -27.32
CA LEU A 1161 33.03 5.55 -27.85
C LEU A 1161 33.16 5.90 -29.33
N GLN A 1162 34.32 6.43 -29.74
CA GLN A 1162 34.55 6.67 -31.16
C GLN A 1162 34.58 5.37 -31.94
N GLU A 1163 35.16 4.32 -31.35
CA GLU A 1163 35.14 3.01 -31.99
C GLU A 1163 33.71 2.50 -32.17
N VAL A 1164 32.85 2.75 -31.19
CA VAL A 1164 31.45 2.36 -31.31
C VAL A 1164 30.59 3.44 -31.94
N GLN A 1165 31.18 4.56 -32.35
CA GLN A 1165 30.51 5.64 -33.10
C GLN A 1165 29.40 6.31 -32.30
N LEU A 1166 29.38 6.14 -30.97
CA LEU A 1166 28.44 6.83 -30.11
C LEU A 1166 29.04 8.06 -29.44
N LYS A 1167 30.29 8.39 -29.76
CA LYS A 1167 30.95 9.53 -29.11
C LYS A 1167 30.26 10.85 -29.46
N GLU A 1168 29.88 11.03 -30.73
CA GLU A 1168 29.24 12.28 -31.12
C GLU A 1168 27.85 12.42 -30.49
N THR A 1169 27.13 11.31 -30.33
CA THR A 1169 25.85 11.35 -29.64
C THR A 1169 26.04 11.62 -28.15
N ILE A 1170 27.13 11.11 -27.57
CA ILE A 1170 27.41 11.37 -26.16
C ILE A 1170 27.72 12.84 -25.93
N GLU A 1171 28.55 13.44 -26.81
CA GLU A 1171 29.02 14.81 -26.59
C GLU A 1171 28.11 15.85 -27.26
N ASP A 1172 26.82 15.79 -26.97
CA ASP A 1172 25.91 16.88 -27.29
C ASP A 1172 24.83 17.09 -26.23
N LEU A 1173 24.79 16.25 -25.20
CA LEU A 1173 23.88 16.43 -24.09
C LEU A 1173 24.35 17.61 -23.23
N PRO A 1174 23.49 18.11 -22.33
CA PRO A 1174 23.93 19.22 -21.45
C PRO A 1174 25.22 18.94 -20.73
N GLY A 1175 25.44 17.70 -20.28
CA GLY A 1175 26.73 17.31 -19.74
C GLY A 1175 27.57 16.58 -20.79
N LYS A 1176 28.89 16.72 -20.66
CA LYS A 1176 29.78 16.05 -21.60
C LYS A 1176 29.72 14.54 -21.42
N MET A 1177 29.87 14.06 -20.19
CA MET A 1177 29.83 12.63 -19.91
C MET A 1177 29.07 12.27 -18.65
N ASP A 1178 28.55 13.25 -17.90
CA ASP A 1178 27.92 13.01 -16.61
C ASP A 1178 26.41 13.26 -16.66
N THR A 1179 25.77 12.83 -17.74
CA THR A 1179 24.33 13.04 -17.92
C THR A 1179 23.57 11.87 -17.31
N GLU A 1180 22.72 12.17 -16.34
CA GLU A 1180 21.89 11.15 -15.73
C GLU A 1180 20.85 10.63 -16.71
N LEU A 1181 20.53 9.34 -16.58
CA LEU A 1181 19.56 8.69 -17.45
C LEU A 1181 18.41 8.12 -16.61
N ALA A 1182 17.40 7.63 -17.32
CA ALA A 1182 16.22 7.05 -16.68
C ALA A 1182 16.37 5.54 -16.56
N GLU A 1183 15.32 4.87 -16.13
CA GLU A 1183 15.35 3.42 -15.91
C GLU A 1183 15.71 2.71 -17.21
N SER A 1184 16.83 1.99 -17.20
CA SER A 1184 17.33 1.25 -18.35
C SER A 1184 17.56 2.16 -19.57
N GLY A 1185 17.80 3.44 -19.32
CA GLY A 1185 18.00 4.38 -20.40
C GLY A 1185 16.80 4.51 -21.31
N SER A 1186 15.63 4.81 -20.72
CA SER A 1186 14.39 4.88 -21.49
C SER A 1186 14.48 5.92 -22.61
N ASN A 1187 15.32 6.94 -22.45
CA ASN A 1187 15.53 7.92 -23.50
C ASN A 1187 16.53 7.46 -24.54
N PHE A 1188 17.15 6.30 -24.37
CA PHE A 1188 18.08 5.73 -25.32
C PHE A 1188 17.41 4.59 -26.09
N SER A 1189 17.84 4.39 -27.33
CA SER A 1189 17.29 3.34 -28.17
C SER A 1189 17.87 1.99 -27.81
N VAL A 1190 17.20 0.93 -28.25
CA VAL A 1190 17.68 -0.43 -28.03
C VAL A 1190 19.02 -0.63 -28.72
N GLY A 1191 19.15 -0.15 -29.95
CA GLY A 1191 20.43 -0.21 -30.62
C GLY A 1191 21.51 0.56 -29.89
N GLN A 1192 21.16 1.71 -29.31
CA GLN A 1192 22.11 2.46 -28.50
C GLN A 1192 22.56 1.66 -27.28
N ARG A 1193 21.62 0.96 -26.64
CA ARG A 1193 21.97 0.13 -25.49
C ARG A 1193 22.89 -1.01 -25.89
N GLN A 1194 22.61 -1.66 -27.03
CA GLN A 1194 23.50 -2.72 -27.51
C GLN A 1194 24.88 -2.17 -27.84
N LEU A 1195 24.94 -0.97 -28.42
CA LEU A 1195 26.22 -0.36 -28.75
C LEU A 1195 27.00 0.00 -27.48
N VAL A 1196 26.29 0.43 -26.43
CA VAL A 1196 26.92 0.71 -25.15
C VAL A 1196 27.48 -0.59 -24.55
N CYS A 1197 26.74 -1.68 -24.67
CA CYS A 1197 27.25 -2.96 -24.19
C CYS A 1197 28.49 -3.39 -24.96
N LEU A 1198 28.49 -3.16 -26.28
CA LEU A 1198 29.66 -3.46 -27.08
C LEU A 1198 30.85 -2.60 -26.64
N ALA A 1199 30.60 -1.33 -26.33
CA ALA A 1199 31.65 -0.46 -25.82
C ALA A 1199 32.18 -0.96 -24.49
N ARG A 1200 31.30 -1.46 -23.62
CA ARG A 1200 31.74 -2.05 -22.36
C ARG A 1200 32.64 -3.24 -22.60
N ALA A 1201 32.27 -4.11 -23.54
CA ALA A 1201 33.10 -5.26 -23.88
C ALA A 1201 34.46 -4.83 -24.41
N ILE A 1202 34.47 -3.81 -25.27
CA ILE A 1202 35.72 -3.30 -25.82
C ILE A 1202 36.61 -2.76 -24.71
N LEU A 1203 36.02 -2.01 -23.78
CA LEU A 1203 36.80 -1.46 -22.66
C LEU A 1203 37.36 -2.57 -21.78
N ARG A 1204 36.57 -3.60 -21.51
CA ARG A 1204 37.07 -4.71 -20.70
C ARG A 1204 38.17 -5.48 -21.42
N LYS A 1205 38.08 -5.57 -22.75
CA LYS A 1205 39.14 -6.11 -23.62
C LYS A 1205 39.74 -7.41 -23.08
N ASN A 1206 38.88 -8.31 -22.66
CA ASN A 1206 39.31 -9.63 -22.23
C ASN A 1206 39.41 -10.57 -23.43
N GLN A 1207 40.04 -11.72 -23.21
CA GLN A 1207 40.29 -12.66 -24.30
C GLN A 1207 39.04 -13.42 -24.73
N ILE A 1208 38.17 -13.76 -23.78
CA ILE A 1208 36.98 -14.58 -24.07
C ILE A 1208 35.77 -13.68 -24.13
N LEU A 1209 35.08 -13.68 -25.28
CA LEU A 1209 33.89 -12.88 -25.50
C LEU A 1209 32.73 -13.81 -25.85
N ILE A 1210 31.59 -13.60 -25.21
CA ILE A 1210 30.39 -14.38 -25.49
C ILE A 1210 29.24 -13.43 -25.77
N ILE A 1211 28.51 -13.71 -26.85
CA ILE A 1211 27.34 -12.93 -27.24
C ILE A 1211 26.12 -13.85 -27.19
N ASP A 1212 25.03 -13.35 -26.61
CA ASP A 1212 23.82 -14.15 -26.41
C ASP A 1212 22.63 -13.39 -26.96
N GLU A 1213 22.13 -13.81 -28.13
CA GLU A 1213 20.90 -13.30 -28.71
C GLU A 1213 20.96 -11.77 -28.88
N ALA A 1214 21.90 -11.34 -29.72
CA ALA A 1214 22.17 -9.91 -29.86
C ALA A 1214 21.00 -9.18 -30.52
N THR A 1215 20.64 -9.57 -31.74
CA THR A 1215 19.64 -8.87 -32.54
C THR A 1215 18.31 -9.63 -32.48
N ALA A 1216 17.29 -8.99 -31.92
CA ALA A 1216 15.95 -9.56 -31.86
C ALA A 1216 14.92 -8.69 -32.58
N ASN A 1217 14.78 -7.43 -32.20
CA ASN A 1217 13.82 -6.53 -32.81
C ASN A 1217 14.46 -5.16 -33.07
N VAL A 1218 15.68 -5.16 -33.58
CA VAL A 1218 16.41 -3.94 -33.85
C VAL A 1218 16.39 -3.67 -35.34
N ASP A 1219 16.62 -2.42 -35.72
CA ASP A 1219 16.59 -2.04 -37.12
C ASP A 1219 17.77 -2.67 -37.86
N PRO A 1220 17.60 -2.95 -39.16
CA PRO A 1220 18.67 -3.60 -39.93
C PRO A 1220 19.97 -2.80 -39.96
N ARG A 1221 19.89 -1.47 -39.98
CA ARG A 1221 21.10 -0.65 -39.99
C ARG A 1221 21.93 -0.89 -38.73
N THR A 1222 21.30 -0.81 -37.56
CA THR A 1222 22.01 -1.06 -36.32
C THR A 1222 22.44 -2.52 -36.21
N ASP A 1223 21.65 -3.45 -36.74
CA ASP A 1223 22.06 -4.86 -36.71
C ASP A 1223 23.34 -5.06 -37.51
N GLU A 1224 23.40 -4.50 -38.72
CA GLU A 1224 24.60 -4.60 -39.54
C GLU A 1224 25.78 -3.91 -38.86
N LEU A 1225 25.54 -2.74 -38.26
CA LEU A 1225 26.59 -2.04 -37.55
C LEU A 1225 27.17 -2.90 -36.44
N ILE A 1226 26.31 -3.48 -35.61
CA ILE A 1226 26.77 -4.29 -34.49
C ILE A 1226 27.53 -5.51 -34.99
N GLN A 1227 27.00 -6.20 -36.00
CA GLN A 1227 27.66 -7.39 -36.51
C GLN A 1227 29.04 -7.05 -37.07
N LYS A 1228 29.13 -5.99 -37.86
CA LYS A 1228 30.40 -5.59 -38.47
C LYS A 1228 31.42 -5.18 -37.41
N LYS A 1229 31.00 -4.37 -36.44
CA LYS A 1229 31.93 -3.94 -35.38
C LYS A 1229 32.40 -5.14 -34.56
N ILE A 1230 31.50 -6.05 -34.22
CA ILE A 1230 31.88 -7.24 -33.45
C ILE A 1230 32.86 -8.09 -34.25
N ARG A 1231 32.60 -8.26 -35.55
CA ARG A 1231 33.49 -9.06 -36.38
C ARG A 1231 34.88 -8.45 -36.46
N GLU A 1232 34.97 -7.13 -36.62
CA GLU A 1232 36.25 -6.49 -36.85
C GLU A 1232 37.05 -6.21 -35.58
N LYS A 1233 36.39 -5.93 -34.46
CA LYS A 1233 37.08 -5.47 -33.27
C LYS A 1233 37.71 -6.58 -32.45
N PHE A 1234 37.21 -7.82 -32.55
CA PHE A 1234 37.67 -8.93 -31.73
C PHE A 1234 38.29 -10.02 -32.59
N ALA A 1235 39.16 -9.62 -33.52
CA ALA A 1235 39.78 -10.57 -34.41
C ALA A 1235 40.66 -11.58 -33.66
N HIS A 1236 41.43 -11.11 -32.69
CA HIS A 1236 42.37 -11.96 -31.96
C HIS A 1236 41.83 -12.36 -30.58
N CYS A 1237 40.52 -12.45 -30.44
CA CYS A 1237 39.88 -12.85 -29.19
C CYS A 1237 38.88 -13.95 -29.48
N THR A 1238 38.90 -15.02 -28.68
CA THR A 1238 37.95 -16.11 -28.84
C THR A 1238 36.53 -15.58 -28.63
N VAL A 1239 35.63 -15.95 -29.54
CA VAL A 1239 34.26 -15.46 -29.54
C VAL A 1239 33.31 -16.64 -29.64
N LEU A 1240 32.35 -16.72 -28.70
CA LEU A 1240 31.27 -17.68 -28.74
C LEU A 1240 29.96 -16.92 -28.88
N THR A 1241 29.20 -17.22 -29.92
CA THR A 1241 27.98 -16.48 -30.23
C THR A 1241 26.78 -17.43 -30.27
N ILE A 1242 25.70 -17.02 -29.63
CA ILE A 1242 24.43 -17.75 -29.65
C ILE A 1242 23.45 -16.89 -30.43
N ALA A 1243 23.01 -17.36 -31.58
CA ALA A 1243 22.12 -16.60 -32.45
C ALA A 1243 20.91 -17.45 -32.84
N HIS A 1244 19.71 -16.88 -32.69
CA HIS A 1244 18.50 -17.56 -33.13
C HIS A 1244 18.39 -17.64 -34.64
N ARG A 1245 19.13 -16.78 -35.36
CA ARG A 1245 19.12 -16.76 -36.81
C ARG A 1245 20.49 -17.16 -37.34
N LEU A 1246 20.50 -17.89 -38.45
CA LEU A 1246 21.73 -18.39 -39.02
C LEU A 1246 22.46 -17.36 -39.87
N ASN A 1247 21.85 -16.21 -40.15
CA ASN A 1247 22.50 -15.21 -40.99
C ASN A 1247 23.75 -14.64 -40.32
N THR A 1248 23.69 -14.41 -39.00
CA THR A 1248 24.82 -13.82 -38.30
C THR A 1248 25.95 -14.83 -38.06
N ILE A 1249 25.62 -16.09 -37.84
CA ILE A 1249 26.60 -17.10 -37.46
C ILE A 1249 26.90 -18.05 -38.61
N ILE A 1250 26.66 -17.63 -39.85
CA ILE A 1250 26.95 -18.49 -40.99
C ILE A 1250 28.44 -18.65 -41.20
N ASP A 1251 29.22 -17.61 -40.89
CA ASP A 1251 30.66 -17.61 -41.14
C ASP A 1251 31.48 -18.20 -40.01
N SER A 1252 30.83 -18.71 -38.96
CA SER A 1252 31.56 -19.24 -37.82
C SER A 1252 32.38 -20.47 -38.22
N ASP A 1253 33.54 -20.63 -37.58
CA ASP A 1253 34.41 -21.76 -37.88
C ASP A 1253 33.75 -23.09 -37.51
N LYS A 1254 33.12 -23.17 -36.34
CA LYS A 1254 32.50 -24.40 -35.86
C LYS A 1254 31.12 -24.09 -35.30
N ILE A 1255 30.27 -25.12 -35.26
CA ILE A 1255 28.89 -24.97 -34.78
C ILE A 1255 28.56 -26.10 -33.83
N MET A 1256 28.10 -25.76 -32.63
CA MET A 1256 27.51 -26.75 -31.75
C MET A 1256 26.09 -27.05 -32.20
N VAL A 1257 25.72 -28.32 -32.17
CA VAL A 1257 24.35 -28.75 -32.43
C VAL A 1257 23.81 -29.32 -31.14
N LEU A 1258 22.72 -28.74 -30.65
CA LEU A 1258 22.11 -29.12 -29.38
C LEU A 1258 20.73 -29.70 -29.64
N ASP A 1259 20.47 -30.87 -29.07
CA ASP A 1259 19.18 -31.54 -29.14
C ASP A 1259 18.77 -31.88 -27.71
N SER A 1260 17.93 -31.03 -27.12
CA SER A 1260 17.43 -31.23 -25.75
C SER A 1260 18.58 -31.44 -24.77
N GLY A 1261 19.64 -30.66 -24.95
CA GLY A 1261 20.81 -30.77 -24.09
C GLY A 1261 21.80 -31.85 -24.47
N ARG A 1262 21.69 -32.42 -25.66
CA ARG A 1262 22.63 -33.42 -26.15
C ARG A 1262 23.42 -32.84 -27.30
N LEU A 1263 24.75 -32.95 -27.21
CA LEU A 1263 25.63 -32.43 -28.26
C LEU A 1263 25.70 -33.43 -29.40
N LYS A 1264 25.20 -33.05 -30.56
CA LYS A 1264 25.11 -33.95 -31.70
C LYS A 1264 26.31 -33.81 -32.64
N GLU A 1265 26.52 -32.61 -33.18
CA GLU A 1265 27.53 -32.37 -34.20
C GLU A 1265 28.41 -31.19 -33.83
N TYR A 1266 29.72 -31.34 -34.08
CA TYR A 1266 30.68 -30.26 -33.89
C TYR A 1266 31.72 -30.36 -34.99
N ASP A 1267 31.61 -29.50 -36.00
CA ASP A 1267 32.58 -29.40 -37.08
C ASP A 1267 32.27 -28.12 -37.85
N GLU A 1268 32.93 -27.95 -39.00
CA GLU A 1268 32.67 -26.79 -39.84
C GLU A 1268 31.24 -26.83 -40.36
N PRO A 1269 30.60 -25.66 -40.53
CA PRO A 1269 29.22 -25.65 -41.07
C PRO A 1269 29.13 -26.24 -42.46
N TYR A 1270 30.18 -26.13 -43.28
CA TYR A 1270 30.16 -26.72 -44.61
C TYR A 1270 30.04 -28.23 -44.54
N VAL A 1271 30.76 -28.86 -43.60
CA VAL A 1271 30.68 -30.31 -43.44
C VAL A 1271 29.27 -30.72 -43.02
N LEU A 1272 28.66 -29.96 -42.11
CA LEU A 1272 27.30 -30.27 -41.67
C LEU A 1272 26.31 -30.11 -42.83
N LEU A 1273 26.49 -29.07 -43.65
CA LEU A 1273 25.59 -28.86 -44.78
C LEU A 1273 25.78 -29.90 -45.86
N GLN A 1274 26.98 -30.49 -45.95
CA GLN A 1274 27.21 -31.55 -46.94
C GLN A 1274 26.31 -32.74 -46.70
N ASN A 1275 26.14 -33.15 -45.45
CA ASN A 1275 25.30 -34.28 -45.09
C ASN A 1275 23.90 -33.76 -44.77
N LYS A 1276 22.90 -34.23 -45.54
CA LYS A 1276 21.53 -33.77 -45.34
C LYS A 1276 20.92 -34.30 -44.04
N GLU A 1277 21.44 -35.41 -43.50
CA GLU A 1277 20.92 -35.94 -42.25
C GLU A 1277 21.28 -35.10 -41.04
N SER A 1278 22.22 -34.16 -41.17
CA SER A 1278 22.59 -33.30 -40.07
C SER A 1278 21.44 -32.38 -39.70
N LEU A 1279 21.29 -32.11 -38.39
CA LEU A 1279 20.25 -31.20 -37.93
C LEU A 1279 20.45 -29.80 -38.48
N PHE A 1280 21.69 -29.42 -38.75
CA PHE A 1280 21.97 -28.11 -39.34
C PHE A 1280 21.30 -27.99 -40.71
N TYR A 1281 21.43 -29.03 -41.54
CA TYR A 1281 20.78 -29.01 -42.85
C TYR A 1281 19.26 -28.99 -42.73
N LYS A 1282 18.72 -29.75 -41.78
CA LYS A 1282 17.27 -29.75 -41.58
C LYS A 1282 16.75 -28.37 -41.19
N MET A 1283 17.44 -27.71 -40.26
CA MET A 1283 17.01 -26.38 -39.85
C MET A 1283 17.21 -25.37 -40.98
N VAL A 1284 18.26 -25.56 -41.79
CA VAL A 1284 18.48 -24.68 -42.93
C VAL A 1284 17.33 -24.82 -43.93
N GLN A 1285 16.92 -26.06 -44.21
CA GLN A 1285 15.80 -26.28 -45.12
C GLN A 1285 14.48 -25.79 -44.52
N GLN A 1286 14.39 -25.76 -43.19
CA GLN A 1286 13.16 -25.28 -42.55
C GLN A 1286 12.90 -23.81 -42.87
N LEU A 1287 13.96 -23.00 -42.95
CA LEU A 1287 13.79 -21.57 -43.23
C LEU A 1287 13.18 -21.35 -44.61
N GLY A 1288 13.66 -22.07 -45.61
CA GLY A 1288 13.16 -21.89 -46.98
C GLY A 1288 14.13 -22.47 -47.98
N LYS A 1289 14.11 -21.88 -49.19
CA LYS A 1289 14.96 -22.33 -50.29
C LYS A 1289 15.99 -21.28 -50.69
N ALA A 1290 15.55 -20.06 -51.01
CA ALA A 1290 16.48 -19.03 -51.44
C ALA A 1290 17.44 -18.64 -50.32
N GLU A 1291 16.91 -18.44 -49.12
CA GLU A 1291 17.77 -18.13 -47.98
C GLU A 1291 18.68 -19.32 -47.66
N ALA A 1292 18.16 -20.53 -47.79
CA ALA A 1292 18.98 -21.72 -47.58
C ALA A 1292 20.13 -21.77 -48.58
N ALA A 1293 19.84 -21.49 -49.86
CA ALA A 1293 20.89 -21.49 -50.87
C ALA A 1293 21.92 -20.41 -50.61
N ALA A 1294 21.47 -19.22 -50.20
CA ALA A 1294 22.40 -18.14 -49.89
C ALA A 1294 23.29 -18.51 -48.71
N LEU A 1295 22.71 -19.11 -47.68
CA LEU A 1295 23.50 -19.54 -46.52
C LEU A 1295 24.52 -20.60 -46.91
N THR A 1296 24.11 -21.57 -47.74
CA THR A 1296 25.04 -22.60 -48.20
C THR A 1296 26.17 -22.00 -49.01
N GLU A 1297 25.85 -21.04 -49.89
CA GLU A 1297 26.89 -20.40 -50.69
C GLU A 1297 27.86 -19.62 -49.80
N THR A 1298 27.33 -18.91 -48.79
CA THR A 1298 28.20 -18.15 -47.89
C THR A 1298 29.10 -19.09 -47.09
N ALA A 1299 28.55 -20.21 -46.60
CA ALA A 1299 29.36 -21.16 -45.85
C ALA A 1299 30.44 -21.77 -46.73
N LYS A 1300 30.10 -22.11 -47.98
CA LYS A 1300 31.09 -22.64 -48.90
C LYS A 1300 32.19 -21.62 -49.18
N GLN A 1301 31.82 -20.35 -49.37
CA GLN A 1301 32.82 -19.32 -49.62
C GLN A 1301 33.74 -19.15 -48.42
N VAL A 1302 33.17 -19.17 -47.20
CA VAL A 1302 33.98 -19.02 -45.99
C VAL A 1302 34.94 -20.19 -45.87
N TYR A 1303 34.44 -21.41 -46.09
CA TYR A 1303 35.29 -22.60 -45.99
C TYR A 1303 36.41 -22.55 -47.02
N PHE A 1304 36.11 -22.15 -48.25
CA PHE A 1304 37.13 -22.08 -49.28
C PHE A 1304 38.17 -21.01 -48.97
N LYS A 1305 37.73 -19.84 -48.51
CA LYS A 1305 38.66 -18.76 -48.21
C LYS A 1305 39.56 -19.09 -47.03
N ARG A 1306 39.00 -19.73 -46.00
CA ARG A 1306 39.79 -20.01 -44.79
C ARG A 1306 40.71 -21.22 -44.98
N ASN A 1307 40.12 -22.38 -45.27
CA ASN A 1307 40.90 -23.62 -45.29
C ASN A 1307 41.78 -23.73 -46.53
N TYR A 1308 41.42 -23.07 -47.63
CA TYR A 1308 42.14 -23.17 -48.89
C TYR A 1308 42.48 -21.78 -49.39
N PRO A 1309 43.50 -21.14 -48.81
CA PRO A 1309 43.90 -19.79 -49.20
C PRO A 1309 44.72 -19.76 -50.49
C10 R1Q B . -2.92 7.83 26.07
C13 R1Q B . -0.44 7.96 27.45
C15 R1Q B . 0.18 9.67 22.62
C20 R1Q B . -0.41 8.79 21.49
C21 R1Q B . 0.46 7.96 20.81
C22 R1Q B . 0.02 7.16 19.80
C24 R1Q B . -2.24 7.96 20.13
C01 R1Q B . 0.01 12.35 23.26
C02 R1Q B . 0.52 11.98 24.64
C04 R1Q B . 2.24 10.61 25.67
C05 R1Q B . 1.87 9.14 25.47
C06 R1Q B . 0.42 8.90 25.16
C07 R1Q B . -0.25 9.11 23.98
C09 R1Q B . -1.76 8.30 25.45
C11 R1Q B . -2.80 7.43 27.38
C12 R1Q B . -1.59 7.50 28.07
C14 R1Q B . -0.52 8.38 26.11
C16 R1Q B . 1.67 9.67 22.22
C19 R1Q B . 3.78 8.64 22.38
C23 R1Q B . -1.33 7.14 19.45
C25 R1Q B . -1.77 8.78 21.15
C27 R1Q B . -4.03 9.52 21.46
C29 R1Q B . -2.79 5.73 18.03
C31 R1Q B . -0.24 5.84 17.81
C32 R1Q B . 0.14 6.37 16.40
C34 R1Q B . -1.02 6.29 15.41
C37 R1Q B . -1.83 5.19 13.48
C38 R1Q B . 0.72 7.80 16.50
C40 R1Q B . 0.08 9.13 14.59
C41 R1Q B . 0.49 9.48 13.20
C43 R1Q B . 2.03 7.90 17.33
C44 R1Q B . 2.08 9.29 18.01
C45 R1Q B . 2.16 10.49 17.07
C46 R1Q B . 3.22 7.83 16.39
C47 R1Q B . 4.19 6.93 16.49
C48 R1Q B . 4.19 5.81 17.43
C50 R1Q B . 2.70 4.66 19.08
C51 R1Q B . 1.34 4.96 19.70
C52 R1Q B . 0.78 6.19 18.93
C53 R1Q B . 2.11 6.79 18.38
C54 R1Q B . -0.30 11.13 22.37
C55 R1Q B . 2.77 12.55 24.26
C56 R1Q B . 2.48 13.16 22.89
C58 R1Q B . 3.26 14.47 22.70
C59 R1Q B . 3.10 15.07 21.31
C60 R1Q B . 0.97 13.36 22.65
N03 R1Q B . 1.87 11.44 24.52
N08 R1Q B . -1.57 8.76 24.17
N28 R1Q B . -1.54 6.22 18.39
N49 R1Q B . 2.82 5.58 17.93
O17 R1Q B . 2.14 10.47 21.47
O18 R1Q B . 2.37 8.66 22.73
O26 R1Q B . -2.65 9.58 21.83
O30 R1Q B . -2.92 4.85 17.18
O33 R1Q B . 1.15 5.53 15.86
O35 R1Q B . -2.00 6.98 15.44
O36 R1Q B . -0.78 5.37 14.48
O39 R1Q B . 0.98 8.30 15.16
O42 R1Q B . -0.90 9.53 15.16
O57 R1Q B . 2.97 12.24 21.90
PG ANP C . 16.92 -19.01 -25.11
O1G ANP C . 17.33 -17.63 -25.49
O2G ANP C . 15.65 -19.43 -25.97
O3G ANP C . 16.52 -19.06 -23.58
PB ANP C . 17.65 -21.66 -25.15
O1B ANP C . 16.17 -21.66 -24.99
O2B ANP C . 18.04 -22.54 -26.38
N3B ANP C . 18.18 -20.10 -25.40
PA ANP C . 17.48 -22.29 -22.53
O1A ANP C . 18.36 -22.05 -21.35
O2A ANP C . 16.36 -21.24 -22.68
O3A ANP C . 18.31 -22.27 -23.87
O5' ANP C . 16.89 -23.75 -22.42
C5' ANP C . 17.28 -24.64 -21.36
C4' ANP C . 16.05 -25.28 -20.77
O4' ANP C . 15.95 -24.92 -19.38
C3' ANP C . 14.73 -24.88 -21.41
O3' ANP C . 13.80 -25.96 -21.40
C2' ANP C . 14.27 -23.72 -20.53
O2' ANP C . 12.85 -23.58 -20.52
C1' ANP C . 14.76 -24.16 -19.15
N9 ANP C . 15.09 -23.06 -18.25
C8 ANP C . 15.49 -21.80 -18.60
N7 ANP C . 15.71 -21.01 -17.59
C5 ANP C . 15.46 -21.82 -16.49
C6 ANP C . 15.53 -21.57 -15.10
N6 ANP C . 15.88 -20.40 -14.56
N1 ANP C . 15.22 -22.60 -14.27
C2 ANP C . 14.86 -23.77 -14.80
N3 ANP C . 14.77 -24.11 -16.08
C4 ANP C . 15.08 -23.08 -16.88
MG MG D . 18.18 -20.18 -23.31
PG ANP E . -12.48 5.88 -35.13
O1G ANP E . -13.85 6.43 -34.88
O2G ANP E . -12.12 6.04 -36.66
O3G ANP E . -12.45 4.35 -34.74
PB ANP E . -11.74 6.69 -32.58
O1B ANP E . -12.85 5.72 -32.34
O2B ANP E . -10.49 6.24 -31.76
N3B ANP E . -11.34 6.72 -34.21
PA ANP E . -13.10 8.99 -33.06
O1A ANP E . -12.59 9.01 -34.45
O2A ANP E . -14.53 8.44 -32.91
O3A ANP E . -12.17 8.11 -32.12
O5' ANP E . -12.98 10.46 -32.50
C5' ANP E . -12.75 11.58 -33.38
C4' ANP E . -12.25 12.75 -32.57
O4' ANP E . -13.09 12.93 -31.41
C3' ANP E . -10.81 12.63 -32.06
O3' ANP E . -10.14 13.88 -32.14
C2' ANP E . -11.01 12.19 -30.60
O2' ANP E . -9.94 12.61 -29.77
C1' ANP E . -12.31 12.90 -30.23
N9 ANP E . -13.07 12.24 -29.19
C8 ANP E . -13.80 11.09 -29.30
N7 ANP E . -14.39 10.72 -28.18
C5 ANP E . -14.02 11.71 -27.28
C6 ANP E . -14.31 11.90 -25.91
N6 ANP E . -15.08 11.08 -25.20
N1 ANP E . -13.78 12.98 -25.31
C2 ANP E . -13.01 13.80 -26.02
N3 ANP E . -12.66 13.73 -27.30
C4 ANP E . -13.21 12.65 -27.88
MG MG F . -14.57 5.31 -33.38
#